data_4E1V
#
_entry.id   4E1V
#
_cell.length_a   158.490
_cell.length_b   93.210
_cell.length_c   149.970
_cell.angle_alpha   90.000
_cell.angle_beta   90.820
_cell.angle_gamma   90.000
#
_symmetry.space_group_name_H-M   'C 1 2 1'
#
loop_
_entity.id
_entity.type
_entity.pdbx_description
1 polymer 'Uridine phosphorylase'
2 non-polymer 5-FLUOROURACIL
3 non-polymer GLYCEROL
4 non-polymer 'POTASSIUM ION'
5 non-polymer 1,2-ETHANEDIOL
6 water water
#
_entity_poly.entity_id   1
_entity_poly.type   'polypeptide(L)'
_entity_poly.pdbx_seq_one_letter_code
;MSKSDVFHLGLTKNDLQGAQLAIVPGDPERVEKIAALMDKPVKLASHREFTSWRAELDGKAVIVCSTGIGGPSTSIAVEE
LAQLGIRTFLRIGTTGAIQPHINVGDVLVTTASVRLDGASLHFAPMEFPAVADFACTTALVEAAKSIGATTHVGVTASSD
TFYPGQERYDTYSGRVVRRFKGSMEEWQAMGVMNYEMESATLLTMCASQGLRAGMVAGVIVNRTQQEIPNAETMKQTESH
AVKIVVEAARRLL
;
_entity_poly.pdbx_strand_id   A,E,F,D,C,B,H,I,G
#
loop_
_chem_comp.id
_chem_comp.type
_chem_comp.name
_chem_comp.formula
EDO non-polymer 1,2-ETHANEDIOL 'C2 H6 O2'
GOL non-polymer GLYCEROL 'C3 H8 O3'
K non-polymer 'POTASSIUM ION' 'K 1'
URF non-polymer 5-FLUOROURACIL 'C4 H3 F N2 O2'
#
# COMPACT_ATOMS: atom_id res chain seq x y z
N LYS A 3 16.82 -8.50 -28.73
CA LYS A 3 15.76 -9.29 -29.37
C LYS A 3 14.37 -8.77 -29.01
N SER A 4 13.85 -9.20 -27.87
CA SER A 4 12.48 -8.87 -27.47
C SER A 4 12.41 -7.80 -26.38
N ASP A 5 11.20 -7.34 -26.09
CA ASP A 5 10.97 -6.27 -25.13
C ASP A 5 10.57 -6.80 -23.76
N VAL A 6 10.13 -8.06 -23.70
CA VAL A 6 9.72 -8.67 -22.44
C VAL A 6 10.50 -9.95 -22.15
N PHE A 7 10.68 -10.24 -20.86
CA PHE A 7 11.61 -11.28 -20.45
C PHE A 7 11.19 -12.74 -20.76
N HIS A 8 9.93 -13.08 -20.50
CA HIS A 8 9.50 -14.46 -20.72
C HIS A 8 8.87 -14.74 -22.10
N LEU A 9 7.99 -13.86 -22.57
CA LEU A 9 7.25 -14.14 -23.81
C LEU A 9 8.10 -14.14 -25.08
N GLY A 10 9.14 -13.32 -25.13
CA GLY A 10 9.96 -13.22 -26.33
C GLY A 10 9.29 -12.41 -27.44
N LEU A 11 8.42 -11.48 -27.06
CA LEU A 11 7.73 -10.65 -28.05
C LEU A 11 8.21 -9.20 -28.00
N THR A 12 8.08 -8.54 -29.13
CA THR A 12 8.34 -7.11 -29.24
C THR A 12 7.01 -6.42 -29.52
N LYS A 13 6.97 -5.11 -29.30
CA LYS A 13 5.76 -4.35 -29.55
C LYS A 13 5.38 -4.44 -31.02
N ASN A 14 6.39 -4.56 -31.87
CA ASN A 14 6.17 -4.67 -33.31
C ASN A 14 5.43 -5.96 -33.68
N ASP A 15 5.77 -7.04 -32.98
CA ASP A 15 5.12 -8.34 -33.23
C ASP A 15 3.60 -8.28 -33.09
N LEU A 16 3.12 -7.50 -32.14
CA LEU A 16 1.69 -7.41 -31.87
C LEU A 16 0.92 -6.63 -32.93
N GLN A 17 1.64 -5.87 -33.76
CA GLN A 17 1.03 -5.06 -34.81
C GLN A 17 -0.09 -4.14 -34.31
N GLY A 18 0.06 -3.63 -33.10
CA GLY A 18 -0.93 -2.74 -32.52
C GLY A 18 -2.14 -3.44 -31.89
N ALA A 19 -2.01 -4.75 -31.66
CA ALA A 19 -3.12 -5.51 -31.10
C ALA A 19 -3.45 -5.04 -29.69
N GLN A 20 -4.74 -5.02 -29.34
CA GLN A 20 -5.12 -4.55 -28.02
C GLN A 20 -5.85 -5.61 -27.21
N LEU A 21 -6.24 -6.68 -27.89
CA LEU A 21 -6.95 -7.76 -27.22
C LEU A 21 -6.22 -9.08 -27.42
N ALA A 22 -6.21 -9.89 -26.37
CA ALA A 22 -5.62 -11.22 -26.42
C ALA A 22 -6.60 -12.27 -25.90
N ILE A 23 -6.60 -13.43 -26.56
CA ILE A 23 -7.23 -14.63 -26.03
C ILE A 23 -6.13 -15.48 -25.42
N VAL A 24 -6.37 -15.92 -24.20
CA VAL A 24 -5.35 -16.58 -23.40
C VAL A 24 -5.85 -17.93 -22.90
N PRO A 25 -5.64 -18.99 -23.68
CA PRO A 25 -5.92 -20.35 -23.23
C PRO A 25 -4.79 -20.81 -22.30
N GLY A 26 -4.97 -21.95 -21.66
CA GLY A 26 -3.93 -22.48 -20.80
C GLY A 26 -2.92 -23.29 -21.58
N ASP A 27 -3.42 -24.12 -22.51
CA ASP A 27 -2.58 -25.08 -23.19
C ASP A 27 -1.92 -24.50 -24.44
N PRO A 28 -0.58 -24.56 -24.49
CA PRO A 28 0.18 -24.13 -25.67
C PRO A 28 -0.33 -24.74 -26.98
N GLU A 29 -0.70 -26.01 -26.95
CA GLU A 29 -1.14 -26.71 -28.15
C GLU A 29 -2.48 -26.20 -28.70
N ARG A 30 -3.19 -25.41 -27.90
CA ARG A 30 -4.49 -24.88 -28.29
C ARG A 30 -4.38 -23.52 -28.98
N VAL A 31 -3.23 -22.88 -28.83
CA VAL A 31 -3.06 -21.55 -29.35
C VAL A 31 -3.23 -21.52 -30.86
N GLU A 32 -2.55 -22.43 -31.56
CA GLU A 32 -2.67 -22.50 -33.01
C GLU A 32 -4.11 -22.69 -33.46
N LYS A 33 -4.82 -23.62 -32.83
CA LYS A 33 -6.18 -23.93 -33.21
C LYS A 33 -7.06 -22.69 -33.15
N ILE A 34 -6.93 -21.91 -32.09
CA ILE A 34 -7.79 -20.75 -31.90
C ILE A 34 -7.43 -19.67 -32.89
N ALA A 35 -6.14 -19.43 -33.03
CA ALA A 35 -5.64 -18.48 -34.00
C ALA A 35 -6.14 -18.83 -35.42
N ALA A 36 -6.17 -20.12 -35.72
CA ALA A 36 -6.54 -20.58 -37.06
C ALA A 36 -8.00 -20.25 -37.38
N LEU A 37 -8.79 -19.99 -36.36
CA LEU A 37 -10.19 -19.62 -36.55
C LEU A 37 -10.36 -18.18 -37.07
N MET A 38 -9.26 -17.42 -37.09
CA MET A 38 -9.33 -16.02 -37.52
C MET A 38 -8.52 -15.79 -38.78
N ASP A 39 -8.43 -14.54 -39.22
CA ASP A 39 -7.70 -14.25 -40.44
C ASP A 39 -6.20 -14.16 -40.20
N LYS A 40 -5.44 -14.66 -41.18
CA LYS A 40 -4.00 -14.46 -41.24
C LYS A 40 -3.30 -14.83 -39.94
N PRO A 41 -3.38 -16.11 -39.56
CA PRO A 41 -2.68 -16.65 -38.40
C PRO A 41 -1.16 -16.66 -38.63
N VAL A 42 -0.41 -16.17 -37.65
CA VAL A 42 1.05 -16.13 -37.74
C VAL A 42 1.63 -16.48 -36.37
N LYS A 43 2.52 -17.46 -36.32
CA LYS A 43 3.18 -17.82 -35.05
C LYS A 43 4.24 -16.80 -34.68
N LEU A 44 4.16 -16.25 -33.49
CA LEU A 44 5.10 -15.21 -33.05
C LEU A 44 6.31 -15.80 -32.35
N ALA A 45 6.06 -16.45 -31.22
CA ALA A 45 7.12 -17.01 -30.39
C ALA A 45 6.63 -18.20 -29.59
N SER A 46 7.58 -19.00 -29.08
CA SER A 46 7.24 -20.09 -28.18
C SER A 46 8.38 -20.37 -27.20
N HIS A 47 8.21 -19.87 -25.98
CA HIS A 47 9.21 -20.03 -24.93
C HIS A 47 8.53 -20.58 -23.68
N ARG A 48 9.14 -21.59 -23.07
CA ARG A 48 8.53 -22.24 -21.93
C ARG A 48 7.10 -22.63 -22.25
N GLU A 49 6.16 -22.24 -21.40
CA GLU A 49 4.75 -22.54 -21.63
C GLU A 49 4.01 -21.42 -22.35
N PHE A 50 4.75 -20.41 -22.78
CA PHE A 50 4.18 -19.28 -23.49
C PHE A 50 4.32 -19.41 -25.01
N THR A 51 3.24 -19.81 -25.67
CA THR A 51 3.21 -19.91 -27.12
C THR A 51 2.22 -18.89 -27.62
N SER A 52 2.66 -18.05 -28.53
CA SER A 52 1.85 -16.92 -28.95
C SER A 52 1.73 -16.82 -30.46
N TRP A 53 0.50 -16.64 -30.91
CA TRP A 53 0.22 -16.36 -32.31
C TRP A 53 -0.42 -14.99 -32.44
N ARG A 54 -0.35 -14.43 -33.64
CA ARG A 54 -1.05 -13.20 -33.95
C ARG A 54 -2.00 -13.49 -35.11
N ALA A 55 -3.21 -12.95 -35.03
CA ALA A 55 -4.17 -13.10 -36.12
C ALA A 55 -4.91 -11.79 -36.33
N GLU A 56 -5.83 -11.77 -37.27
CA GLU A 56 -6.58 -10.57 -37.56
C GLU A 56 -8.06 -10.84 -37.43
N LEU A 57 -8.73 -10.06 -36.60
CA LEU A 57 -10.17 -10.20 -36.43
C LEU A 57 -10.81 -8.88 -36.81
N ASP A 58 -11.64 -8.89 -37.84
CA ASP A 58 -12.30 -7.68 -38.30
C ASP A 58 -11.33 -6.53 -38.50
N GLY A 59 -10.23 -6.80 -39.19
CA GLY A 59 -9.27 -5.77 -39.56
C GLY A 59 -8.40 -5.30 -38.42
N LYS A 60 -8.62 -5.86 -37.24
CA LYS A 60 -7.84 -5.52 -36.06
CA LYS A 60 -7.84 -5.52 -36.05
C LYS A 60 -6.93 -6.69 -35.68
N ALA A 61 -5.70 -6.39 -35.30
CA ALA A 61 -4.78 -7.44 -34.89
C ALA A 61 -5.20 -8.00 -33.53
N VAL A 62 -5.00 -9.30 -33.36
CA VAL A 62 -5.35 -10.00 -32.14
C VAL A 62 -4.27 -11.00 -31.78
N ILE A 63 -4.01 -11.16 -30.49
CA ILE A 63 -3.00 -12.08 -30.01
C ILE A 63 -3.66 -13.29 -29.32
N VAL A 64 -3.19 -14.49 -29.63
CA VAL A 64 -3.55 -15.66 -28.85
C VAL A 64 -2.31 -16.16 -28.12
N CYS A 65 -2.36 -16.20 -26.79
CA CYS A 65 -1.19 -16.56 -25.99
C CYS A 65 -1.53 -17.51 -24.84
N SER A 66 -0.81 -18.61 -24.74
CA SER A 66 -1.08 -19.60 -23.71
C SER A 66 -0.39 -19.19 -22.40
N THR A 67 -1.04 -19.45 -21.28
CA THR A 67 -0.56 -18.95 -20.01
C THR A 67 0.02 -20.06 -19.18
N GLY A 68 -0.28 -21.30 -19.54
CA GLY A 68 0.07 -22.43 -18.74
C GLY A 68 -0.93 -22.60 -17.60
N ILE A 69 -0.69 -23.59 -16.77
CA ILE A 69 -1.53 -23.86 -15.62
C ILE A 69 -1.13 -22.96 -14.45
N GLY A 70 -2.11 -22.30 -13.85
CA GLY A 70 -1.88 -21.60 -12.60
C GLY A 70 -1.70 -20.10 -12.66
N GLY A 71 -2.04 -19.46 -11.54
CA GLY A 71 -1.94 -18.02 -11.38
C GLY A 71 -0.56 -17.44 -11.67
N PRO A 72 0.50 -18.08 -11.16
CA PRO A 72 1.86 -17.56 -11.38
C PRO A 72 2.25 -17.35 -12.84
N SER A 73 2.19 -18.39 -13.67
CA SER A 73 2.58 -18.21 -15.07
C SER A 73 1.55 -17.37 -15.81
N THR A 74 0.28 -17.42 -15.37
CA THR A 74 -0.74 -16.55 -15.94
C THR A 74 -0.36 -15.11 -15.66
N SER A 75 0.03 -14.84 -14.41
CA SER A 75 0.33 -13.46 -14.05
C SER A 75 1.50 -12.91 -14.90
N ILE A 76 2.42 -13.79 -15.30
CA ILE A 76 3.55 -13.38 -16.12
C ILE A 76 3.11 -12.97 -17.52
N ALA A 77 2.35 -13.85 -18.16
CA ALA A 77 1.83 -13.58 -19.50
C ALA A 77 1.03 -12.29 -19.56
N VAL A 78 0.08 -12.15 -18.64
CA VAL A 78 -0.82 -10.99 -18.67
C VAL A 78 -0.05 -9.69 -18.51
N GLU A 79 0.95 -9.72 -17.65
CA GLU A 79 1.71 -8.52 -17.35
C GLU A 79 2.62 -8.12 -18.52
N GLU A 80 3.29 -9.10 -19.10
CA GLU A 80 4.15 -8.82 -20.24
C GLU A 80 3.33 -8.49 -21.50
N LEU A 81 2.13 -9.05 -21.63
CA LEU A 81 1.27 -8.69 -22.75
C LEU A 81 0.79 -7.25 -22.56
N ALA A 82 0.57 -6.87 -21.30
CA ALA A 82 0.14 -5.52 -20.95
C ALA A 82 1.25 -4.52 -21.26
N GLN A 83 2.49 -4.88 -20.97
CA GLN A 83 3.59 -3.99 -21.26
C GLN A 83 3.64 -3.74 -22.76
N LEU A 84 3.17 -4.71 -23.52
CA LEU A 84 3.27 -4.62 -24.97
C LEU A 84 2.02 -4.00 -25.58
N GLY A 85 1.08 -3.59 -24.74
CA GLY A 85 -0.06 -2.82 -25.23
C GLY A 85 -1.44 -3.47 -25.13
N ILE A 86 -1.48 -4.73 -24.70
CA ILE A 86 -2.77 -5.42 -24.55
C ILE A 86 -3.57 -4.91 -23.36
N ARG A 87 -4.83 -4.58 -23.61
CA ARG A 87 -5.71 -3.98 -22.61
C ARG A 87 -6.90 -4.89 -22.25
N THR A 88 -7.22 -5.83 -23.12
CA THR A 88 -8.33 -6.74 -22.89
C THR A 88 -7.91 -8.19 -22.98
N PHE A 89 -8.29 -8.97 -21.97
CA PHE A 89 -7.89 -10.37 -21.91
C PHE A 89 -9.09 -11.28 -21.80
N LEU A 90 -9.15 -12.27 -22.68
CA LEU A 90 -10.22 -13.25 -22.64
C LEU A 90 -9.66 -14.63 -22.42
N ARG A 91 -9.99 -15.19 -21.26
CA ARG A 91 -9.50 -16.49 -20.88
C ARG A 91 -10.46 -17.57 -21.31
N ILE A 92 -9.94 -18.59 -21.97
CA ILE A 92 -10.72 -19.77 -22.31
C ILE A 92 -10.02 -20.99 -21.76
N GLY A 93 -10.76 -21.85 -21.07
CA GLY A 93 -10.16 -23.04 -20.50
C GLY A 93 -11.12 -24.19 -20.34
N THR A 94 -10.66 -25.23 -19.66
CA THR A 94 -11.51 -26.34 -19.29
C THR A 94 -11.78 -26.25 -17.79
N THR A 95 -12.84 -26.91 -17.35
CA THR A 95 -13.25 -26.83 -15.97
C THR A 95 -14.04 -28.06 -15.51
N GLY A 96 -14.06 -28.26 -14.21
CA GLY A 96 -14.90 -29.29 -13.63
C GLY A 96 -16.01 -28.67 -12.82
N ALA A 97 -17.25 -29.02 -13.18
CA ALA A 97 -18.44 -28.54 -12.49
C ALA A 97 -18.64 -29.24 -11.16
N ILE A 98 -19.21 -28.53 -10.20
CA ILE A 98 -19.53 -29.11 -8.90
C ILE A 98 -21.04 -29.03 -8.63
N GLN A 99 -21.81 -28.56 -9.59
CA GLN A 99 -23.27 -28.55 -9.46
C GLN A 99 -23.88 -29.72 -10.23
N PRO A 100 -24.84 -30.41 -9.61
CA PRO A 100 -25.43 -31.56 -10.32
C PRO A 100 -26.06 -31.20 -11.67
N HIS A 101 -26.64 -30.01 -11.80
CA HIS A 101 -27.44 -29.69 -12.99
C HIS A 101 -26.60 -29.19 -14.16
N ILE A 102 -25.28 -29.14 -13.97
CA ILE A 102 -24.38 -28.75 -15.05
C ILE A 102 -23.81 -29.99 -15.73
N ASN A 103 -23.97 -30.05 -17.05
CA ASN A 103 -23.55 -31.22 -17.81
C ASN A 103 -22.20 -31.03 -18.50
N VAL A 104 -21.51 -32.15 -18.72
CA VAL A 104 -20.30 -32.15 -19.51
C VAL A 104 -20.63 -31.57 -20.89
N GLY A 105 -19.75 -30.71 -21.41
CA GLY A 105 -19.98 -30.02 -22.66
C GLY A 105 -20.71 -28.69 -22.52
N ASP A 106 -21.13 -28.38 -21.30
CA ASP A 106 -21.77 -27.10 -21.02
C ASP A 106 -20.75 -25.95 -20.97
N VAL A 107 -21.22 -24.72 -21.14
CA VAL A 107 -20.32 -23.58 -21.16
C VAL A 107 -20.56 -22.69 -19.95
N LEU A 108 -19.48 -22.28 -19.28
CA LEU A 108 -19.59 -21.46 -18.07
C LEU A 108 -18.92 -20.11 -18.25
N VAL A 109 -19.66 -19.05 -17.92
CA VAL A 109 -19.14 -17.69 -17.95
C VAL A 109 -19.02 -17.19 -16.51
N THR A 110 -17.79 -16.94 -16.07
CA THR A 110 -17.48 -16.53 -14.70
C THR A 110 -17.70 -15.04 -14.44
N THR A 111 -18.59 -14.71 -13.50
CA THR A 111 -18.77 -13.30 -13.09
C THR A 111 -17.68 -12.85 -12.12
N ALA A 112 -17.37 -13.70 -11.15
CA ALA A 112 -16.29 -13.42 -10.22
C ALA A 112 -15.83 -14.76 -9.66
N SER A 113 -14.70 -14.78 -8.95
CA SER A 113 -14.15 -16.05 -8.48
C SER A 113 -13.79 -16.07 -7.01
N VAL A 114 -13.98 -17.23 -6.37
CA VAL A 114 -13.46 -17.45 -5.03
C VAL A 114 -11.94 -17.57 -5.14
N ARG A 115 -11.24 -16.77 -4.35
CA ARG A 115 -9.79 -16.69 -4.39
C ARG A 115 -9.10 -17.77 -3.53
N LEU A 116 -8.99 -18.99 -4.07
CA LEU A 116 -8.25 -20.08 -3.41
C LEU A 116 -6.84 -20.17 -3.98
N ASP A 117 -6.32 -19.02 -4.39
CA ASP A 117 -5.01 -18.93 -5.00
C ASP A 117 -4.09 -18.02 -4.17
N GLY A 118 -2.84 -17.90 -4.60
CA GLY A 118 -1.89 -17.04 -3.93
C GLY A 118 -1.52 -15.80 -4.74
N ALA A 119 -1.46 -15.96 -6.06
CA ALA A 119 -1.03 -14.90 -6.94
C ALA A 119 -1.91 -13.65 -6.85
N SER A 120 -3.21 -13.82 -6.67
CA SER A 120 -4.08 -12.63 -6.65
C SER A 120 -3.69 -11.69 -5.51
N LEU A 121 -3.22 -12.25 -4.38
CA LEU A 121 -2.82 -11.46 -3.22
C LEU A 121 -1.59 -10.58 -3.47
N HIS A 122 -0.83 -10.90 -4.51
CA HIS A 122 0.27 -10.07 -4.93
C HIS A 122 -0.23 -8.82 -5.69
N PHE A 123 -1.53 -8.74 -5.96
CA PHE A 123 -2.07 -7.58 -6.65
C PHE A 123 -3.07 -6.87 -5.77
N ALA A 124 -3.74 -7.62 -4.92
CA ALA A 124 -4.78 -6.99 -4.11
C ALA A 124 -5.13 -7.80 -2.90
N PRO A 125 -5.45 -7.12 -1.81
CA PRO A 125 -5.73 -7.79 -0.53
C PRO A 125 -6.98 -8.68 -0.64
N MET A 126 -7.13 -9.68 0.22
CA MET A 126 -8.19 -10.66 0.01
C MET A 126 -9.59 -10.02 -0.08
N GLU A 127 -9.78 -8.83 0.49
CA GLU A 127 -11.10 -8.23 0.56
C GLU A 127 -11.59 -7.83 -0.83
N PHE A 128 -10.65 -7.67 -1.74
CA PHE A 128 -10.94 -7.20 -3.08
C PHE A 128 -11.57 -8.31 -3.93
N PRO A 129 -12.68 -8.01 -4.61
CA PRO A 129 -13.34 -9.06 -5.41
C PRO A 129 -12.56 -9.40 -6.68
N ALA A 130 -12.40 -10.70 -6.96
CA ALA A 130 -11.86 -11.15 -8.23
C ALA A 130 -13.00 -11.13 -9.24
N VAL A 131 -13.36 -9.94 -9.71
CA VAL A 131 -14.54 -9.78 -10.56
C VAL A 131 -14.15 -9.54 -12.02
N ALA A 132 -14.89 -10.18 -12.93
CA ALA A 132 -14.67 -9.98 -14.36
C ALA A 132 -15.20 -8.63 -14.80
N ASP A 133 -14.68 -8.13 -15.91
CA ASP A 133 -15.17 -6.88 -16.48
C ASP A 133 -16.57 -7.07 -17.03
N PHE A 134 -17.42 -6.08 -16.81
CA PHE A 134 -18.84 -6.21 -17.13
C PHE A 134 -19.09 -6.27 -18.64
N ALA A 135 -18.27 -5.57 -19.42
CA ALA A 135 -18.36 -5.63 -20.88
C ALA A 135 -17.91 -7.00 -21.37
N CYS A 136 -16.80 -7.52 -20.84
CA CYS A 136 -16.32 -8.84 -21.24
C CYS A 136 -17.34 -9.91 -20.89
N THR A 137 -17.91 -9.83 -19.70
CA THR A 137 -18.89 -10.82 -19.29
C THR A 137 -20.11 -10.76 -20.20
N THR A 138 -20.55 -9.55 -20.54
CA THR A 138 -21.74 -9.36 -21.37
C THR A 138 -21.53 -9.91 -22.78
N ALA A 139 -20.42 -9.52 -23.39
CA ALA A 139 -20.07 -10.02 -24.72
C ALA A 139 -20.01 -11.55 -24.75
N LEU A 140 -19.50 -12.16 -23.68
CA LEU A 140 -19.43 -13.60 -23.59
C LEU A 140 -20.83 -14.24 -23.50
N VAL A 141 -21.69 -13.68 -22.64
CA VAL A 141 -23.04 -14.20 -22.46
C VAL A 141 -23.84 -14.06 -23.77
N GLU A 142 -23.73 -12.91 -24.41
CA GLU A 142 -24.39 -12.68 -25.70
C GLU A 142 -23.82 -13.56 -26.81
N ALA A 143 -22.51 -13.79 -26.78
CA ALA A 143 -21.89 -14.71 -27.72
C ALA A 143 -22.49 -16.11 -27.52
N ALA A 144 -22.69 -16.49 -26.28
CA ALA A 144 -23.22 -17.81 -25.96
C ALA A 144 -24.66 -17.96 -26.45
N LYS A 145 -25.42 -16.87 -26.39
CA LYS A 145 -26.80 -16.87 -26.84
C LYS A 145 -26.87 -17.10 -28.35
N SER A 146 -26.04 -16.36 -29.07
CA SER A 146 -26.00 -16.44 -30.52
C SER A 146 -25.63 -17.83 -30.99
N ILE A 147 -24.70 -18.46 -30.31
CA ILE A 147 -24.25 -19.80 -30.70
C ILE A 147 -25.24 -20.88 -30.24
N GLY A 148 -26.17 -20.50 -29.37
CA GLY A 148 -27.12 -21.45 -28.81
C GLY A 148 -26.49 -22.50 -27.91
N ALA A 149 -25.50 -22.09 -27.11
CA ALA A 149 -24.82 -23.03 -26.21
C ALA A 149 -25.54 -23.13 -24.86
N THR A 150 -25.49 -24.29 -24.24
CA THR A 150 -26.05 -24.44 -22.91
C THR A 150 -25.13 -23.71 -21.92
N THR A 151 -25.58 -22.57 -21.43
CA THR A 151 -24.72 -21.65 -20.69
C THR A 151 -25.18 -21.38 -19.26
N HIS A 152 -24.21 -21.38 -18.35
CA HIS A 152 -24.46 -20.97 -16.97
C HIS A 152 -23.54 -19.82 -16.59
N VAL A 153 -24.11 -18.82 -15.92
CA VAL A 153 -23.38 -17.66 -15.47
C VAL A 153 -23.30 -17.67 -13.94
N GLY A 154 -22.12 -17.38 -13.39
CA GLY A 154 -21.96 -17.40 -11.95
C GLY A 154 -20.54 -17.41 -11.41
N VAL A 155 -20.42 -17.78 -10.14
CA VAL A 155 -19.17 -17.72 -9.40
C VAL A 155 -18.36 -18.99 -9.57
N THR A 156 -17.05 -18.83 -9.69
CA THR A 156 -16.15 -19.94 -9.96
C THR A 156 -15.15 -20.05 -8.82
N ALA A 157 -14.77 -21.26 -8.44
CA ALA A 157 -13.74 -21.42 -7.42
C ALA A 157 -12.38 -21.66 -8.07
N SER A 158 -11.46 -20.73 -7.83
CA SER A 158 -10.17 -20.76 -8.50
C SER A 158 -9.07 -21.21 -7.52
N SER A 159 -8.54 -22.40 -7.77
CA SER A 159 -7.67 -23.10 -6.84
C SER A 159 -6.22 -23.20 -7.30
N ASP A 160 -5.30 -22.97 -6.36
CA ASP A 160 -3.88 -23.06 -6.67
C ASP A 160 -3.38 -24.48 -6.99
N THR A 161 -4.13 -25.50 -6.57
CA THR A 161 -3.78 -26.90 -6.89
C THR A 161 -4.92 -27.58 -7.67
N PHE A 162 -4.61 -28.70 -8.33
CA PHE A 162 -5.61 -29.52 -9.04
C PHE A 162 -6.24 -30.51 -8.07
N TYR A 163 -5.45 -30.98 -7.12
CA TYR A 163 -5.85 -32.10 -6.26
C TYR A 163 -6.49 -31.73 -4.90
N PRO A 164 -5.68 -31.39 -3.89
CA PRO A 164 -6.26 -31.10 -2.56
C PRO A 164 -7.12 -29.83 -2.54
N GLY A 165 -6.71 -28.82 -3.31
CA GLY A 165 -7.47 -27.58 -3.41
C GLY A 165 -8.85 -27.77 -4.01
N GLN A 166 -9.00 -28.78 -4.85
CA GLN A 166 -10.30 -29.11 -5.43
C GLN A 166 -10.86 -30.37 -4.75
N GLU A 167 -10.42 -30.59 -3.52
CA GLU A 167 -10.80 -31.72 -2.67
C GLU A 167 -10.85 -33.10 -3.37
N ARG A 168 -9.79 -33.43 -4.09
CA ARG A 168 -9.62 -34.77 -4.65
C ARG A 168 -8.89 -35.65 -3.64
N TYR A 169 -9.45 -36.83 -3.36
CA TYR A 169 -8.87 -37.78 -2.41
C TYR A 169 -8.15 -38.96 -3.04
N ASP A 170 -8.40 -39.23 -4.31
CA ASP A 170 -7.66 -40.32 -4.94
C ASP A 170 -6.28 -39.87 -5.33
N THR A 171 -5.41 -39.78 -4.32
CA THR A 171 -4.09 -39.19 -4.52
C THR A 171 -3.04 -39.99 -3.77
N TYR A 172 -1.78 -39.60 -3.94
CA TYR A 172 -0.70 -40.30 -3.26
C TYR A 172 -0.93 -40.35 -1.76
N SER A 173 -1.29 -39.22 -1.15
CA SER A 173 -1.49 -39.17 0.30
C SER A 173 -2.91 -39.60 0.65
N GLY A 174 -3.84 -39.33 -0.25
CA GLY A 174 -5.26 -39.51 0.04
C GLY A 174 -5.71 -38.59 1.17
N ARG A 175 -4.90 -37.57 1.46
CA ARG A 175 -5.13 -36.61 2.55
C ARG A 175 -5.48 -35.23 1.98
N VAL A 176 -6.45 -34.54 2.58
CA VAL A 176 -6.73 -33.14 2.27
C VAL A 176 -6.64 -32.30 3.55
N VAL A 177 -5.78 -31.28 3.55
CA VAL A 177 -5.55 -30.44 4.72
C VAL A 177 -6.85 -29.82 5.24
N ARG A 178 -6.89 -29.51 6.54
CA ARG A 178 -8.11 -29.13 7.24
C ARG A 178 -8.92 -28.03 6.55
N ARG A 179 -8.21 -27.04 5.98
CA ARG A 179 -8.83 -25.90 5.32
C ARG A 179 -9.70 -26.31 4.12
N PHE A 180 -9.27 -27.34 3.41
CA PHE A 180 -9.99 -27.75 2.20
C PHE A 180 -10.87 -28.98 2.43
N LYS A 181 -10.78 -29.55 3.62
CA LYS A 181 -11.62 -30.69 3.95
C LYS A 181 -13.08 -30.25 4.11
N GLY A 182 -13.97 -30.97 3.43
CA GLY A 182 -15.37 -30.57 3.33
C GLY A 182 -15.63 -29.31 2.52
N SER A 183 -14.62 -28.79 1.84
CA SER A 183 -14.82 -27.48 1.19
C SER A 183 -15.66 -27.54 -0.08
N MET A 184 -15.58 -28.63 -0.84
CA MET A 184 -16.30 -28.71 -2.10
C MET A 184 -17.80 -28.55 -1.87
N GLU A 185 -18.31 -29.27 -0.90
CA GLU A 185 -19.74 -29.22 -0.59
C GLU A 185 -20.15 -27.85 -0.06
N GLU A 186 -19.24 -27.18 0.62
CA GLU A 186 -19.49 -25.80 1.06
C GLU A 186 -19.65 -24.87 -0.15
N TRP A 187 -18.73 -24.96 -1.11
CA TRP A 187 -18.85 -24.11 -2.30
C TRP A 187 -20.13 -24.48 -3.05
N GLN A 188 -20.45 -25.77 -3.06
CA GLN A 188 -21.67 -26.25 -3.71
C GLN A 188 -22.92 -25.59 -3.14
N ALA A 189 -23.00 -25.57 -1.81
CA ALA A 189 -24.11 -24.95 -1.12
C ALA A 189 -24.12 -23.43 -1.30
N MET A 190 -22.96 -22.84 -1.57
CA MET A 190 -22.91 -21.40 -1.80
C MET A 190 -23.20 -21.07 -3.26
N GLY A 191 -23.44 -22.09 -4.08
CA GLY A 191 -23.87 -21.90 -5.44
C GLY A 191 -22.74 -21.79 -6.45
N VAL A 192 -21.52 -22.09 -6.03
CA VAL A 192 -20.37 -22.02 -6.93
C VAL A 192 -20.51 -23.07 -8.04
N MET A 193 -20.15 -22.71 -9.27
CA MET A 193 -20.43 -23.60 -10.41
C MET A 193 -19.34 -24.63 -10.66
N ASN A 194 -18.10 -24.24 -10.46
CA ASN A 194 -17.01 -25.05 -11.01
C ASN A 194 -15.68 -24.77 -10.33
N TYR A 195 -14.70 -25.60 -10.64
CA TYR A 195 -13.32 -25.37 -10.24
C TYR A 195 -12.47 -25.12 -11.47
N GLU A 196 -11.56 -24.16 -11.37
CA GLU A 196 -10.41 -24.12 -12.27
C GLU A 196 -9.20 -23.52 -11.55
N MET A 197 -8.15 -23.16 -12.28
CA MET A 197 -6.89 -22.80 -11.60
C MET A 197 -6.31 -21.43 -11.94
N GLU A 198 -7.01 -20.63 -12.74
CA GLU A 198 -6.41 -19.37 -13.22
C GLU A 198 -7.21 -18.10 -12.98
N SER A 199 -8.54 -18.20 -12.92
CA SER A 199 -9.37 -17.00 -13.00
C SER A 199 -9.20 -16.00 -11.86
N ALA A 200 -8.94 -16.48 -10.64
CA ALA A 200 -8.79 -15.56 -9.52
C ALA A 200 -7.65 -14.59 -9.75
N THR A 201 -6.50 -15.12 -10.18
CA THR A 201 -5.34 -14.30 -10.51
C THR A 201 -5.62 -13.39 -11.72
N LEU A 202 -6.10 -13.98 -12.81
CA LEU A 202 -6.45 -13.19 -13.99
C LEU A 202 -7.40 -12.05 -13.63
N LEU A 203 -8.55 -12.41 -13.07
CA LEU A 203 -9.57 -11.41 -12.76
C LEU A 203 -9.08 -10.33 -11.82
N THR A 204 -8.30 -10.71 -10.81
CA THR A 204 -7.92 -9.77 -9.78
C THR A 204 -6.87 -8.79 -10.30
N MET A 205 -5.83 -9.32 -10.93
CA MET A 205 -4.78 -8.45 -11.43
C MET A 205 -5.35 -7.54 -12.54
N CYS A 206 -6.33 -8.02 -13.29
CA CYS A 206 -6.96 -7.15 -14.27
C CYS A 206 -7.85 -6.09 -13.61
N ALA A 207 -8.76 -6.51 -12.74
CA ALA A 207 -9.68 -5.55 -12.12
C ALA A 207 -9.00 -4.42 -11.35
N SER A 208 -7.75 -4.63 -10.95
CA SER A 208 -7.08 -3.71 -10.03
C SER A 208 -5.97 -2.93 -10.72
N GLN A 209 -5.86 -3.11 -12.02
CA GLN A 209 -4.83 -2.46 -12.81
C GLN A 209 -5.42 -1.88 -14.10
N GLY A 210 -6.72 -1.64 -14.11
CA GLY A 210 -7.37 -0.98 -15.22
C GLY A 210 -7.33 -1.75 -16.53
N LEU A 211 -7.32 -3.08 -16.44
CA LEU A 211 -7.38 -3.95 -17.60
C LEU A 211 -8.72 -4.68 -17.57
N ARG A 212 -9.26 -4.99 -18.75
CA ARG A 212 -10.52 -5.72 -18.86
C ARG A 212 -10.27 -7.22 -19.07
N ALA A 213 -11.06 -8.05 -18.39
CA ALA A 213 -10.89 -9.49 -18.47
C ALA A 213 -12.24 -10.16 -18.30
N GLY A 214 -12.39 -11.29 -18.99
CA GLY A 214 -13.57 -12.10 -18.86
C GLY A 214 -13.13 -13.53 -18.99
N MET A 215 -13.95 -14.47 -18.53
CA MET A 215 -13.55 -15.85 -18.38
C MET A 215 -14.63 -16.79 -18.86
N VAL A 216 -14.32 -17.63 -19.84
CA VAL A 216 -15.27 -18.67 -20.25
C VAL A 216 -14.62 -20.05 -20.32
N ALA A 217 -15.37 -21.08 -19.90
CA ALA A 217 -14.81 -22.41 -19.84
C ALA A 217 -15.81 -23.47 -20.27
N GLY A 218 -15.28 -24.54 -20.85
CA GLY A 218 -16.08 -25.69 -21.21
C GLY A 218 -15.93 -26.77 -20.17
N VAL A 219 -17.06 -27.33 -19.74
CA VAL A 219 -17.03 -28.37 -18.71
C VAL A 219 -16.56 -29.70 -19.30
N ILE A 220 -15.58 -30.33 -18.66
CA ILE A 220 -15.07 -31.60 -19.16
C ILE A 220 -15.28 -32.73 -18.15
N VAL A 221 -15.88 -32.41 -17.01
CA VAL A 221 -16.23 -33.41 -16.00
C VAL A 221 -17.19 -32.81 -14.99
N ASN A 222 -18.06 -33.64 -14.43
CA ASN A 222 -18.92 -33.23 -13.33
C ASN A 222 -18.50 -33.93 -12.03
N ARG A 223 -18.07 -33.15 -11.05
CA ARG A 223 -17.52 -33.70 -9.82
C ARG A 223 -18.53 -34.44 -8.94
N THR A 224 -19.82 -34.19 -9.12
CA THR A 224 -20.86 -34.96 -8.43
C THR A 224 -20.94 -36.38 -9.01
N GLN A 225 -20.18 -36.63 -10.07
CA GLN A 225 -20.16 -37.94 -10.72
C GLN A 225 -18.81 -38.66 -10.58
N GLN A 226 -17.71 -37.94 -10.81
CA GLN A 226 -16.38 -38.55 -10.77
C GLN A 226 -15.26 -37.52 -10.51
N GLU A 227 -14.07 -38.00 -10.15
CA GLU A 227 -12.93 -37.13 -9.89
C GLU A 227 -12.17 -36.76 -11.15
N ILE A 228 -11.85 -37.74 -11.98
CA ILE A 228 -11.06 -37.52 -13.18
C ILE A 228 -11.91 -37.63 -14.45
N PRO A 229 -11.81 -36.62 -15.33
CA PRO A 229 -12.59 -36.61 -16.57
C PRO A 229 -12.24 -37.81 -17.44
N ASN A 230 -13.23 -38.38 -18.11
CA ASN A 230 -12.99 -39.50 -19.04
C ASN A 230 -12.21 -39.02 -20.25
N ALA A 231 -11.31 -39.86 -20.74
CA ALA A 231 -10.46 -39.49 -21.88
C ALA A 231 -11.28 -39.21 -23.13
N LYS A 235 -17.50 -39.14 -25.74
CA LYS A 235 -17.58 -38.06 -24.76
C LYS A 235 -18.53 -36.97 -25.25
N GLN A 236 -19.02 -36.15 -24.32
CA GLN A 236 -20.00 -35.11 -24.63
C GLN A 236 -19.32 -33.76 -24.81
N THR A 237 -18.02 -33.78 -25.09
CA THR A 237 -17.23 -32.58 -25.25
C THR A 237 -17.70 -31.71 -26.42
N GLU A 238 -17.70 -30.39 -26.21
CA GLU A 238 -18.12 -29.42 -27.23
C GLU A 238 -17.11 -28.29 -27.36
N SER A 239 -16.75 -27.95 -28.59
CA SER A 239 -15.81 -26.85 -28.84
C SER A 239 -16.55 -25.51 -28.92
N HIS A 240 -17.70 -25.44 -28.23
CA HIS A 240 -18.50 -24.23 -28.19
C HIS A 240 -17.75 -23.04 -27.56
N ALA A 241 -17.08 -23.29 -26.44
CA ALA A 241 -16.37 -22.24 -25.73
C ALA A 241 -15.44 -21.50 -26.69
N VAL A 242 -14.66 -22.26 -27.45
CA VAL A 242 -13.77 -21.69 -28.44
C VAL A 242 -14.52 -20.73 -29.36
N LYS A 243 -15.63 -21.19 -29.93
CA LYS A 243 -16.42 -20.33 -30.82
C LYS A 243 -16.90 -19.10 -30.06
N ILE A 244 -17.29 -19.30 -28.80
CA ILE A 244 -17.83 -18.21 -28.01
C ILE A 244 -16.80 -17.10 -27.80
N VAL A 245 -15.60 -17.48 -27.42
CA VAL A 245 -14.60 -16.47 -27.11
C VAL A 245 -14.21 -15.67 -28.35
N VAL A 246 -14.15 -16.34 -29.51
CA VAL A 246 -13.84 -15.63 -30.75
C VAL A 246 -14.94 -14.62 -31.07
N GLU A 247 -16.20 -15.05 -30.97
CA GLU A 247 -17.30 -14.14 -31.21
C GLU A 247 -17.36 -13.02 -30.17
N ALA A 248 -16.96 -13.31 -28.92
CA ALA A 248 -16.93 -12.27 -27.91
C ALA A 248 -15.86 -11.25 -28.24
N ALA A 249 -14.72 -11.73 -28.74
CA ALA A 249 -13.65 -10.85 -29.15
C ALA A 249 -14.14 -9.86 -30.24
N ARG A 250 -15.02 -10.28 -31.13
CA ARG A 250 -15.54 -9.33 -32.11
C ARG A 250 -16.24 -8.17 -31.41
N ARG A 251 -17.02 -8.48 -30.37
CA ARG A 251 -17.77 -7.47 -29.63
C ARG A 251 -16.90 -6.53 -28.79
N LEU A 252 -15.70 -6.97 -28.46
CA LEU A 252 -14.86 -6.22 -27.53
C LEU A 252 -13.78 -5.44 -28.27
N LEU A 253 -13.67 -5.69 -29.57
CA LEU A 253 -12.65 -5.08 -30.39
C LEU A 253 -12.87 -3.57 -30.55
N SER B 4 -26.51 21.53 10.13
CA SER B 4 -26.21 21.24 11.54
C SER B 4 -24.73 20.92 11.72
N ASP B 5 -24.31 20.73 12.97
CA ASP B 5 -22.91 20.49 13.31
C ASP B 5 -22.39 19.11 12.87
N VAL B 6 -23.28 18.12 12.80
CA VAL B 6 -22.86 16.77 12.43
C VAL B 6 -23.71 16.16 11.31
N PHE B 7 -23.06 15.37 10.45
CA PHE B 7 -23.72 14.92 9.23
C PHE B 7 -24.98 14.06 9.42
N HIS B 8 -24.91 13.01 10.22
CA HIS B 8 -26.06 12.11 10.36
C HIS B 8 -27.05 12.47 11.46
N LEU B 9 -26.56 12.93 12.60
CA LEU B 9 -27.44 13.13 13.75
C LEU B 9 -28.33 14.39 13.66
N GLY B 10 -27.87 15.39 12.91
CA GLY B 10 -28.61 16.64 12.77
C GLY B 10 -28.67 17.43 14.07
N LEU B 11 -27.57 17.41 14.83
CA LEU B 11 -27.51 18.07 16.12
C LEU B 11 -26.44 19.16 16.09
N THR B 12 -26.58 20.16 16.95
CA THR B 12 -25.56 21.19 17.13
C THR B 12 -25.02 21.09 18.55
N LYS B 13 -23.87 21.70 18.81
CA LYS B 13 -23.33 21.76 20.16
C LYS B 13 -24.32 22.49 21.06
N ASN B 14 -25.11 23.38 20.47
CA ASN B 14 -26.10 24.14 21.22
C ASN B 14 -27.19 23.26 21.80
N ASP B 15 -27.55 22.22 21.04
CA ASP B 15 -28.56 21.27 21.48
C ASP B 15 -28.14 20.49 22.75
N LEU B 16 -26.84 20.28 22.93
CA LEU B 16 -26.36 19.53 24.11
C LEU B 16 -26.35 20.30 25.42
N GLN B 17 -26.30 21.63 25.35
CA GLN B 17 -26.31 22.47 26.55
C GLN B 17 -25.28 22.03 27.60
N GLY B 18 -24.09 21.67 27.15
CA GLY B 18 -23.02 21.27 28.06
C GLY B 18 -22.98 19.81 28.45
N ALA B 19 -23.97 19.02 28.00
CA ALA B 19 -23.97 17.58 28.29
C ALA B 19 -22.66 16.92 27.88
N GLN B 20 -22.19 15.98 28.68
CA GLN B 20 -20.96 15.23 28.35
C GLN B 20 -21.19 13.73 28.46
N LEU B 21 -22.36 13.35 28.97
CA LEU B 21 -22.73 11.94 29.02
C LEU B 21 -23.95 11.67 28.14
N ALA B 22 -23.94 10.50 27.48
CA ALA B 22 -25.05 10.05 26.66
C ALA B 22 -25.44 8.62 27.02
N ILE B 23 -26.74 8.37 27.04
CA ILE B 23 -27.26 7.04 27.22
C ILE B 23 -27.73 6.62 25.84
N VAL B 24 -27.24 5.50 25.36
CA VAL B 24 -27.44 5.15 23.96
C VAL B 24 -28.13 3.80 23.74
N PRO B 25 -29.47 3.80 23.77
CA PRO B 25 -30.21 2.58 23.45
C PRO B 25 -30.11 2.26 21.96
N GLY B 26 -30.44 1.04 21.58
CA GLY B 26 -30.49 0.67 20.19
C GLY B 26 -31.76 1.17 19.50
N ASP B 27 -32.89 1.11 20.21
CA ASP B 27 -34.19 1.43 19.61
C ASP B 27 -34.62 2.90 19.76
N PRO B 28 -34.90 3.57 18.63
CA PRO B 28 -35.40 4.96 18.62
C PRO B 28 -36.64 5.17 19.48
N GLU B 29 -37.54 4.19 19.50
CA GLU B 29 -38.81 4.33 20.19
C GLU B 29 -38.66 4.19 21.69
N ARG B 30 -37.44 3.89 22.13
CA ARG B 30 -37.16 3.74 23.55
C ARG B 30 -36.51 5.01 24.07
N VAL B 31 -35.98 5.79 23.15
CA VAL B 31 -35.29 7.02 23.53
C VAL B 31 -36.21 7.88 24.41
N GLU B 32 -37.41 8.17 23.91
CA GLU B 32 -38.35 9.01 24.64
C GLU B 32 -38.70 8.46 26.02
N LYS B 33 -38.90 7.15 26.11
CA LYS B 33 -39.24 6.48 27.36
C LYS B 33 -38.12 6.54 28.41
N ILE B 34 -36.88 6.50 27.96
CA ILE B 34 -35.74 6.66 28.84
C ILE B 34 -35.64 8.11 29.33
N ALA B 35 -35.64 9.04 28.39
CA ALA B 35 -35.58 10.46 28.73
C ALA B 35 -36.73 10.84 29.67
N ALA B 36 -37.89 10.25 29.44
CA ALA B 36 -39.06 10.53 30.27
C ALA B 36 -38.91 10.09 31.73
N LEU B 37 -37.82 9.39 32.06
CA LEU B 37 -37.51 9.06 33.45
C LEU B 37 -36.76 10.19 34.16
N MET B 38 -36.31 11.16 33.40
CA MET B 38 -35.49 12.23 33.94
C MET B 38 -36.25 13.55 33.91
N ASP B 39 -35.56 14.63 34.25
CA ASP B 39 -36.18 15.94 34.33
C ASP B 39 -36.10 16.67 33.01
N LYS B 40 -37.13 17.47 32.70
CA LYS B 40 -37.09 18.40 31.58
C LYS B 40 -36.73 17.74 30.24
N PRO B 41 -37.44 16.67 29.87
CA PRO B 41 -37.13 15.99 28.61
C PRO B 41 -37.52 16.85 27.42
N VAL B 42 -36.61 17.01 26.46
CA VAL B 42 -36.88 17.78 25.26
C VAL B 42 -36.39 16.99 24.05
N LYS B 43 -37.23 16.84 23.03
CA LYS B 43 -36.78 16.16 21.83
C LYS B 43 -35.85 17.05 21.04
N LEU B 44 -34.75 16.48 20.56
CA LEU B 44 -33.75 17.26 19.84
C LEU B 44 -33.87 17.09 18.32
N ALA B 45 -33.78 15.86 17.85
CA ALA B 45 -33.81 15.61 16.41
C ALA B 45 -34.17 14.17 16.08
N SER B 46 -34.56 13.92 14.83
CA SER B 46 -34.96 12.58 14.40
C SER B 46 -34.59 12.32 12.94
N HIS B 47 -33.44 11.70 12.70
CA HIS B 47 -32.98 11.44 11.34
C HIS B 47 -32.52 10.00 11.17
N ARG B 48 -33.08 9.32 10.17
CA ARG B 48 -32.81 7.91 9.99
C ARG B 48 -33.08 7.21 11.31
N GLU B 49 -32.08 6.45 11.77
CA GLU B 49 -32.22 5.62 12.96
C GLU B 49 -31.72 6.30 14.23
N PHE B 50 -31.39 7.58 14.10
CA PHE B 50 -30.83 8.37 15.20
C PHE B 50 -31.86 9.34 15.77
N THR B 51 -32.49 8.94 16.87
CA THR B 51 -33.43 9.79 17.58
C THR B 51 -32.77 10.21 18.87
N SER B 52 -32.85 11.50 19.19
CA SER B 52 -32.13 12.03 20.34
C SER B 52 -32.99 12.96 21.17
N TRP B 53 -32.83 12.86 22.47
CA TRP B 53 -33.53 13.73 23.41
C TRP B 53 -32.51 14.30 24.36
N ARG B 54 -32.84 15.43 24.97
CA ARG B 54 -32.03 15.98 26.06
C ARG B 54 -32.85 15.94 27.34
N ALA B 55 -32.18 15.69 28.46
CA ALA B 55 -32.83 15.67 29.76
C ALA B 55 -31.84 16.16 30.82
N GLU B 56 -32.36 16.38 32.03
CA GLU B 56 -31.53 16.81 33.15
C GLU B 56 -31.53 15.74 34.22
N LEU B 57 -30.36 15.48 34.78
CA LEU B 57 -30.23 14.53 35.87
C LEU B 57 -29.47 15.22 36.98
N ASP B 58 -30.13 15.45 38.10
CA ASP B 58 -29.53 16.21 39.22
C ASP B 58 -29.03 17.58 38.75
N GLY B 59 -29.83 18.25 37.93
CA GLY B 59 -29.44 19.55 37.41
C GLY B 59 -28.41 19.50 36.30
N LYS B 60 -28.03 18.30 35.86
CA LYS B 60 -27.06 18.20 34.77
C LYS B 60 -27.66 17.66 33.46
N ALA B 61 -27.22 18.24 32.36
CA ALA B 61 -27.71 17.83 31.04
C ALA B 61 -27.23 16.44 30.69
N VAL B 62 -28.14 15.59 30.23
CA VAL B 62 -27.80 14.28 29.73
C VAL B 62 -28.46 14.07 28.37
N ILE B 63 -27.73 13.44 27.46
CA ILE B 63 -28.26 13.12 26.14
C ILE B 63 -28.71 11.66 26.08
N VAL B 64 -29.82 11.41 25.39
CA VAL B 64 -30.29 10.05 25.17
C VAL B 64 -30.49 9.85 23.68
N CYS B 65 -29.65 9.04 23.05
CA CYS B 65 -29.64 8.93 21.60
C CYS B 65 -29.60 7.48 21.15
N SER B 66 -30.47 7.13 20.21
CA SER B 66 -30.50 5.77 19.67
C SER B 66 -29.38 5.57 18.65
N THR B 67 -28.87 4.36 18.55
CA THR B 67 -27.76 4.07 17.65
C THR B 67 -28.21 3.24 16.45
N GLY B 68 -29.39 2.63 16.54
CA GLY B 68 -29.85 1.69 15.54
C GLY B 68 -29.23 0.33 15.82
N ILE B 69 -29.40 -0.62 14.90
CA ILE B 69 -28.83 -1.95 15.08
C ILE B 69 -27.42 -2.09 14.48
N GLY B 70 -26.44 -2.50 15.29
CA GLY B 70 -25.14 -2.86 14.75
C GLY B 70 -24.01 -1.85 14.85
N GLY B 71 -22.79 -2.37 14.80
CA GLY B 71 -21.57 -1.59 14.94
C GLY B 71 -21.48 -0.34 14.10
N PRO B 72 -21.78 -0.47 12.79
CA PRO B 72 -21.63 0.59 11.78
C PRO B 72 -22.41 1.85 12.09
N SER B 73 -23.70 1.72 12.37
CA SER B 73 -24.45 2.92 12.74
C SER B 73 -24.09 3.34 14.16
N THR B 74 -23.84 2.37 15.02
CA THR B 74 -23.41 2.72 16.39
C THR B 74 -22.16 3.62 16.32
N SER B 75 -21.20 3.24 15.49
CA SER B 75 -19.95 4.01 15.37
C SER B 75 -20.17 5.45 14.87
N ILE B 76 -21.23 5.65 14.11
CA ILE B 76 -21.59 6.97 13.62
C ILE B 76 -22.14 7.81 14.76
N ALA B 77 -23.06 7.23 15.53
CA ALA B 77 -23.61 7.93 16.69
C ALA B 77 -22.51 8.35 17.69
N VAL B 78 -21.64 7.41 18.03
CA VAL B 78 -20.59 7.69 19.01
C VAL B 78 -19.65 8.77 18.50
N GLU B 79 -19.21 8.66 17.26
CA GLU B 79 -18.28 9.61 16.64
C GLU B 79 -18.88 11.03 16.57
N GLU B 80 -20.12 11.11 16.13
CA GLU B 80 -20.76 12.40 15.99
C GLU B 80 -21.09 12.99 17.36
N LEU B 81 -21.51 12.14 18.29
CA LEU B 81 -21.76 12.60 19.65
C LEU B 81 -20.46 13.05 20.33
N ALA B 82 -19.35 12.44 19.95
CA ALA B 82 -18.05 12.83 20.49
C ALA B 82 -17.65 14.20 19.96
N GLN B 83 -17.98 14.48 18.70
CA GLN B 83 -17.62 15.78 18.12
C GLN B 83 -18.42 16.88 18.81
N LEU B 84 -19.60 16.54 19.31
CA LEU B 84 -20.47 17.47 20.04
C LEU B 84 -20.13 17.59 21.53
N GLY B 85 -19.15 16.82 21.99
CA GLY B 85 -18.67 16.94 23.35
C GLY B 85 -19.04 15.82 24.31
N ILE B 86 -19.70 14.77 23.84
CA ILE B 86 -19.96 13.63 24.73
C ILE B 86 -18.66 12.89 25.04
N ARG B 87 -18.45 12.50 26.29
CA ARG B 87 -17.23 11.76 26.65
C ARG B 87 -17.52 10.40 27.32
N THR B 88 -18.77 10.20 27.74
CA THR B 88 -19.17 8.98 28.41
C THR B 88 -20.40 8.41 27.77
N PHE B 89 -20.34 7.12 27.40
CA PHE B 89 -21.44 6.47 26.71
C PHE B 89 -21.93 5.25 27.48
N LEU B 90 -23.20 5.26 27.88
CA LEU B 90 -23.78 4.10 28.55
C LEU B 90 -24.79 3.44 27.63
N ARG B 91 -24.41 2.31 27.07
CA ARG B 91 -25.35 1.60 26.23
C ARG B 91 -26.29 0.76 27.06
N ILE B 92 -27.55 0.74 26.65
CA ILE B 92 -28.51 -0.19 27.21
C ILE B 92 -29.22 -0.90 26.08
N GLY B 93 -29.25 -2.23 26.14
CA GLY B 93 -29.89 -2.98 25.08
C GLY B 93 -30.60 -4.23 25.56
N THR B 94 -31.03 -5.01 24.59
CA THR B 94 -31.66 -6.29 24.85
C THR B 94 -30.66 -7.31 24.37
N THR B 95 -30.81 -8.55 24.81
CA THR B 95 -29.77 -9.53 24.63
C THR B 95 -30.34 -10.96 24.77
N GLY B 96 -29.71 -11.91 24.09
CA GLY B 96 -30.05 -13.32 24.26
C GLY B 96 -28.96 -14.03 25.06
N ALA B 97 -29.37 -14.71 26.14
CA ALA B 97 -28.42 -15.37 27.04
C ALA B 97 -28.09 -16.77 26.52
N ILE B 98 -26.85 -17.21 26.72
CA ILE B 98 -26.47 -18.53 26.26
C ILE B 98 -26.05 -19.47 27.40
N GLN B 99 -26.10 -18.98 28.63
CA GLN B 99 -25.86 -19.83 29.79
C GLN B 99 -27.18 -20.25 30.42
N PRO B 100 -27.31 -21.54 30.74
CA PRO B 100 -28.58 -22.05 31.27
C PRO B 100 -29.00 -21.38 32.59
N HIS B 101 -28.03 -20.96 33.40
CA HIS B 101 -28.32 -20.34 34.70
C HIS B 101 -28.72 -18.86 34.65
N ILE B 102 -28.83 -18.29 33.45
CA ILE B 102 -29.23 -16.90 33.30
C ILE B 102 -30.67 -16.84 32.79
N ASN B 103 -31.52 -16.12 33.51
CA ASN B 103 -32.96 -16.15 33.24
C ASN B 103 -33.50 -14.92 32.54
N VAL B 104 -34.60 -15.09 31.81
CA VAL B 104 -35.28 -13.97 31.19
C VAL B 104 -35.60 -12.98 32.29
N GLY B 105 -35.41 -11.69 32.01
CA GLY B 105 -35.60 -10.65 33.00
C GLY B 105 -34.33 -10.25 33.74
N ASP B 106 -33.34 -11.15 33.77
CA ASP B 106 -32.07 -10.86 34.43
C ASP B 106 -31.35 -9.70 33.75
N VAL B 107 -30.36 -9.12 34.43
CA VAL B 107 -29.62 -7.98 33.89
C VAL B 107 -28.16 -8.32 33.71
N LEU B 108 -27.62 -8.04 32.53
CA LEU B 108 -26.23 -8.37 32.27
C LEU B 108 -25.36 -7.13 32.11
N VAL B 109 -24.22 -7.15 32.80
CA VAL B 109 -23.24 -6.08 32.68
C VAL B 109 -21.98 -6.63 32.04
N THR B 110 -21.57 -6.01 30.95
CA THR B 110 -20.49 -6.51 30.13
C THR B 110 -19.16 -5.90 30.53
N THR B 111 -18.21 -6.72 30.96
CA THR B 111 -16.87 -6.21 31.21
C THR B 111 -16.11 -6.06 29.90
N ALA B 112 -16.40 -6.94 28.95
CA ALA B 112 -15.70 -6.94 27.68
C ALA B 112 -16.44 -7.82 26.67
N SER B 113 -16.07 -7.70 25.39
CA SER B 113 -16.81 -8.39 24.33
C SER B 113 -15.94 -9.16 23.37
N VAL B 114 -16.37 -10.39 23.07
CA VAL B 114 -15.80 -11.16 21.97
C VAL B 114 -16.16 -10.42 20.72
N ARG B 115 -15.16 -10.17 19.87
CA ARG B 115 -15.33 -9.28 18.74
C ARG B 115 -15.75 -10.01 17.45
N LEU B 116 -17.05 -10.31 17.34
CA LEU B 116 -17.60 -10.98 16.16
C LEU B 116 -18.26 -9.97 15.23
N ASP B 117 -17.71 -8.76 15.23
CA ASP B 117 -18.21 -7.68 14.38
C ASP B 117 -17.12 -7.32 13.39
N GLY B 118 -17.31 -6.18 12.72
CA GLY B 118 -16.33 -5.73 11.74
C GLY B 118 -15.86 -4.32 12.02
N ALA B 119 -16.76 -3.50 12.54
CA ALA B 119 -16.43 -2.10 12.82
C ALA B 119 -15.33 -1.91 13.87
N SER B 120 -15.29 -2.76 14.88
CA SER B 120 -14.24 -2.66 15.88
C SER B 120 -12.86 -2.55 15.22
N LEU B 121 -12.67 -3.29 14.12
CA LEU B 121 -11.38 -3.33 13.43
C LEU B 121 -11.03 -2.03 12.73
N HIS B 122 -12.01 -1.17 12.59
CA HIS B 122 -11.76 0.14 12.01
C HIS B 122 -11.16 1.04 13.06
N PHE B 123 -11.13 0.58 14.30
CA PHE B 123 -10.57 1.38 15.38
C PHE B 123 -9.31 0.81 15.97
N ALA B 124 -9.25 -0.52 16.05
CA ALA B 124 -8.11 -1.19 16.62
C ALA B 124 -8.04 -2.57 16.04
N PRO B 125 -6.81 -3.10 15.94
CA PRO B 125 -6.55 -4.47 15.46
C PRO B 125 -7.17 -5.49 16.41
N MET B 126 -7.33 -6.74 15.94
CA MET B 126 -8.08 -7.76 16.68
C MET B 126 -7.58 -8.01 18.12
N GLU B 127 -6.26 -7.97 18.31
CA GLU B 127 -5.67 -8.24 19.63
C GLU B 127 -6.01 -7.21 20.73
N PHE B 128 -6.48 -6.03 20.34
CA PHE B 128 -6.90 -5.02 21.31
C PHE B 128 -8.22 -5.48 21.93
N PRO B 129 -8.34 -5.37 23.25
CA PRO B 129 -9.57 -5.89 23.89
C PRO B 129 -10.74 -4.92 23.75
N ALA B 130 -11.92 -5.43 23.42
CA ALA B 130 -13.14 -4.62 23.49
C ALA B 130 -13.62 -4.59 24.94
N VAL B 131 -12.96 -3.75 25.73
CA VAL B 131 -13.13 -3.72 27.17
C VAL B 131 -13.88 -2.46 27.62
N ALA B 132 -14.79 -2.63 28.58
CA ALA B 132 -15.54 -1.52 29.13
C ALA B 132 -14.70 -0.71 30.10
N ASP B 133 -15.07 0.56 30.25
CA ASP B 133 -14.42 1.45 31.19
C ASP B 133 -14.72 0.99 32.60
N PHE B 134 -13.70 1.00 33.45
CA PHE B 134 -13.84 0.50 34.81
C PHE B 134 -14.81 1.32 35.66
N ALA B 135 -14.72 2.64 35.59
CA ALA B 135 -15.66 3.51 36.30
C ALA B 135 -17.11 3.26 35.87
N CYS B 136 -17.33 3.11 34.56
CA CYS B 136 -18.68 2.87 34.03
C CYS B 136 -19.24 1.51 34.47
N THR B 137 -18.39 0.50 34.45
CA THR B 137 -18.83 -0.85 34.81
C THR B 137 -19.14 -0.92 36.30
N THR B 138 -18.24 -0.34 37.10
CA THR B 138 -18.48 -0.22 38.54
C THR B 138 -19.83 0.43 38.80
N ALA B 139 -20.07 1.57 38.17
CA ALA B 139 -21.31 2.31 38.39
C ALA B 139 -22.53 1.49 38.01
N LEU B 140 -22.44 0.74 36.91
CA LEU B 140 -23.54 -0.10 36.46
C LEU B 140 -23.80 -1.23 37.45
N VAL B 141 -22.73 -1.91 37.84
CA VAL B 141 -22.81 -2.95 38.86
C VAL B 141 -23.44 -2.46 40.17
N GLU B 142 -22.98 -1.32 40.66
CA GLU B 142 -23.45 -0.79 41.95
C GLU B 142 -24.90 -0.31 41.87
N ALA B 143 -25.28 0.24 40.71
CA ALA B 143 -26.67 0.59 40.48
C ALA B 143 -27.55 -0.65 40.52
N ALA B 144 -27.07 -1.73 39.89
CA ALA B 144 -27.85 -2.96 39.83
C ALA B 144 -28.15 -3.48 41.22
N LYS B 145 -27.12 -3.51 42.06
CA LYS B 145 -27.26 -3.98 43.43
C LYS B 145 -28.23 -3.11 44.24
N SER B 146 -28.17 -1.79 44.04
CA SER B 146 -29.01 -0.89 44.81
C SER B 146 -30.50 -1.11 44.58
N ILE B 147 -30.87 -1.58 43.39
CA ILE B 147 -32.29 -1.87 43.12
C ILE B 147 -32.62 -3.35 43.27
N GLY B 148 -31.64 -4.15 43.67
CA GLY B 148 -31.84 -5.57 43.92
C GLY B 148 -32.22 -6.38 42.69
N ALA B 149 -31.57 -6.11 41.57
CA ALA B 149 -31.83 -6.88 40.36
C ALA B 149 -30.93 -8.10 40.34
N THR B 150 -31.39 -9.19 39.73
CA THR B 150 -30.52 -10.33 39.50
C THR B 150 -29.55 -9.97 38.37
N THR B 151 -28.26 -9.86 38.71
CA THR B 151 -27.25 -9.33 37.81
C THR B 151 -26.11 -10.32 37.58
N HIS B 152 -25.64 -10.40 36.34
CA HIS B 152 -24.45 -11.19 36.02
C HIS B 152 -23.48 -10.29 35.27
N VAL B 153 -22.20 -10.46 35.55
CA VAL B 153 -21.16 -9.60 35.02
C VAL B 153 -20.16 -10.49 34.34
N GLY B 154 -19.72 -10.10 33.16
CA GLY B 154 -18.77 -10.94 32.45
C GLY B 154 -18.68 -10.58 30.99
N VAL B 155 -18.34 -11.59 30.19
CA VAL B 155 -18.04 -11.38 28.79
C VAL B 155 -19.27 -11.62 27.92
N THR B 156 -19.37 -10.86 26.84
CA THR B 156 -20.51 -10.92 25.93
C THR B 156 -20.00 -11.21 24.51
N ALA B 157 -20.81 -11.91 23.70
CA ALA B 157 -20.46 -12.10 22.30
C ALA B 157 -21.16 -11.08 21.42
N SER B 158 -20.35 -10.32 20.68
CA SER B 158 -20.88 -9.22 19.89
C SER B 158 -20.83 -9.50 18.40
N SER B 159 -21.98 -9.78 17.83
CA SER B 159 -22.08 -10.28 16.47
C SER B 159 -22.58 -9.26 15.47
N ASP B 160 -21.95 -9.23 14.30
CA ASP B 160 -22.40 -8.39 13.21
C ASP B 160 -23.70 -8.91 12.55
N THR B 161 -24.13 -10.13 12.91
CA THR B 161 -25.42 -10.65 12.43
C THR B 161 -26.30 -11.18 13.56
N PHE B 162 -27.61 -11.14 13.35
CA PHE B 162 -28.54 -11.70 14.33
C PHE B 162 -28.69 -13.22 14.15
N TYR B 163 -28.52 -13.70 12.92
CA TYR B 163 -28.78 -15.11 12.64
C TYR B 163 -27.53 -16.00 12.60
N PRO B 164 -26.78 -15.99 11.50
CA PRO B 164 -25.68 -16.96 11.44
C PRO B 164 -24.60 -16.76 12.52
N GLY B 165 -24.28 -15.50 12.82
CA GLY B 165 -23.25 -15.21 13.80
C GLY B 165 -23.65 -15.52 15.22
N GLN B 166 -24.95 -15.72 15.43
CA GLN B 166 -25.42 -16.17 16.73
C GLN B 166 -25.88 -17.63 16.59
N GLU B 167 -25.36 -18.27 15.55
CA GLU B 167 -25.71 -19.66 15.21
C GLU B 167 -27.20 -20.01 15.31
N ARG B 168 -28.03 -19.20 14.67
CA ARG B 168 -29.43 -19.53 14.49
C ARG B 168 -29.55 -20.37 13.22
N TYR B 169 -30.33 -21.44 13.29
CA TYR B 169 -30.56 -22.31 12.13
C TYR B 169 -31.94 -22.17 11.52
N ASP B 170 -32.87 -21.56 12.24
CA ASP B 170 -34.22 -21.41 11.71
C ASP B 170 -34.28 -20.21 10.75
N THR B 171 -33.72 -20.41 9.56
CA THR B 171 -33.52 -19.32 8.62
C THR B 171 -33.76 -19.77 7.19
N TYR B 172 -33.68 -18.83 6.26
CA TYR B 172 -33.93 -19.15 4.86
C TYR B 172 -33.01 -20.27 4.35
N SER B 173 -31.74 -20.24 4.73
CA SER B 173 -30.75 -21.16 4.18
C SER B 173 -30.58 -22.39 5.06
N GLY B 174 -31.01 -22.27 6.31
CA GLY B 174 -30.84 -23.33 7.29
C GLY B 174 -29.39 -23.74 7.46
N ARG B 175 -28.47 -22.86 7.12
CA ARG B 175 -27.07 -23.19 7.11
C ARG B 175 -26.21 -22.11 7.78
N VAL B 176 -25.05 -22.52 8.26
CA VAL B 176 -24.14 -21.62 8.95
C VAL B 176 -22.71 -21.85 8.49
N VAL B 177 -22.05 -20.78 8.06
CA VAL B 177 -20.72 -20.86 7.50
C VAL B 177 -19.78 -21.51 8.53
N ARG B 178 -18.69 -22.10 8.03
CA ARG B 178 -17.78 -22.91 8.86
C ARG B 178 -17.36 -22.22 10.16
N ARG B 179 -16.93 -20.98 10.06
CA ARG B 179 -16.43 -20.26 11.22
C ARG B 179 -17.45 -20.25 12.36
N PHE B 180 -18.72 -20.22 12.03
CA PHE B 180 -19.74 -20.09 13.07
C PHE B 180 -20.44 -21.38 13.48
N LYS B 181 -20.19 -22.44 12.71
CA LYS B 181 -20.74 -23.76 13.04
C LYS B 181 -20.17 -24.31 14.33
N GLY B 182 -21.04 -24.57 15.30
CA GLY B 182 -20.62 -25.07 16.61
C GLY B 182 -20.12 -23.98 17.55
N SER B 183 -20.15 -22.73 17.08
CA SER B 183 -19.54 -21.66 17.85
C SER B 183 -20.30 -21.33 19.13
N MET B 184 -21.62 -21.49 19.14
CA MET B 184 -22.34 -21.18 20.37
C MET B 184 -21.80 -21.97 21.54
N GLU B 185 -21.75 -23.29 21.35
CA GLU B 185 -21.34 -24.18 22.42
C GLU B 185 -19.91 -23.87 22.81
N GLU B 186 -19.12 -23.39 21.84
CA GLU B 186 -17.77 -22.94 22.16
C GLU B 186 -17.80 -21.74 23.11
N TRP B 187 -18.55 -20.69 22.75
CA TRP B 187 -18.63 -19.52 23.62
C TRP B 187 -19.21 -19.92 24.98
N GLN B 188 -20.12 -20.88 24.96
CA GLN B 188 -20.77 -21.37 26.16
C GLN B 188 -19.75 -22.01 27.11
N ALA B 189 -18.90 -22.86 26.54
CA ALA B 189 -17.85 -23.51 27.33
C ALA B 189 -16.85 -22.49 27.85
N MET B 190 -16.72 -21.36 27.16
CA MET B 190 -15.79 -20.31 27.54
C MET B 190 -16.42 -19.29 28.48
N GLY B 191 -17.62 -19.57 28.98
CA GLY B 191 -18.24 -18.70 29.97
C GLY B 191 -18.92 -17.45 29.43
N VAL B 192 -19.00 -17.32 28.10
CA VAL B 192 -19.65 -16.14 27.55
C VAL B 192 -21.10 -16.14 28.02
N MET B 193 -21.64 -14.97 28.36
CA MET B 193 -22.94 -14.93 29.02
C MET B 193 -24.06 -14.86 28.00
N ASN B 194 -23.85 -14.09 26.94
CA ASN B 194 -24.93 -13.68 26.08
C ASN B 194 -24.45 -13.23 24.70
N TYR B 195 -25.41 -13.01 23.80
CA TYR B 195 -25.12 -12.50 22.47
C TYR B 195 -25.77 -11.12 22.33
N GLU B 196 -25.06 -10.17 21.73
CA GLU B 196 -25.71 -9.00 21.18
C GLU B 196 -24.93 -8.47 19.98
N MET B 197 -25.21 -7.24 19.55
CA MET B 197 -24.70 -6.80 18.25
C MET B 197 -23.97 -5.47 18.22
N GLU B 198 -23.95 -4.74 19.34
CA GLU B 198 -23.30 -3.41 19.34
C GLU B 198 -22.07 -3.30 20.25
N SER B 199 -21.99 -4.15 21.27
CA SER B 199 -20.99 -3.94 22.33
C SER B 199 -19.54 -3.87 21.85
N ALA B 200 -19.13 -4.73 20.93
CA ALA B 200 -17.72 -4.73 20.51
C ALA B 200 -17.31 -3.43 19.77
N THR B 201 -18.21 -2.89 18.97
CA THR B 201 -17.94 -1.63 18.29
C THR B 201 -17.86 -0.50 19.31
N LEU B 202 -18.89 -0.41 20.15
CA LEU B 202 -18.94 0.63 21.17
C LEU B 202 -17.72 0.58 22.09
N LEU B 203 -17.49 -0.55 22.72
CA LEU B 203 -16.36 -0.71 23.65
C LEU B 203 -15.00 -0.50 22.99
N THR B 204 -14.81 -1.06 21.80
CA THR B 204 -13.51 -0.91 21.13
C THR B 204 -13.20 0.55 20.75
N MET B 205 -14.13 1.21 20.10
CA MET B 205 -13.84 2.56 19.61
C MET B 205 -13.66 3.52 20.77
N CYS B 206 -14.38 3.28 21.87
CA CYS B 206 -14.23 4.10 23.06
C CYS B 206 -12.95 3.81 23.86
N ALA B 207 -12.56 2.55 24.00
CA ALA B 207 -11.35 2.24 24.76
C ALA B 207 -10.08 2.67 24.04
N SER B 208 -10.18 2.91 22.73
CA SER B 208 -9.00 3.26 21.93
C SER B 208 -8.98 4.74 21.52
N GLN B 209 -9.86 5.53 22.12
CA GLN B 209 -9.96 6.94 21.75
C GLN B 209 -10.21 7.83 22.94
N GLY B 210 -10.00 7.31 24.14
CA GLY B 210 -10.09 8.08 25.36
C GLY B 210 -11.51 8.40 25.81
N LEU B 211 -12.50 7.69 25.30
CA LEU B 211 -13.87 7.85 25.75
C LEU B 211 -14.23 6.73 26.76
N ARG B 212 -15.17 7.01 27.65
CA ARG B 212 -15.60 5.99 28.61
C ARG B 212 -16.92 5.35 28.14
N ALA B 213 -16.96 4.03 28.10
CA ALA B 213 -18.19 3.33 27.72
C ALA B 213 -18.48 2.16 28.64
N GLY B 214 -19.76 2.01 28.96
CA GLY B 214 -20.24 0.88 29.72
C GLY B 214 -21.42 0.29 28.99
N MET B 215 -21.67 -0.99 29.22
CA MET B 215 -22.74 -1.69 28.52
C MET B 215 -23.59 -2.47 29.53
N VAL B 216 -24.90 -2.27 29.49
CA VAL B 216 -25.83 -3.07 30.27
C VAL B 216 -26.97 -3.58 29.37
N ALA B 217 -27.47 -4.78 29.67
CA ALA B 217 -28.48 -5.40 28.81
C ALA B 217 -29.51 -6.22 29.58
N GLY B 218 -30.75 -6.18 29.11
CA GLY B 218 -31.81 -7.00 29.67
C GLY B 218 -31.98 -8.29 28.89
N VAL B 219 -31.97 -9.42 29.58
CA VAL B 219 -32.14 -10.71 28.92
C VAL B 219 -33.58 -10.92 28.46
N ILE B 220 -33.80 -11.02 27.15
CA ILE B 220 -35.15 -11.24 26.61
C ILE B 220 -35.44 -12.65 26.10
N VAL B 221 -34.40 -13.46 25.96
CA VAL B 221 -34.56 -14.86 25.54
C VAL B 221 -33.32 -15.64 25.94
N ASN B 222 -33.50 -16.91 26.30
CA ASN B 222 -32.38 -17.79 26.62
C ASN B 222 -32.19 -18.83 25.52
N ARG B 223 -31.03 -18.79 24.87
CA ARG B 223 -30.78 -19.58 23.66
C ARG B 223 -30.67 -21.09 23.91
N THR B 224 -30.51 -21.48 25.17
CA THR B 224 -30.48 -22.90 25.50
C THR B 224 -31.89 -23.48 25.38
N GLN B 225 -32.88 -22.60 25.22
CA GLN B 225 -34.27 -23.03 25.13
C GLN B 225 -34.91 -22.76 23.76
N GLN B 226 -34.85 -21.51 23.32
CA GLN B 226 -35.43 -21.13 22.03
C GLN B 226 -34.54 -20.13 21.31
N GLU B 227 -34.82 -19.91 20.03
CA GLU B 227 -34.04 -18.98 19.20
C GLU B 227 -34.66 -17.58 19.15
N ILE B 228 -35.98 -17.49 19.26
CA ILE B 228 -36.66 -16.21 19.11
C ILE B 228 -37.36 -15.78 20.40
N PRO B 229 -37.13 -14.53 20.82
CA PRO B 229 -37.77 -13.98 22.00
C PRO B 229 -39.29 -13.90 21.82
N ASN B 230 -40.02 -13.95 22.94
CA ASN B 230 -41.47 -13.83 22.90
C ASN B 230 -41.92 -12.38 22.80
N ALA B 231 -43.20 -12.18 22.52
CA ALA B 231 -43.75 -10.83 22.42
C ALA B 231 -43.78 -10.14 23.79
N THR B 237 -39.99 -7.91 32.62
CA THR B 237 -40.02 -6.72 31.77
C THR B 237 -38.67 -6.01 31.75
N GLU B 238 -38.31 -5.46 30.60
CA GLU B 238 -37.01 -4.83 30.40
C GLU B 238 -36.73 -3.63 31.32
N SER B 239 -37.78 -3.12 31.96
CA SER B 239 -37.68 -1.90 32.75
C SER B 239 -36.50 -1.88 33.72
N HIS B 240 -36.03 -3.05 34.14
CA HIS B 240 -34.94 -3.13 35.12
C HIS B 240 -33.64 -2.58 34.55
N ALA B 241 -33.29 -3.02 33.35
CA ALA B 241 -32.07 -2.55 32.69
C ALA B 241 -32.11 -1.03 32.50
N VAL B 242 -33.31 -0.49 32.29
CA VAL B 242 -33.49 0.95 32.16
C VAL B 242 -33.27 1.69 33.47
N LYS B 243 -33.93 1.26 34.54
CA LYS B 243 -33.74 1.91 35.83
C LYS B 243 -32.27 1.89 36.22
N ILE B 244 -31.57 0.81 35.88
CA ILE B 244 -30.16 0.68 36.22
C ILE B 244 -29.25 1.63 35.41
N VAL B 245 -29.59 1.89 34.15
CA VAL B 245 -28.70 2.70 33.33
C VAL B 245 -28.83 4.18 33.68
N VAL B 246 -30.03 4.56 34.09
CA VAL B 246 -30.28 5.91 34.56
C VAL B 246 -29.62 6.15 35.91
N GLU B 247 -29.64 5.15 36.78
CA GLU B 247 -29.08 5.31 38.11
C GLU B 247 -27.56 5.32 38.07
N ALA B 248 -26.99 4.58 37.12
CA ALA B 248 -25.56 4.60 36.93
C ALA B 248 -25.14 5.95 36.33
N ALA B 249 -25.98 6.49 35.46
CA ALA B 249 -25.72 7.81 34.87
C ALA B 249 -25.53 8.87 35.95
N ARG B 250 -26.40 8.84 36.97
CA ARG B 250 -26.31 9.76 38.08
C ARG B 250 -24.96 9.68 38.76
N ARG B 251 -24.47 8.47 38.96
CA ARG B 251 -23.21 8.26 39.67
C ARG B 251 -22.00 8.66 38.84
N LEU B 252 -22.23 9.03 37.58
CA LEU B 252 -21.12 9.33 36.69
C LEU B 252 -21.05 10.79 36.29
N LEU B 253 -22.10 11.54 36.63
CA LEU B 253 -22.21 12.95 36.30
C LEU B 253 -21.26 13.82 37.14
N SER C 4 -47.35 -11.35 13.13
CA SER C 4 -46.00 -11.20 12.60
C SER C 4 -45.22 -12.51 12.54
N ASP C 5 -44.79 -12.87 11.33
CA ASP C 5 -44.05 -14.11 11.10
C ASP C 5 -42.53 -13.94 11.20
N VAL C 6 -42.04 -12.69 11.32
CA VAL C 6 -40.61 -12.46 11.46
C VAL C 6 -40.33 -11.55 12.66
N PHE C 7 -39.13 -11.66 13.24
CA PHE C 7 -38.86 -10.98 14.49
C PHE C 7 -38.70 -9.44 14.44
N HIS C 8 -37.88 -8.92 13.53
CA HIS C 8 -37.64 -7.47 13.46
C HIS C 8 -38.60 -6.66 12.53
N LEU C 9 -38.97 -7.22 11.38
CA LEU C 9 -39.77 -6.46 10.39
C LEU C 9 -41.26 -6.27 10.69
N GLY C 10 -41.79 -7.07 11.61
CA GLY C 10 -43.20 -7.04 11.91
C GLY C 10 -44.07 -7.32 10.70
N LEU C 11 -43.70 -8.34 9.93
CA LEU C 11 -44.41 -8.64 8.69
C LEU C 11 -44.84 -10.10 8.61
N THR C 12 -45.97 -10.33 7.97
CA THR C 12 -46.43 -11.68 7.65
C THR C 12 -46.25 -11.90 6.16
N LYS C 13 -46.27 -13.17 5.75
CA LYS C 13 -46.25 -13.53 4.34
C LYS C 13 -47.49 -12.94 3.68
N ASN C 14 -48.57 -12.85 4.45
CA ASN C 14 -49.80 -12.29 3.92
C ASN C 14 -49.64 -10.82 3.50
N ASP C 15 -48.82 -10.06 4.20
CA ASP C 15 -48.61 -8.64 3.87
C ASP C 15 -47.99 -8.47 2.48
N LEU C 16 -47.13 -9.41 2.10
CA LEU C 16 -46.41 -9.36 0.82
C LEU C 16 -47.25 -9.64 -0.44
N GLN C 17 -48.41 -10.29 -0.27
CA GLN C 17 -49.25 -10.67 -1.41
C GLN C 17 -48.44 -11.31 -2.55
N GLY C 18 -47.54 -12.22 -2.18
CA GLY C 18 -46.77 -12.96 -3.17
C GLY C 18 -45.56 -12.23 -3.74
N ALA C 19 -45.23 -11.05 -3.22
CA ALA C 19 -44.05 -10.35 -3.70
C ALA C 19 -42.83 -11.25 -3.67
N GLN C 20 -41.98 -11.15 -4.69
CA GLN C 20 -40.75 -11.90 -4.76
C GLN C 20 -39.54 -10.98 -4.97
N LEU C 21 -39.81 -9.70 -5.19
CA LEU C 21 -38.76 -8.72 -5.37
C LEU C 21 -38.87 -7.56 -4.36
N ALA C 22 -37.74 -7.15 -3.79
CA ALA C 22 -37.72 -5.95 -2.94
C ALA C 22 -36.67 -4.93 -3.38
N ILE C 23 -37.06 -3.65 -3.37
CA ILE C 23 -36.14 -2.54 -3.45
C ILE C 23 -35.80 -2.15 -2.02
N VAL C 24 -34.51 -2.14 -1.70
CA VAL C 24 -34.09 -1.88 -0.33
C VAL C 24 -33.14 -0.68 -0.20
N PRO C 25 -33.70 0.50 0.11
CA PRO C 25 -32.95 1.73 0.43
C PRO C 25 -32.46 1.72 1.88
N GLY C 26 -31.56 2.64 2.21
CA GLY C 26 -31.02 2.72 3.55
C GLY C 26 -31.89 3.57 4.46
N ASP C 27 -32.37 4.69 3.93
CA ASP C 27 -33.10 5.66 4.74
C ASP C 27 -34.59 5.32 4.76
N PRO C 28 -35.15 5.08 5.96
CA PRO C 28 -36.57 4.75 6.10
C PRO C 28 -37.50 5.87 5.67
N GLU C 29 -37.00 7.10 5.64
CA GLU C 29 -37.80 8.23 5.19
C GLU C 29 -37.84 8.31 3.66
N ARG C 30 -37.13 7.40 3.01
CA ARG C 30 -37.06 7.39 1.55
C ARG C 30 -37.95 6.30 0.96
N VAL C 31 -38.47 5.43 1.83
CA VAL C 31 -39.29 4.31 1.39
C VAL C 31 -40.61 4.74 0.73
N GLU C 32 -41.24 5.78 1.27
CA GLU C 32 -42.54 6.20 0.77
C GLU C 32 -42.41 6.84 -0.62
N LYS C 33 -41.38 7.64 -0.80
CA LYS C 33 -41.15 8.28 -2.09
C LYS C 33 -40.96 7.23 -3.18
N ILE C 34 -40.13 6.23 -2.92
CA ILE C 34 -39.87 5.19 -3.91
C ILE C 34 -41.15 4.43 -4.21
N ALA C 35 -41.89 4.09 -3.16
CA ALA C 35 -43.10 3.31 -3.31
C ALA C 35 -44.15 4.07 -4.12
N ALA C 36 -44.16 5.39 -4.01
CA ALA C 36 -45.19 6.21 -4.63
C ALA C 36 -44.96 6.39 -6.13
N LEU C 37 -43.82 5.90 -6.61
CA LEU C 37 -43.51 5.90 -8.04
C LEU C 37 -44.24 4.76 -8.73
N MET C 38 -44.73 3.82 -7.93
CA MET C 38 -45.37 2.62 -8.45
C MET C 38 -46.87 2.68 -8.22
N ASP C 39 -47.57 1.56 -8.34
CA ASP C 39 -49.02 1.62 -8.19
C ASP C 39 -49.51 1.01 -6.89
N LYS C 40 -50.65 1.49 -6.42
CA LYS C 40 -51.24 1.04 -5.17
C LYS C 40 -50.22 0.87 -4.03
N PRO C 41 -49.53 1.97 -3.66
CA PRO C 41 -48.56 1.95 -2.56
C PRO C 41 -49.26 1.82 -1.21
N VAL C 42 -48.87 0.84 -0.41
CA VAL C 42 -49.48 0.66 0.90
C VAL C 42 -48.42 0.49 2.00
N LYS C 43 -48.65 1.18 3.12
CA LYS C 43 -47.77 1.09 4.27
C LYS C 43 -48.05 -0.22 5.02
N LEU C 44 -47.02 -1.04 5.15
CA LEU C 44 -47.17 -2.33 5.84
C LEU C 44 -46.78 -2.22 7.31
N ALA C 45 -45.52 -1.92 7.57
CA ALA C 45 -45.00 -1.92 8.93
C ALA C 45 -43.87 -0.91 9.10
N SER C 46 -43.56 -0.60 10.35
CA SER C 46 -42.48 0.32 10.69
C SER C 46 -42.01 0.05 12.13
N HIS C 47 -40.91 -0.70 12.25
CA HIS C 47 -40.29 -0.99 13.54
C HIS C 47 -38.81 -0.69 13.45
N ARG C 48 -38.30 0.05 14.44
CA ARG C 48 -36.90 0.44 14.44
C ARG C 48 -36.57 1.12 13.13
N GLU C 49 -35.49 0.68 12.47
CA GLU C 49 -35.09 1.30 11.23
C GLU C 49 -35.74 0.65 10.01
N PHE C 50 -36.62 -0.32 10.25
CA PHE C 50 -37.25 -1.08 9.16
C PHE C 50 -38.65 -0.55 8.83
N THR C 51 -38.73 0.29 7.79
CA THR C 51 -40.02 0.77 7.31
C THR C 51 -40.32 0.12 5.98
N SER C 52 -41.45 -0.56 5.90
CA SER C 52 -41.74 -1.35 4.74
C SER C 52 -43.06 -0.95 4.10
N TRP C 53 -43.02 -0.73 2.79
CA TRP C 53 -44.21 -0.44 2.00
C TRP C 53 -44.39 -1.52 0.92
N ARG C 54 -45.63 -1.75 0.49
CA ARG C 54 -45.88 -2.62 -0.64
C ARG C 54 -46.53 -1.85 -1.78
N ALA C 55 -46.15 -2.17 -3.01
CA ALA C 55 -46.74 -1.56 -4.19
C ALA C 55 -46.83 -2.57 -5.33
N GLU C 56 -47.42 -2.17 -6.44
CA GLU C 56 -47.46 -3.03 -7.61
C GLU C 56 -46.67 -2.45 -8.77
N LEU C 57 -46.02 -3.34 -9.52
CA LEU C 57 -45.21 -2.93 -10.65
C LEU C 57 -45.22 -4.08 -11.63
N ASP C 58 -45.41 -3.76 -12.91
CA ASP C 58 -45.53 -4.81 -13.92
C ASP C 58 -46.64 -5.79 -13.50
N GLY C 59 -47.69 -5.27 -12.87
CA GLY C 59 -48.80 -6.09 -12.45
C GLY C 59 -48.50 -7.18 -11.42
N LYS C 60 -47.47 -6.95 -10.59
CA LYS C 60 -47.12 -7.88 -9.51
C LYS C 60 -46.80 -7.11 -8.22
N ALA C 61 -46.90 -7.79 -7.07
CA ALA C 61 -46.55 -7.19 -5.79
C ALA C 61 -45.04 -6.97 -5.66
N VAL C 62 -44.66 -5.78 -5.19
CA VAL C 62 -43.27 -5.46 -4.90
C VAL C 62 -43.14 -4.92 -3.48
N ILE C 63 -41.99 -5.13 -2.87
CA ILE C 63 -41.74 -4.63 -1.51
C ILE C 63 -40.71 -3.52 -1.54
N VAL C 64 -40.99 -2.42 -0.85
CA VAL C 64 -39.95 -1.44 -0.58
C VAL C 64 -39.68 -1.43 0.93
N CYS C 65 -38.43 -1.63 1.30
CA CYS C 65 -38.12 -1.80 2.72
C CYS C 65 -36.74 -1.26 3.09
N SER C 66 -36.70 -0.34 4.06
CA SER C 66 -35.43 0.25 4.49
C SER C 66 -34.60 -0.73 5.33
N THR C 67 -33.27 -0.65 5.21
CA THR C 67 -32.36 -1.54 5.91
C THR C 67 -31.60 -0.87 7.05
N GLY C 68 -31.65 0.45 7.11
CA GLY C 68 -30.79 1.21 8.01
C GLY C 68 -29.37 1.26 7.48
N ILE C 69 -28.47 1.89 8.23
CA ILE C 69 -27.06 1.93 7.88
C ILE C 69 -26.29 0.67 8.27
N GLY C 70 -25.50 0.13 7.34
CA GLY C 70 -24.56 -0.93 7.69
C GLY C 70 -25.02 -2.36 7.46
N GLY C 71 -24.05 -3.24 7.21
CA GLY C 71 -24.29 -4.65 7.01
C GLY C 71 -25.21 -5.33 8.00
N PRO C 72 -24.99 -5.12 9.31
CA PRO C 72 -25.77 -5.82 10.33
C PRO C 72 -27.30 -5.71 10.20
N SER C 73 -27.86 -4.51 10.12
CA SER C 73 -29.31 -4.36 10.04
C SER C 73 -29.79 -4.73 8.64
N THR C 74 -28.85 -4.74 7.70
CA THR C 74 -29.11 -5.13 6.32
C THR C 74 -29.29 -6.63 6.26
N SER C 75 -28.42 -7.36 6.95
CA SER C 75 -28.48 -8.81 6.98
C SER C 75 -29.76 -9.28 7.65
N ILE C 76 -30.30 -8.46 8.55
CA ILE C 76 -31.56 -8.78 9.18
C ILE C 76 -32.69 -8.64 8.16
N ALA C 77 -32.73 -7.50 7.47
CA ALA C 77 -33.83 -7.23 6.54
C ALA C 77 -33.86 -8.27 5.41
N VAL C 78 -32.70 -8.57 4.86
CA VAL C 78 -32.59 -9.49 3.74
C VAL C 78 -33.01 -10.91 4.15
N GLU C 79 -32.58 -11.34 5.33
CA GLU C 79 -32.95 -12.65 5.83
C GLU C 79 -34.42 -12.80 6.15
N GLU C 80 -35.02 -11.80 6.78
CA GLU C 80 -36.42 -11.91 7.15
C GLU C 80 -37.35 -11.76 5.91
N LEU C 81 -36.98 -10.92 4.97
CA LEU C 81 -37.72 -10.84 3.70
C LEU C 81 -37.58 -12.12 2.90
N ALA C 82 -36.40 -12.73 2.92
CA ALA C 82 -36.21 -13.99 2.23
C ALA C 82 -37.16 -15.04 2.81
N GLN C 83 -37.16 -15.18 4.13
CA GLN C 83 -38.10 -16.08 4.81
C GLN C 83 -39.54 -15.86 4.33
N LEU C 84 -39.84 -14.63 3.93
CA LEU C 84 -41.20 -14.24 3.54
C LEU C 84 -41.48 -14.33 2.03
N GLY C 85 -40.48 -14.74 1.25
CA GLY C 85 -40.70 -14.95 -0.18
C GLY C 85 -39.80 -14.18 -1.12
N ILE C 86 -39.15 -13.13 -0.63
CA ILE C 86 -38.34 -12.31 -1.51
C ILE C 86 -37.15 -13.13 -2.02
N ARG C 87 -36.92 -13.08 -3.33
CA ARG C 87 -35.83 -13.80 -3.98
C ARG C 87 -34.85 -12.86 -4.69
N THR C 88 -35.30 -11.64 -4.93
CA THR C 88 -34.49 -10.63 -5.60
C THR C 88 -34.44 -9.32 -4.81
N PHE C 89 -33.24 -8.78 -4.63
CA PHE C 89 -33.08 -7.56 -3.82
C PHE C 89 -32.35 -6.46 -4.60
N LEU C 90 -32.98 -5.30 -4.72
CA LEU C 90 -32.38 -4.19 -5.44
C LEU C 90 -32.03 -3.06 -4.48
N ARG C 91 -30.73 -2.88 -4.29
CA ARG C 91 -30.22 -1.88 -3.36
C ARG C 91 -30.07 -0.53 -4.04
N ILE C 92 -30.63 0.49 -3.40
CA ILE C 92 -30.45 1.86 -3.84
C ILE C 92 -29.96 2.70 -2.67
N GLY C 93 -28.84 3.37 -2.85
CA GLY C 93 -28.29 4.18 -1.77
C GLY C 93 -27.59 5.43 -2.26
N THR C 94 -26.88 6.07 -1.34
CA THR C 94 -26.05 7.20 -1.66
C THR C 94 -24.61 6.80 -1.42
N THR C 95 -23.67 7.53 -2.00
CA THR C 95 -22.29 7.11 -1.91
C THR C 95 -21.34 8.29 -2.12
N GLY C 96 -20.09 8.11 -1.68
CA GLY C 96 -19.03 9.05 -1.94
C GLY C 96 -18.07 8.51 -2.99
N ALA C 97 -17.89 9.25 -4.07
CA ALA C 97 -16.98 8.84 -5.13
C ALA C 97 -15.55 9.11 -4.68
N ILE C 98 -14.59 8.37 -5.24
CA ILE C 98 -13.18 8.57 -4.89
C ILE C 98 -12.33 8.71 -6.15
N GLN C 99 -13.00 8.74 -7.31
CA GLN C 99 -12.32 8.92 -8.59
C GLN C 99 -12.61 10.33 -9.11
N PRO C 100 -11.58 11.03 -9.60
CA PRO C 100 -11.69 12.43 -10.01
C PRO C 100 -12.75 12.66 -11.10
N HIS C 101 -12.91 11.70 -12.01
CA HIS C 101 -13.85 11.85 -13.11
C HIS C 101 -15.31 11.60 -12.73
N ILE C 102 -15.58 11.23 -11.49
CA ILE C 102 -16.97 10.95 -11.11
C ILE C 102 -17.57 12.15 -10.35
N ASN C 103 -18.59 12.76 -10.92
CA ASN C 103 -19.18 13.96 -10.33
C ASN C 103 -20.43 13.67 -9.49
N VAL C 104 -20.75 14.59 -8.59
CA VAL C 104 -21.97 14.51 -7.81
C VAL C 104 -23.17 14.50 -8.75
N GLY C 105 -24.14 13.65 -8.45
CA GLY C 105 -25.30 13.51 -9.31
C GLY C 105 -25.14 12.38 -10.30
N ASP C 106 -23.94 11.79 -10.37
CA ASP C 106 -23.73 10.62 -11.22
C ASP C 106 -24.30 9.37 -10.57
N VAL C 107 -24.46 8.33 -11.36
CA VAL C 107 -25.04 7.09 -10.89
C VAL C 107 -24.04 5.95 -11.04
N LEU C 108 -23.87 5.19 -9.97
CA LEU C 108 -22.92 4.10 -9.95
C LEU C 108 -23.65 2.75 -9.81
N VAL C 109 -23.26 1.78 -10.63
CA VAL C 109 -23.76 0.42 -10.53
C VAL C 109 -22.62 -0.47 -10.10
N THR C 110 -22.81 -1.19 -8.99
CA THR C 110 -21.75 -2.03 -8.44
C THR C 110 -21.76 -3.43 -9.03
N THR C 111 -20.64 -3.82 -9.64
CA THR C 111 -20.48 -5.18 -10.12
C THR C 111 -20.03 -6.13 -8.99
N ALA C 112 -19.18 -5.61 -8.10
CA ALA C 112 -18.66 -6.38 -6.98
C ALA C 112 -18.09 -5.39 -5.97
N SER C 113 -17.98 -5.79 -4.71
CA SER C 113 -17.57 -4.87 -3.65
C SER C 113 -16.31 -5.33 -2.92
N VAL C 114 -15.47 -4.40 -2.51
CA VAL C 114 -14.36 -4.71 -1.59
C VAL C 114 -14.94 -4.94 -0.21
N ARG C 115 -14.63 -6.06 0.42
CA ARG C 115 -15.28 -6.41 1.67
C ARG C 115 -14.57 -5.84 2.91
N LEU C 116 -14.72 -4.54 3.15
CA LEU C 116 -14.17 -3.90 4.33
C LEU C 116 -15.21 -3.88 5.44
N ASP C 117 -15.89 -5.01 5.62
CA ASP C 117 -17.02 -5.09 6.54
C ASP C 117 -16.92 -6.40 7.30
N GLY C 118 -17.83 -6.61 8.24
CA GLY C 118 -17.81 -7.81 9.04
C GLY C 118 -18.92 -8.80 8.75
N ALA C 119 -20.13 -8.30 8.53
CA ALA C 119 -21.29 -9.16 8.32
C ALA C 119 -21.10 -10.18 7.17
N SER C 120 -20.33 -9.80 6.15
CA SER C 120 -20.16 -10.66 4.99
C SER C 120 -19.51 -11.98 5.36
N LEU C 121 -18.67 -11.97 6.40
CA LEU C 121 -17.96 -13.16 6.85
C LEU C 121 -18.86 -14.12 7.62
N HIS C 122 -20.00 -13.62 8.07
CA HIS C 122 -21.00 -14.50 8.66
C HIS C 122 -21.71 -15.30 7.55
N PHE C 123 -21.34 -15.09 6.29
CA PHE C 123 -21.96 -15.84 5.19
C PHE C 123 -20.97 -16.58 4.30
N ALA C 124 -19.77 -16.05 4.15
CA ALA C 124 -18.79 -16.71 3.29
C ALA C 124 -17.43 -16.17 3.68
N PRO C 125 -16.41 -17.04 3.65
CA PRO C 125 -15.08 -16.58 4.06
C PRO C 125 -14.58 -15.52 3.08
N MET C 126 -13.60 -14.72 3.49
CA MET C 126 -13.11 -13.59 2.68
C MET C 126 -12.77 -13.90 1.20
N GLU C 127 -12.40 -15.14 0.87
CA GLU C 127 -12.01 -15.50 -0.49
C GLU C 127 -13.18 -15.38 -1.47
N PHE C 128 -14.39 -15.53 -0.95
CA PHE C 128 -15.60 -15.44 -1.75
C PHE C 128 -15.83 -14.01 -2.21
N PRO C 129 -16.08 -13.83 -3.51
CA PRO C 129 -16.32 -12.49 -4.05
C PRO C 129 -17.66 -11.92 -3.61
N ALA C 130 -17.69 -10.64 -3.24
CA ALA C 130 -18.95 -9.96 -3.00
C ALA C 130 -19.51 -9.44 -4.32
N VAL C 131 -19.97 -10.36 -5.17
CA VAL C 131 -20.34 -10.05 -6.55
C VAL C 131 -21.86 -9.94 -6.75
N ALA C 132 -22.27 -8.98 -7.57
CA ALA C 132 -23.68 -8.76 -7.87
C ALA C 132 -24.19 -9.80 -8.85
N ASP C 133 -25.47 -10.10 -8.80
CA ASP C 133 -26.06 -11.00 -9.79
C ASP C 133 -26.00 -10.38 -11.20
N PHE C 134 -25.66 -11.18 -12.20
CA PHE C 134 -25.47 -10.63 -13.54
C PHE C 134 -26.78 -10.12 -14.17
N ALA C 135 -27.90 -10.81 -13.92
CA ALA C 135 -29.19 -10.30 -14.41
C ALA C 135 -29.54 -8.93 -13.80
N CYS C 136 -29.32 -8.77 -12.50
CA CYS C 136 -29.68 -7.51 -11.84
C CYS C 136 -28.78 -6.37 -12.31
N THR C 137 -27.49 -6.67 -12.44
CA THR C 137 -26.53 -5.68 -12.88
C THR C 137 -26.83 -5.20 -14.30
N THR C 138 -27.18 -6.14 -15.18
CA THR C 138 -27.59 -5.80 -16.54
C THR C 138 -28.84 -4.93 -16.54
N ALA C 139 -29.82 -5.31 -15.74
CA ALA C 139 -31.09 -4.59 -15.70
C ALA C 139 -30.90 -3.16 -15.17
N LEU C 140 -29.86 -2.96 -14.38
CA LEU C 140 -29.59 -1.66 -13.78
C LEU C 140 -28.84 -0.78 -14.77
N VAL C 141 -27.93 -1.39 -15.51
CA VAL C 141 -27.12 -0.66 -16.48
C VAL C 141 -27.95 -0.25 -17.70
N GLU C 142 -28.80 -1.15 -18.17
CA GLU C 142 -29.65 -0.83 -19.31
C GLU C 142 -30.70 0.22 -18.94
N ALA C 143 -31.21 0.12 -17.72
CA ALA C 143 -32.14 1.12 -17.19
C ALA C 143 -31.52 2.52 -17.13
N ALA C 144 -30.22 2.58 -16.91
CA ALA C 144 -29.52 3.87 -16.80
C ALA C 144 -29.20 4.43 -18.19
N LYS C 145 -29.07 3.53 -19.16
CA LYS C 145 -28.79 3.92 -20.53
C LYS C 145 -30.07 4.43 -21.20
N SER C 146 -31.21 4.08 -20.62
CA SER C 146 -32.48 4.51 -21.15
C SER C 146 -32.90 5.83 -20.51
N ILE C 147 -32.66 5.94 -19.21
CA ILE C 147 -32.92 7.18 -18.48
C ILE C 147 -31.97 8.30 -18.93
N GLY C 148 -30.80 7.92 -19.43
CA GLY C 148 -29.83 8.88 -19.94
C GLY C 148 -28.84 9.42 -18.92
N ALA C 149 -28.87 8.89 -17.70
CA ALA C 149 -27.98 9.38 -16.64
C ALA C 149 -26.51 9.07 -16.92
N THR C 150 -25.62 9.86 -16.33
CA THR C 150 -24.18 9.59 -16.43
C THR C 150 -23.83 8.45 -15.47
N THR C 151 -23.43 7.32 -16.02
CA THR C 151 -23.31 6.11 -15.23
C THR C 151 -21.90 5.53 -15.25
N HIS C 152 -21.48 4.99 -14.11
CA HIS C 152 -20.20 4.29 -14.01
C HIS C 152 -20.40 2.90 -13.39
N VAL C 153 -19.80 1.89 -14.01
CA VAL C 153 -19.96 0.50 -13.58
C VAL C 153 -18.65 -0.09 -13.08
N GLY C 154 -18.65 -0.63 -11.88
CA GLY C 154 -17.45 -1.27 -11.36
C GLY C 154 -17.46 -1.63 -9.88
N VAL C 155 -16.26 -1.64 -9.31
CA VAL C 155 -16.04 -2.07 -7.94
C VAL C 155 -16.28 -0.97 -6.91
N THR C 156 -16.93 -1.33 -5.83
CA THR C 156 -17.26 -0.41 -4.75
C THR C 156 -16.59 -0.89 -3.45
N ALA C 157 -16.10 0.03 -2.62
CA ALA C 157 -15.54 -0.34 -1.33
C ALA C 157 -16.61 -0.22 -0.24
N SER C 158 -16.93 -1.34 0.37
CA SER C 158 -18.02 -1.37 1.34
C SER C 158 -17.48 -1.39 2.77
N SER C 159 -17.66 -0.29 3.50
CA SER C 159 -17.08 -0.12 4.84
C SER C 159 -18.07 -0.28 6.00
N ASP C 160 -17.58 -0.85 7.10
CA ASP C 160 -18.35 -0.94 8.35
C ASP C 160 -18.42 0.38 9.13
N THR C 161 -17.65 1.37 8.71
CA THR C 161 -17.70 2.69 9.34
C THR C 161 -17.77 3.78 8.29
N PHE C 162 -18.35 4.92 8.67
CA PHE C 162 -18.42 6.08 7.78
C PHE C 162 -17.11 6.85 7.85
N TYR C 163 -16.47 6.84 9.01
CA TYR C 163 -15.32 7.69 9.23
C TYR C 163 -13.96 7.04 8.95
N PRO C 164 -13.37 6.30 9.92
CA PRO C 164 -12.02 5.75 9.72
C PRO C 164 -11.93 4.77 8.55
N GLY C 165 -12.92 3.90 8.42
CA GLY C 165 -12.94 2.92 7.35
C GLY C 165 -12.95 3.58 5.98
N GLN C 166 -13.47 4.81 5.92
CA GLN C 166 -13.48 5.57 4.68
C GLN C 166 -12.37 6.64 4.69
N GLU C 167 -11.41 6.45 5.59
CA GLU C 167 -10.29 7.36 5.77
C GLU C 167 -10.63 8.85 5.85
N ARG C 168 -11.60 9.16 6.71
CA ARG C 168 -11.87 10.53 7.13
C ARG C 168 -11.04 10.85 8.37
N TYR C 169 -10.43 12.04 8.40
CA TYR C 169 -9.59 12.46 9.53
C TYR C 169 -10.18 13.62 10.33
N ASP C 170 -11.17 14.31 9.76
CA ASP C 170 -11.81 15.38 10.51
C ASP C 170 -12.79 14.79 11.52
N THR C 171 -12.25 14.18 12.55
CA THR C 171 -13.05 13.46 13.53
C THR C 171 -12.58 13.80 14.93
N TYR C 172 -13.27 13.29 15.95
CA TYR C 172 -12.88 13.54 17.32
C TYR C 172 -11.43 13.16 17.56
N SER C 173 -11.00 11.99 17.10
CA SER C 173 -9.63 11.56 17.35
C SER C 173 -8.63 12.07 16.31
N GLY C 174 -9.10 12.36 15.10
CA GLY C 174 -8.20 12.72 14.02
C GLY C 174 -7.27 11.60 13.59
N ARG C 175 -7.57 10.39 14.05
CA ARG C 175 -6.71 9.22 13.89
C ARG C 175 -7.38 8.16 13.00
N VAL C 176 -6.57 7.42 12.23
CA VAL C 176 -7.02 6.28 11.45
C VAL C 176 -6.09 5.09 11.68
N VAL C 177 -6.67 3.95 12.06
CA VAL C 177 -5.89 2.76 12.42
C VAL C 177 -4.99 2.31 11.26
N ARG C 178 -3.89 1.64 11.58
CA ARG C 178 -2.90 1.23 10.57
C ARG C 178 -3.51 0.63 9.30
N ARG C 179 -4.47 -0.27 9.47
CA ARG C 179 -5.11 -0.92 8.33
C ARG C 179 -5.61 0.06 7.28
N PHE C 180 -6.26 1.13 7.73
CA PHE C 180 -6.98 2.01 6.81
C PHE C 180 -6.24 3.30 6.49
N LYS C 181 -5.12 3.52 7.17
CA LYS C 181 -4.23 4.62 6.84
C LYS C 181 -3.68 4.44 5.43
N GLY C 182 -3.81 5.47 4.60
CA GLY C 182 -3.39 5.41 3.21
C GLY C 182 -4.26 4.54 2.32
N SER C 183 -5.38 4.06 2.85
CA SER C 183 -6.15 3.06 2.11
C SER C 183 -7.02 3.61 0.97
N MET C 184 -7.34 4.90 0.99
CA MET C 184 -8.23 5.45 -0.04
C MET C 184 -7.47 5.63 -1.35
N GLU C 185 -6.23 6.09 -1.24
CA GLU C 185 -5.39 6.22 -2.41
C GLU C 185 -5.10 4.84 -3.00
N GLU C 186 -5.03 3.82 -2.14
CA GLU C 186 -4.81 2.44 -2.60
C GLU C 186 -6.00 1.96 -3.45
N TRP C 187 -7.21 2.12 -2.90
CA TRP C 187 -8.42 1.74 -3.61
C TRP C 187 -8.56 2.51 -4.90
N GLN C 188 -8.25 3.81 -4.83
CA GLN C 188 -8.31 4.70 -5.99
C GLN C 188 -7.43 4.18 -7.12
N ALA C 189 -6.21 3.79 -6.76
CA ALA C 189 -5.25 3.30 -7.73
C ALA C 189 -5.65 1.92 -8.28
N MET C 190 -6.50 1.21 -7.55
CA MET C 190 -7.03 -0.09 -7.99
C MET C 190 -8.36 0.03 -8.75
N GLY C 191 -8.75 1.26 -9.07
CA GLY C 191 -9.93 1.49 -9.90
C GLY C 191 -11.24 1.52 -9.13
N VAL C 192 -11.19 1.44 -7.81
CA VAL C 192 -12.42 1.45 -7.03
C VAL C 192 -13.14 2.78 -7.22
N MET C 193 -14.45 2.72 -7.42
CA MET C 193 -15.22 3.92 -7.77
C MET C 193 -15.59 4.78 -6.57
N ASN C 194 -16.02 4.12 -5.51
CA ASN C 194 -16.77 4.83 -4.47
C ASN C 194 -16.78 4.07 -3.16
N TYR C 195 -17.34 4.71 -2.14
CA TYR C 195 -17.51 4.13 -0.82
C TYR C 195 -18.98 4.09 -0.48
N GLU C 196 -19.45 2.97 0.06
CA GLU C 196 -20.71 2.98 0.78
C GLU C 196 -20.60 1.91 1.87
N MET C 197 -21.67 1.62 2.59
CA MET C 197 -21.56 0.81 3.80
C MET C 197 -22.33 -0.52 3.84
N GLU C 198 -23.13 -0.83 2.82
CA GLU C 198 -23.98 -2.01 2.93
C GLU C 198 -23.74 -3.07 1.85
N SER C 199 -23.17 -2.65 0.73
CA SER C 199 -23.11 -3.49 -0.46
C SER C 199 -22.39 -4.81 -0.24
N ALA C 200 -21.31 -4.79 0.54
CA ALA C 200 -20.52 -5.99 0.76
C ALA C 200 -21.38 -7.07 1.41
N THR C 201 -22.09 -6.71 2.46
CA THR C 201 -22.93 -7.67 3.15
C THR C 201 -24.07 -8.17 2.25
N LEU C 202 -24.75 -7.25 1.58
CA LEU C 202 -25.89 -7.63 0.74
C LEU C 202 -25.45 -8.59 -0.36
N LEU C 203 -24.48 -8.15 -1.14
CA LEU C 203 -23.92 -8.97 -2.22
C LEU C 203 -23.45 -10.35 -1.77
N THR C 204 -22.75 -10.41 -0.63
CA THR C 204 -22.19 -11.67 -0.21
C THR C 204 -23.25 -12.62 0.27
N MET C 205 -24.16 -12.13 1.11
CA MET C 205 -25.17 -13.01 1.66
C MET C 205 -26.12 -13.49 0.57
N CYS C 206 -26.32 -12.67 -0.46
CA CYS C 206 -27.21 -13.03 -1.55
C CYS C 206 -26.57 -14.00 -2.56
N ALA C 207 -25.35 -13.71 -2.97
CA ALA C 207 -24.63 -14.58 -3.90
C ALA C 207 -24.27 -15.94 -3.29
N SER C 208 -24.40 -16.06 -1.97
CA SER C 208 -23.97 -17.30 -1.32
C SER C 208 -25.15 -18.14 -0.83
N GLN C 209 -26.35 -17.69 -1.16
CA GLN C 209 -27.58 -18.35 -0.73
C GLN C 209 -28.63 -18.40 -1.84
N GLY C 210 -28.18 -18.39 -3.09
CA GLY C 210 -29.08 -18.50 -4.24
C GLY C 210 -30.11 -17.39 -4.32
N LEU C 211 -29.74 -16.18 -3.89
CA LEU C 211 -30.60 -15.02 -4.05
C LEU C 211 -29.97 -14.02 -5.00
N ARG C 212 -30.83 -13.26 -5.68
CA ARG C 212 -30.38 -12.26 -6.64
C ARG C 212 -30.37 -10.86 -6.03
N ALA C 213 -29.27 -10.16 -6.25
CA ALA C 213 -29.09 -8.82 -5.72
C ALA C 213 -28.30 -7.96 -6.69
N GLY C 214 -28.60 -6.67 -6.68
CA GLY C 214 -27.81 -5.69 -7.40
C GLY C 214 -27.84 -4.38 -6.65
N MET C 215 -27.02 -3.44 -7.08
CA MET C 215 -26.74 -2.27 -6.26
C MET C 215 -26.51 -1.06 -7.14
N VAL C 216 -27.24 0.01 -6.85
CA VAL C 216 -27.07 1.26 -7.58
C VAL C 216 -27.05 2.42 -6.59
N ALA C 217 -26.23 3.42 -6.88
CA ALA C 217 -26.15 4.54 -5.95
C ALA C 217 -25.91 5.85 -6.66
N GLY C 218 -26.46 6.92 -6.08
CA GLY C 218 -26.22 8.27 -6.55
C GLY C 218 -25.09 8.91 -5.74
N VAL C 219 -24.17 9.57 -6.44
CA VAL C 219 -23.04 10.21 -5.78
C VAL C 219 -23.47 11.51 -5.12
N ILE C 220 -23.15 11.69 -3.85
CA ILE C 220 -23.53 12.91 -3.15
C ILE C 220 -22.32 13.71 -2.73
N VAL C 221 -21.15 13.12 -2.85
CA VAL C 221 -19.91 13.87 -2.61
C VAL C 221 -18.76 13.23 -3.38
N ASN C 222 -17.77 14.05 -3.72
CA ASN C 222 -16.55 13.51 -4.29
C ASN C 222 -15.36 13.76 -3.37
N ARG C 223 -14.78 12.67 -2.89
CA ARG C 223 -13.78 12.72 -1.83
C ARG C 223 -12.45 13.35 -2.23
N THR C 224 -12.17 13.41 -3.53
CA THR C 224 -10.98 14.11 -4.00
C THR C 224 -11.14 15.63 -3.81
N GLN C 225 -12.31 16.04 -3.35
CA GLN C 225 -12.61 17.45 -3.10
C GLN C 225 -12.93 17.75 -1.64
N GLN C 226 -13.73 16.90 -1.00
CA GLN C 226 -14.11 17.11 0.39
C GLN C 226 -14.57 15.84 1.10
N GLU C 227 -14.52 15.86 2.43
CA GLU C 227 -14.91 14.71 3.25
C GLU C 227 -16.41 14.64 3.48
N ILE C 228 -17.03 15.78 3.77
CA ILE C 228 -18.46 15.79 4.04
C ILE C 228 -19.24 16.48 2.93
N PRO C 229 -20.34 15.85 2.46
CA PRO C 229 -21.15 16.40 1.38
C PRO C 229 -21.92 17.64 1.84
N ASN C 230 -21.81 18.72 1.06
CA ASN C 230 -22.46 19.99 1.40
C ASN C 230 -23.96 19.97 1.15
N SER C 239 -32.24 11.74 -7.94
CA SER C 239 -33.55 11.18 -8.25
C SER C 239 -33.46 10.27 -9.48
N HIS C 240 -32.32 10.31 -10.16
CA HIS C 240 -32.10 9.45 -11.31
C HIS C 240 -31.85 8.01 -10.89
N ALA C 241 -31.16 7.83 -9.77
CA ALA C 241 -30.92 6.50 -9.24
C ALA C 241 -32.24 5.85 -8.81
N VAL C 242 -33.14 6.65 -8.26
CA VAL C 242 -34.45 6.17 -7.89
C VAL C 242 -35.26 5.71 -9.11
N LYS C 243 -35.24 6.51 -10.18
CA LYS C 243 -35.95 6.12 -11.40
C LYS C 243 -35.29 4.89 -12.01
N ILE C 244 -33.97 4.81 -11.88
CA ILE C 244 -33.23 3.69 -12.44
C ILE C 244 -33.58 2.38 -11.73
N VAL C 245 -33.61 2.43 -10.40
CA VAL C 245 -33.80 1.24 -9.61
C VAL C 245 -35.24 0.71 -9.79
N VAL C 246 -36.20 1.62 -9.86
CA VAL C 246 -37.58 1.24 -10.17
C VAL C 246 -37.71 0.65 -11.56
N GLU C 247 -37.07 1.24 -12.56
CA GLU C 247 -37.11 0.69 -13.91
C GLU C 247 -36.38 -0.64 -14.02
N ALA C 248 -35.31 -0.83 -13.22
CA ALA C 248 -34.58 -2.09 -13.25
C ALA C 248 -35.47 -3.18 -12.69
N ALA C 249 -36.14 -2.88 -11.57
CA ALA C 249 -37.07 -3.84 -10.98
C ALA C 249 -38.15 -4.21 -12.00
N ARG C 250 -38.65 -3.21 -12.72
CA ARG C 250 -39.66 -3.48 -13.74
C ARG C 250 -39.19 -4.59 -14.67
N ARG C 251 -37.92 -4.53 -15.06
CA ARG C 251 -37.36 -5.46 -16.03
C ARG C 251 -37.14 -6.84 -15.45
N LEU C 252 -36.86 -6.90 -14.15
CA LEU C 252 -36.54 -8.15 -13.48
C LEU C 252 -37.80 -8.91 -13.10
N LEU C 253 -38.93 -8.22 -13.17
CA LEU C 253 -40.21 -8.86 -12.92
C LEU C 253 -40.72 -9.46 -14.24
N LYS D 3 6.33 -37.51 40.56
CA LYS D 3 6.63 -37.56 41.97
C LYS D 3 5.50 -36.91 42.77
N SER D 4 4.56 -36.30 42.05
CA SER D 4 3.45 -35.61 42.67
C SER D 4 2.17 -35.78 41.85
N ASP D 5 1.30 -34.77 41.90
CA ASP D 5 0.06 -34.82 41.16
C ASP D 5 0.18 -34.10 39.82
N VAL D 6 1.11 -33.14 39.74
CA VAL D 6 1.31 -32.35 38.53
C VAL D 6 2.74 -32.41 38.03
N PHE D 7 2.89 -32.49 36.72
CA PHE D 7 4.18 -32.77 36.10
C PHE D 7 5.27 -31.71 36.33
N HIS D 8 4.92 -30.44 36.25
CA HIS D 8 5.95 -29.39 36.39
C HIS D 8 6.11 -28.78 37.80
N LEU D 9 5.02 -28.60 38.52
CA LEU D 9 5.11 -27.86 39.78
C LEU D 9 5.65 -28.71 40.91
N GLY D 10 5.61 -30.03 40.75
CA GLY D 10 5.98 -30.93 41.81
C GLY D 10 5.13 -30.75 43.06
N LEU D 11 3.86 -30.40 42.88
CA LEU D 11 2.97 -30.23 44.02
C LEU D 11 1.90 -31.31 44.10
N THR D 12 1.40 -31.55 45.32
CA THR D 12 0.28 -32.46 45.54
C THR D 12 -0.92 -31.66 46.02
N LYS D 13 -2.12 -32.19 45.87
CA LYS D 13 -3.29 -31.49 46.38
C LYS D 13 -3.18 -31.29 47.88
N ASN D 14 -2.57 -32.27 48.55
CA ASN D 14 -2.34 -32.24 49.99
C ASN D 14 -1.52 -31.01 50.40
N ASP D 15 -0.55 -30.64 49.57
CA ASP D 15 0.30 -29.47 49.83
C ASP D 15 -0.50 -28.17 49.98
N LEU D 16 -1.45 -27.93 49.08
CA LEU D 16 -2.24 -26.70 49.13
C LEU D 16 -3.11 -26.57 50.38
N GLN D 17 -3.43 -27.70 50.99
CA GLN D 17 -4.26 -27.69 52.19
C GLN D 17 -5.55 -26.89 52.00
N GLY D 18 -6.19 -27.08 50.85
CA GLY D 18 -7.46 -26.44 50.59
C GLY D 18 -7.38 -25.05 49.96
N ALA D 19 -6.15 -24.55 49.77
CA ALA D 19 -5.97 -23.26 49.11
C ALA D 19 -6.80 -23.18 47.83
N GLN D 20 -7.33 -21.99 47.54
CA GLN D 20 -8.18 -21.78 46.37
C GLN D 20 -7.81 -20.51 45.61
N LEU D 21 -6.93 -19.71 46.20
CA LEU D 21 -6.42 -18.51 45.57
C LEU D 21 -4.91 -18.57 45.58
N ALA D 22 -4.29 -18.34 44.44
CA ALA D 22 -2.85 -18.18 44.37
C ALA D 22 -2.46 -16.78 43.95
N ILE D 23 -1.26 -16.36 44.36
CA ILE D 23 -0.63 -15.13 43.91
C ILE D 23 0.57 -15.53 43.06
N VAL D 24 0.65 -15.01 41.85
CA VAL D 24 1.63 -15.48 40.89
C VAL D 24 2.57 -14.38 40.36
N PRO D 25 3.76 -14.29 40.97
CA PRO D 25 4.82 -13.38 40.53
C PRO D 25 5.55 -13.99 39.35
N GLY D 26 6.32 -13.17 38.64
CA GLY D 26 7.17 -13.70 37.61
C GLY D 26 8.44 -14.29 38.19
N ASP D 27 8.98 -13.63 39.21
CA ASP D 27 10.33 -13.95 39.70
C ASP D 27 10.31 -14.98 40.82
N PRO D 28 10.94 -16.14 40.59
CA PRO D 28 11.00 -17.13 41.68
C PRO D 28 11.51 -16.53 42.98
N GLU D 29 12.46 -15.61 42.90
CA GLU D 29 13.11 -15.05 44.09
C GLU D 29 12.11 -14.29 44.96
N ARG D 30 11.08 -13.72 44.33
CA ARG D 30 10.14 -12.89 45.07
C ARG D 30 9.01 -13.66 45.72
N VAL D 31 9.01 -14.98 45.57
CA VAL D 31 7.93 -15.78 46.14
C VAL D 31 8.00 -15.81 47.67
N GLU D 32 9.20 -16.02 48.20
CA GLU D 32 9.39 -16.02 49.64
C GLU D 32 9.01 -14.66 50.25
N LYS D 33 9.52 -13.57 49.65
CA LYS D 33 9.24 -12.23 50.15
C LYS D 33 7.75 -11.94 50.28
N ILE D 34 6.95 -12.50 49.38
CA ILE D 34 5.51 -12.27 49.40
C ILE D 34 4.81 -13.15 50.43
N ALA D 35 5.18 -14.44 50.46
CA ALA D 35 4.58 -15.36 51.42
C ALA D 35 4.88 -14.92 52.87
N ALA D 36 6.03 -14.26 53.05
CA ALA D 36 6.46 -13.84 54.38
C ALA D 36 5.61 -12.69 54.92
N LEU D 37 4.84 -12.05 54.03
CA LEU D 37 3.95 -10.98 54.44
C LEU D 37 2.62 -11.51 54.98
N MET D 38 2.47 -12.83 54.99
CA MET D 38 1.26 -13.45 55.49
C MET D 38 1.60 -14.42 56.63
N ASP D 39 0.60 -15.08 57.20
CA ASP D 39 0.84 -16.00 58.34
C ASP D 39 1.31 -17.37 57.86
N LYS D 40 2.00 -18.09 58.75
CA LYS D 40 2.46 -19.46 58.52
C LYS D 40 2.96 -19.80 57.12
N PRO D 41 4.01 -19.10 56.66
CA PRO D 41 4.55 -19.40 55.33
C PRO D 41 5.34 -20.71 55.38
N VAL D 42 5.07 -21.61 54.44
CA VAL D 42 5.79 -22.87 54.33
C VAL D 42 6.23 -23.09 52.89
N LYS D 43 7.54 -23.24 52.67
CA LYS D 43 8.04 -23.57 51.33
C LYS D 43 7.57 -24.97 50.91
N LEU D 44 7.04 -25.07 49.69
CA LEU D 44 6.51 -26.33 49.17
C LEU D 44 7.46 -27.02 48.21
N ALA D 45 7.81 -26.33 47.14
CA ALA D 45 8.65 -26.92 46.11
C ALA D 45 9.35 -25.86 45.28
N SER D 46 10.38 -26.27 44.54
CA SER D 46 11.07 -25.39 43.61
C SER D 46 11.62 -26.17 42.43
N HIS D 47 10.93 -26.12 41.30
CA HIS D 47 11.39 -26.84 40.12
C HIS D 47 11.45 -25.93 38.89
N ARG D 48 12.59 -25.92 38.23
CA ARG D 48 12.82 -25.03 37.11
C ARG D 48 12.57 -23.59 37.56
N GLU D 49 11.60 -22.91 36.98
CA GLU D 49 11.28 -21.55 37.42
C GLU D 49 10.00 -21.49 38.23
N PHE D 50 9.54 -22.64 38.73
CA PHE D 50 8.30 -22.73 39.50
C PHE D 50 8.58 -22.92 40.99
N THR D 51 8.78 -21.82 41.70
CA THR D 51 8.92 -21.85 43.16
C THR D 51 7.59 -21.51 43.83
N SER D 52 7.17 -22.36 44.75
CA SER D 52 5.87 -22.21 45.38
C SER D 52 5.95 -22.28 46.90
N TRP D 53 5.28 -21.37 47.57
CA TRP D 53 5.13 -21.44 49.02
C TRP D 53 3.64 -21.50 49.34
N ARG D 54 3.34 -21.96 50.53
CA ARG D 54 2.00 -21.88 51.05
C ARG D 54 2.04 -20.89 52.21
N ALA D 55 0.92 -20.23 52.45
CA ALA D 55 0.81 -19.32 53.59
C ALA D 55 -0.65 -19.24 53.99
N GLU D 56 -0.95 -18.31 54.88
CA GLU D 56 -2.28 -18.24 55.45
C GLU D 56 -2.66 -16.78 55.52
N LEU D 57 -3.92 -16.50 55.19
CA LEU D 57 -4.39 -15.13 55.20
C LEU D 57 -5.77 -15.13 55.80
N ASP D 58 -5.88 -14.58 57.00
CA ASP D 58 -7.12 -14.61 57.77
C ASP D 58 -7.66 -16.03 57.90
N GLY D 59 -6.77 -16.98 58.20
CA GLY D 59 -7.15 -18.34 58.53
C GLY D 59 -7.26 -19.32 57.37
N LYS D 60 -7.28 -18.80 56.14
CA LYS D 60 -7.43 -19.65 54.96
CA LYS D 60 -7.44 -19.63 54.95
C LYS D 60 -6.11 -19.78 54.20
N ALA D 61 -5.86 -20.99 53.69
CA ALA D 61 -4.63 -21.28 52.94
C ALA D 61 -4.56 -20.52 51.61
N VAL D 62 -3.39 -19.98 51.31
CA VAL D 62 -3.14 -19.25 50.06
C VAL D 62 -1.86 -19.76 49.41
N ILE D 63 -1.81 -19.76 48.08
CA ILE D 63 -0.61 -20.21 47.40
C ILE D 63 0.15 -19.03 46.80
N VAL D 64 1.48 -19.07 46.89
CA VAL D 64 2.32 -18.15 46.15
C VAL D 64 3.23 -18.95 45.23
N CYS D 65 3.20 -18.64 43.95
CA CYS D 65 3.89 -19.47 42.98
C CYS D 65 4.34 -18.68 41.76
N SER D 66 5.65 -18.66 41.53
CA SER D 66 6.18 -17.94 40.38
C SER D 66 5.88 -18.65 39.06
N THR D 67 5.79 -17.86 38.01
CA THR D 67 5.36 -18.32 36.71
C THR D 67 6.53 -18.35 35.74
N GLY D 68 7.60 -17.62 36.05
CA GLY D 68 8.68 -17.37 35.12
C GLY D 68 8.29 -16.28 34.14
N ILE D 69 9.17 -15.98 33.20
CA ILE D 69 8.85 -15.01 32.15
C ILE D 69 8.02 -15.57 31.00
N GLY D 70 6.89 -14.94 30.70
CA GLY D 70 6.19 -15.24 29.47
C GLY D 70 5.02 -16.19 29.61
N GLY D 71 4.11 -16.16 28.64
CA GLY D 71 2.86 -16.88 28.69
C GLY D 71 2.91 -18.40 28.73
N PRO D 72 3.89 -19.01 28.06
CA PRO D 72 3.96 -20.48 28.09
C PRO D 72 4.21 -21.10 29.49
N SER D 73 5.15 -20.55 30.25
CA SER D 73 5.37 -21.08 31.60
C SER D 73 4.27 -20.60 32.54
N THR D 74 3.71 -19.43 32.26
CA THR D 74 2.55 -18.97 33.02
C THR D 74 1.40 -19.92 32.82
N SER D 75 1.21 -20.39 31.59
CA SER D 75 0.10 -21.30 31.28
C SER D 75 0.27 -22.69 31.93
N ILE D 76 1.50 -23.17 31.99
CA ILE D 76 1.81 -24.39 32.74
C ILE D 76 1.40 -24.25 34.22
N ALA D 77 1.84 -23.17 34.85
CA ALA D 77 1.62 -22.98 36.29
C ALA D 77 0.16 -22.76 36.65
N VAL D 78 -0.59 -22.06 35.80
CA VAL D 78 -2.00 -21.84 36.09
C VAL D 78 -2.73 -23.15 35.93
N GLU D 79 -2.41 -23.89 34.87
CA GLU D 79 -3.11 -25.13 34.56
C GLU D 79 -2.89 -26.18 35.66
N GLU D 80 -1.66 -26.31 36.11
CA GLU D 80 -1.35 -27.28 37.17
C GLU D 80 -1.90 -26.85 38.54
N LEU D 81 -1.82 -25.56 38.86
CA LEU D 81 -2.46 -25.05 40.08
C LEU D 81 -3.99 -25.21 40.03
N ALA D 82 -4.60 -25.03 38.86
CA ALA D 82 -6.03 -25.22 38.75
C ALA D 82 -6.39 -26.71 38.94
N GLN D 83 -5.52 -27.59 38.47
CA GLN D 83 -5.78 -29.03 38.68
C GLN D 83 -5.75 -29.33 40.18
N LEU D 84 -4.99 -28.53 40.92
CA LEU D 84 -4.85 -28.72 42.35
C LEU D 84 -5.92 -27.97 43.14
N GLY D 85 -6.76 -27.22 42.44
CA GLY D 85 -7.92 -26.62 43.08
C GLY D 85 -7.98 -25.11 43.12
N ILE D 86 -6.91 -24.45 42.70
CA ILE D 86 -6.89 -23.00 42.62
C ILE D 86 -7.95 -22.47 41.63
N ARG D 87 -8.68 -21.44 42.05
CA ARG D 87 -9.78 -20.93 41.24
C ARG D 87 -9.61 -19.43 40.96
N THR D 88 -8.83 -18.76 41.82
CA THR D 88 -8.54 -17.34 41.65
C THR D 88 -7.03 -17.11 41.62
N PHE D 89 -6.58 -16.39 40.60
CA PHE D 89 -5.16 -16.04 40.44
C PHE D 89 -4.97 -14.51 40.40
N LEU D 90 -4.01 -14.01 41.15
CA LEU D 90 -3.64 -12.58 41.09
C LEU D 90 -2.17 -12.44 40.68
N ARG D 91 -1.93 -11.83 39.53
CA ARG D 91 -0.56 -11.62 39.11
C ARG D 91 -0.01 -10.30 39.59
N ILE D 92 1.20 -10.35 40.14
CA ILE D 92 1.94 -9.17 40.51
C ILE D 92 3.18 -9.17 39.63
N GLY D 93 3.54 -8.03 39.08
CA GLY D 93 4.63 -7.98 38.12
C GLY D 93 5.27 -6.62 38.04
N THR D 94 6.33 -6.52 37.25
CA THR D 94 6.91 -5.23 36.87
C THR D 94 6.52 -4.89 35.45
N THR D 95 6.64 -3.61 35.09
CA THR D 95 6.20 -3.15 33.78
C THR D 95 6.89 -1.85 33.33
N GLY D 96 6.97 -1.67 32.02
CA GLY D 96 7.39 -0.41 31.44
C GLY D 96 6.16 0.39 31.03
N ALA D 97 6.09 1.64 31.49
CA ALA D 97 4.98 2.52 31.13
C ALA D 97 5.24 3.15 29.77
N ILE D 98 4.18 3.39 28.99
CA ILE D 98 4.35 4.07 27.72
C ILE D 98 3.65 5.45 27.62
N GLN D 99 2.92 5.82 28.66
CA GLN D 99 2.29 7.14 28.73
C GLN D 99 3.16 8.08 29.58
N PRO D 100 3.37 9.31 29.10
CA PRO D 100 4.21 10.28 29.80
C PRO D 100 3.77 10.59 31.24
N HIS D 101 2.47 10.70 31.49
CA HIS D 101 2.01 11.06 32.82
C HIS D 101 2.17 9.97 33.89
N ILE D 102 2.65 8.79 33.49
CA ILE D 102 2.82 7.69 34.44
C ILE D 102 4.26 7.59 34.93
N ASN D 103 4.44 7.62 36.25
CA ASN D 103 5.78 7.68 36.83
C ASN D 103 6.30 6.36 37.37
N VAL D 104 7.61 6.17 37.26
CA VAL D 104 8.28 5.07 37.92
C VAL D 104 7.80 5.03 39.37
N GLY D 105 7.48 3.84 39.85
CA GLY D 105 6.93 3.70 41.18
C GLY D 105 5.41 3.63 41.23
N ASP D 106 4.74 4.09 40.18
CA ASP D 106 3.27 4.00 40.11
C ASP D 106 2.80 2.55 39.97
N VAL D 107 1.55 2.31 40.33
CA VAL D 107 0.96 0.98 40.28
C VAL D 107 -0.10 0.94 39.16
N LEU D 108 -0.02 -0.06 38.29
CA LEU D 108 -1.01 -0.23 37.22
C LEU D 108 -1.87 -1.46 37.46
N VAL D 109 -3.18 -1.28 37.36
CA VAL D 109 -4.13 -2.38 37.45
C VAL D 109 -4.72 -2.56 36.06
N THR D 110 -4.65 -3.79 35.55
CA THR D 110 -5.00 -4.09 34.16
C THR D 110 -6.44 -4.56 34.01
N THR D 111 -7.25 -3.80 33.30
CA THR D 111 -8.63 -4.24 33.05
C THR D 111 -8.67 -5.35 31.99
N ALA D 112 -7.79 -5.21 31.00
CA ALA D 112 -7.70 -6.16 29.90
C ALA D 112 -6.39 -5.87 29.16
N SER D 113 -5.95 -6.79 28.31
CA SER D 113 -4.68 -6.64 27.59
C SER D 113 -4.81 -6.77 26.09
N VAL D 114 -3.95 -6.05 25.38
CA VAL D 114 -3.70 -6.33 23.97
C VAL D 114 -2.96 -7.66 23.87
N ARG D 115 -3.47 -8.56 23.04
CA ARG D 115 -2.88 -9.89 22.93
C ARG D 115 -1.78 -9.94 21.89
N LEU D 116 -0.56 -9.59 22.32
CA LEU D 116 0.62 -9.61 21.46
C LEU D 116 1.46 -10.83 21.80
N ASP D 117 0.77 -11.90 22.19
CA ASP D 117 1.37 -13.16 22.62
C ASP D 117 0.80 -14.29 21.77
N GLY D 118 1.25 -15.51 22.00
CA GLY D 118 0.71 -16.65 21.27
C GLY D 118 -0.03 -17.62 22.16
N ALA D 119 0.36 -17.70 23.43
CA ALA D 119 -0.24 -18.70 24.32
C ALA D 119 -1.74 -18.49 24.47
N SER D 120 -2.17 -17.23 24.58
CA SER D 120 -3.60 -16.95 24.68
C SER D 120 -4.38 -17.61 23.54
N LEU D 121 -3.80 -17.67 22.34
CA LEU D 121 -4.50 -18.25 21.19
C LEU D 121 -4.75 -19.73 21.38
N HIS D 122 -4.14 -20.31 22.40
CA HIS D 122 -4.27 -21.75 22.63
C HIS D 122 -5.48 -22.02 23.51
N PHE D 123 -6.14 -20.95 23.97
CA PHE D 123 -7.33 -21.10 24.83
C PHE D 123 -8.61 -20.50 24.25
N ALA D 124 -8.45 -19.47 23.43
CA ALA D 124 -9.54 -18.74 22.82
C ALA D 124 -9.01 -18.03 21.59
N PRO D 125 -9.85 -17.88 20.55
CA PRO D 125 -9.43 -17.21 19.31
C PRO D 125 -9.18 -15.71 19.55
N MET D 126 -8.46 -15.06 18.65
CA MET D 126 -8.06 -13.68 18.90
C MET D 126 -9.23 -12.74 19.25
N GLU D 127 -10.41 -13.03 18.73
CA GLU D 127 -11.58 -12.20 18.98
C GLU D 127 -11.98 -12.14 20.45
N PHE D 128 -11.58 -13.13 21.24
CA PHE D 128 -11.93 -13.17 22.65
C PHE D 128 -11.08 -12.16 23.43
N PRO D 129 -11.69 -11.42 24.37
CA PRO D 129 -10.97 -10.38 25.12
C PRO D 129 -10.14 -10.94 26.28
N ALA D 130 -8.86 -10.55 26.36
CA ALA D 130 -8.01 -10.89 27.50
C ALA D 130 -8.37 -9.95 28.64
N VAL D 131 -9.49 -10.25 29.29
CA VAL D 131 -10.10 -9.31 30.20
C VAL D 131 -10.02 -9.87 31.61
N ALA D 132 -9.75 -8.99 32.58
CA ALA D 132 -9.60 -9.37 33.98
C ALA D 132 -10.95 -9.65 34.60
N ASP D 133 -11.00 -10.52 35.61
CA ASP D 133 -12.23 -10.66 36.39
C ASP D 133 -12.56 -9.33 37.07
N PHE D 134 -13.85 -9.02 37.19
CA PHE D 134 -14.30 -7.75 37.76
C PHE D 134 -14.15 -7.70 39.29
N ALA D 135 -14.34 -8.83 39.98
CA ALA D 135 -14.11 -8.90 41.42
C ALA D 135 -12.63 -8.71 41.76
N CYS D 136 -11.75 -9.31 40.96
CA CYS D 136 -10.32 -9.16 41.20
C CYS D 136 -9.86 -7.73 40.93
N THR D 137 -10.34 -7.15 39.83
CA THR D 137 -9.94 -5.79 39.44
C THR D 137 -10.41 -4.78 40.48
N THR D 138 -11.64 -4.94 40.93
CA THR D 138 -12.18 -4.09 41.98
C THR D 138 -11.35 -4.24 43.26
N ALA D 139 -11.04 -5.48 43.63
CA ALA D 139 -10.30 -5.71 44.88
C ALA D 139 -8.89 -5.13 44.84
N LEU D 140 -8.26 -5.14 43.66
CA LEU D 140 -6.95 -4.48 43.50
C LEU D 140 -7.08 -2.97 43.65
N VAL D 141 -8.07 -2.39 42.95
CA VAL D 141 -8.27 -0.94 42.94
C VAL D 141 -8.54 -0.41 44.33
N GLU D 142 -9.40 -1.13 45.07
CA GLU D 142 -9.74 -0.75 46.42
C GLU D 142 -8.58 -1.01 47.38
N ALA D 143 -7.78 -2.03 47.09
CA ALA D 143 -6.56 -2.26 47.85
C ALA D 143 -5.55 -1.12 47.65
N ALA D 144 -5.41 -0.64 46.42
CA ALA D 144 -4.47 0.45 46.14
C ALA D 144 -4.88 1.77 46.80
N LYS D 145 -6.18 1.93 47.03
CA LYS D 145 -6.68 3.12 47.68
C LYS D 145 -6.43 3.05 49.19
N SER D 146 -6.53 1.85 49.75
CA SER D 146 -6.33 1.66 51.18
C SER D 146 -4.91 2.01 51.60
N ILE D 147 -3.95 1.83 50.70
CA ILE D 147 -2.55 2.09 51.04
C ILE D 147 -2.06 3.41 50.45
N GLY D 148 -2.92 4.07 49.69
CA GLY D 148 -2.63 5.40 49.18
C GLY D 148 -1.55 5.45 48.11
N ALA D 149 -1.55 4.48 47.21
CA ALA D 149 -0.58 4.43 46.12
C ALA D 149 -1.10 5.17 44.91
N THR D 150 -0.20 5.74 44.12
CA THR D 150 -0.59 6.34 42.84
C THR D 150 -0.97 5.21 41.88
N THR D 151 -2.23 5.20 41.45
CA THR D 151 -2.72 4.10 40.64
C THR D 151 -3.28 4.57 39.32
N HIS D 152 -3.03 3.76 38.28
CA HIS D 152 -3.71 3.94 37.00
C HIS D 152 -4.37 2.62 36.60
N VAL D 153 -5.64 2.71 36.17
CA VAL D 153 -6.42 1.54 35.80
C VAL D 153 -6.66 1.58 34.29
N GLY D 154 -6.27 0.53 33.58
CA GLY D 154 -6.50 0.48 32.14
C GLY D 154 -5.99 -0.75 31.41
N VAL D 155 -5.73 -0.55 30.13
CA VAL D 155 -5.36 -1.61 29.19
C VAL D 155 -3.86 -1.72 29.12
N THR D 156 -3.36 -2.95 29.03
CA THR D 156 -1.94 -3.23 28.99
C THR D 156 -1.61 -3.92 27.68
N ALA D 157 -0.47 -3.57 27.08
CA ALA D 157 0.04 -4.31 25.93
C ALA D 157 0.85 -5.49 26.44
N SER D 158 0.48 -6.70 26.02
CA SER D 158 1.13 -7.90 26.52
C SER D 158 1.83 -8.63 25.37
N SER D 159 3.16 -8.59 25.41
CA SER D 159 4.03 -8.99 24.31
C SER D 159 4.83 -10.28 24.58
N ASP D 160 5.00 -11.11 23.54
CA ASP D 160 5.74 -12.37 23.66
C ASP D 160 7.26 -12.14 23.69
N THR D 161 7.68 -10.91 23.45
CA THR D 161 9.09 -10.55 23.55
C THR D 161 9.33 -9.30 24.41
N PHE D 162 10.54 -9.17 24.92
CA PHE D 162 10.95 -7.99 25.67
C PHE D 162 11.45 -6.91 24.72
N TYR D 163 12.03 -7.35 23.59
CA TYR D 163 12.68 -6.38 22.70
C TYR D 163 11.82 -5.93 21.49
N PRO D 164 11.80 -6.65 20.38
CA PRO D 164 11.04 -6.13 19.24
C PRO D 164 9.56 -5.94 19.46
N GLY D 165 8.94 -6.79 20.22
CA GLY D 165 7.56 -6.68 20.51
C GLY D 165 7.20 -5.49 21.33
N GLN D 166 8.17 -4.90 21.97
CA GLN D 166 8.01 -3.65 22.72
C GLN D 166 8.74 -2.52 21.98
N GLU D 167 9.02 -2.77 20.71
CA GLU D 167 9.71 -1.84 19.83
C GLU D 167 10.99 -1.22 20.43
N ARG D 168 11.86 -2.08 20.97
CA ARG D 168 13.19 -1.64 21.38
C ARG D 168 14.16 -1.77 20.20
N TYR D 169 14.92 -0.71 19.97
CA TYR D 169 15.85 -0.66 18.86
C TYR D 169 17.30 -0.91 19.28
N ASP D 170 17.60 -0.73 20.56
CA ASP D 170 18.96 -0.95 21.07
C ASP D 170 19.26 -2.43 21.32
N THR D 171 19.44 -3.17 20.24
CA THR D 171 19.53 -4.62 20.26
C THR D 171 20.63 -5.05 19.30
N TYR D 172 20.84 -6.35 19.19
CA TYR D 172 21.82 -6.89 18.24
C TYR D 172 21.51 -6.46 16.80
N SER D 173 20.34 -6.82 16.31
CA SER D 173 19.95 -6.52 14.93
C SER D 173 19.67 -5.03 14.72
N GLY D 174 19.13 -4.37 15.74
CA GLY D 174 18.73 -2.98 15.64
C GLY D 174 17.50 -2.79 14.75
N ARG D 175 16.86 -3.87 14.35
CA ARG D 175 15.66 -3.79 13.51
C ARG D 175 14.43 -4.35 14.22
N VAL D 176 13.26 -3.91 13.79
CA VAL D 176 12.02 -4.41 14.33
C VAL D 176 11.10 -4.79 13.16
N VAL D 177 10.54 -5.99 13.23
CA VAL D 177 9.72 -6.53 12.18
C VAL D 177 8.54 -5.58 11.87
N ARG D 178 8.16 -5.52 10.59
CA ARG D 178 7.10 -4.61 10.13
C ARG D 178 5.93 -4.48 11.11
N ARG D 179 5.35 -5.62 11.49
CA ARG D 179 4.21 -5.64 12.41
C ARG D 179 4.35 -4.71 13.61
N PHE D 180 5.56 -4.62 14.15
CA PHE D 180 5.76 -3.91 15.41
C PHE D 180 6.45 -2.56 15.26
N LYS D 181 6.94 -2.33 14.05
CA LYS D 181 7.62 -1.09 13.74
C LYS D 181 6.55 0.01 13.72
N GLY D 182 6.70 1.01 14.59
CA GLY D 182 5.70 2.05 14.78
C GLY D 182 4.63 1.71 15.81
N SER D 183 4.68 0.51 16.37
CA SER D 183 3.58 0.03 17.22
C SER D 183 3.45 0.76 18.56
N MET D 184 4.56 1.06 19.22
CA MET D 184 4.44 1.71 20.52
C MET D 184 3.67 3.05 20.44
N GLU D 185 3.99 3.86 19.43
CA GLU D 185 3.26 5.10 19.22
C GLU D 185 1.77 4.87 18.97
N GLU D 186 1.42 3.76 18.32
CA GLU D 186 0.02 3.43 18.10
C GLU D 186 -0.67 3.03 19.43
N TRP D 187 0.02 2.26 20.26
CA TRP D 187 -0.56 1.87 21.53
C TRP D 187 -0.76 3.11 22.39
N GLN D 188 0.20 4.03 22.30
CA GLN D 188 0.14 5.30 23.03
C GLN D 188 -1.11 6.09 22.67
N ALA D 189 -1.37 6.23 21.37
CA ALA D 189 -2.53 6.95 20.89
C ALA D 189 -3.85 6.31 21.32
N MET D 190 -3.83 4.99 21.53
CA MET D 190 -5.03 4.27 21.95
C MET D 190 -5.21 4.17 23.47
N GLY D 191 -4.34 4.83 24.22
CA GLY D 191 -4.47 4.82 25.67
C GLY D 191 -3.87 3.62 26.39
N VAL D 192 -3.12 2.79 25.69
CA VAL D 192 -2.48 1.67 26.37
C VAL D 192 -1.53 2.23 27.43
N MET D 193 -1.53 1.66 28.63
CA MET D 193 -0.71 2.21 29.73
C MET D 193 0.74 1.72 29.71
N ASN D 194 0.93 0.45 29.40
CA ASN D 194 2.21 -0.19 29.66
C ASN D 194 2.41 -1.47 28.86
N TYR D 195 3.63 -2.00 28.94
CA TYR D 195 4.01 -3.25 28.33
C TYR D 195 4.37 -4.21 29.44
N GLU D 196 4.02 -5.48 29.27
CA GLU D 196 4.62 -6.54 30.07
C GLU D 196 4.42 -7.83 29.30
N MET D 197 4.67 -8.98 29.90
CA MET D 197 4.78 -10.18 29.09
C MET D 197 3.92 -11.37 29.44
N GLU D 198 3.07 -11.27 30.45
CA GLU D 198 2.34 -12.45 30.88
C GLU D 198 0.82 -12.29 30.95
N SER D 199 0.33 -11.06 30.92
CA SER D 199 -1.07 -10.81 31.22
C SER D 199 -2.08 -11.31 30.19
N ALA D 200 -1.78 -11.18 28.90
CA ALA D 200 -2.69 -11.68 27.86
C ALA D 200 -2.97 -13.18 28.04
N THR D 201 -1.90 -13.95 28.30
CA THR D 201 -2.03 -15.39 28.47
C THR D 201 -2.82 -15.68 29.73
N LEU D 202 -2.43 -15.02 30.82
CA LEU D 202 -3.10 -15.24 32.08
C LEU D 202 -4.59 -14.90 31.99
N LEU D 203 -4.91 -13.68 31.58
CA LEU D 203 -6.31 -13.27 31.60
C LEU D 203 -7.17 -14.10 30.64
N THR D 204 -6.66 -14.35 29.44
CA THR D 204 -7.42 -15.14 28.46
C THR D 204 -7.73 -16.56 28.96
N MET D 205 -6.69 -17.28 29.36
CA MET D 205 -6.90 -18.64 29.83
C MET D 205 -7.85 -18.71 31.03
N CYS D 206 -7.79 -17.71 31.92
CA CYS D 206 -8.68 -17.73 33.08
C CYS D 206 -10.12 -17.40 32.74
N ALA D 207 -10.29 -16.31 32.00
CA ALA D 207 -11.61 -15.83 31.61
C ALA D 207 -12.35 -16.78 30.65
N SER D 208 -11.62 -17.65 29.96
CA SER D 208 -12.25 -18.57 29.03
C SER D 208 -12.46 -19.97 29.65
N GLN D 209 -12.03 -20.12 30.91
CA GLN D 209 -12.13 -21.39 31.61
C GLN D 209 -12.80 -21.30 32.99
N GLY D 210 -13.33 -20.12 33.33
CA GLY D 210 -14.10 -19.98 34.56
C GLY D 210 -13.24 -19.78 35.80
N LEU D 211 -11.99 -19.38 35.60
CA LEU D 211 -11.10 -19.01 36.70
C LEU D 211 -11.09 -17.49 36.83
N ARG D 212 -11.03 -16.99 38.06
CA ARG D 212 -10.94 -15.55 38.29
C ARG D 212 -9.48 -15.11 38.34
N ALA D 213 -9.18 -14.05 37.60
CA ALA D 213 -7.82 -13.50 37.55
C ALA D 213 -7.79 -11.97 37.54
N GLY D 214 -6.87 -11.42 38.33
CA GLY D 214 -6.55 -10.00 38.28
C GLY D 214 -5.07 -9.80 38.01
N MET D 215 -4.69 -8.55 37.79
CA MET D 215 -3.35 -8.22 37.33
C MET D 215 -2.88 -6.89 37.90
N VAL D 216 -1.79 -6.88 38.66
CA VAL D 216 -1.26 -5.62 39.19
C VAL D 216 0.25 -5.58 38.93
N ALA D 217 0.79 -4.38 38.73
CA ALA D 217 2.20 -4.24 38.39
C ALA D 217 2.82 -2.92 38.85
N GLY D 218 4.09 -2.95 39.24
CA GLY D 218 4.80 -1.73 39.61
C GLY D 218 5.59 -1.21 38.43
N VAL D 219 5.57 0.10 38.20
CA VAL D 219 6.28 0.66 37.05
C VAL D 219 7.76 0.83 37.36
N ILE D 220 8.63 0.24 36.54
CA ILE D 220 10.06 0.35 36.79
C ILE D 220 10.81 1.15 35.73
N VAL D 221 10.09 1.59 34.70
CA VAL D 221 10.69 2.40 33.66
C VAL D 221 9.58 3.09 32.88
N ASN D 222 9.86 4.28 32.37
CA ASN D 222 8.95 4.97 31.46
C ASN D 222 9.58 5.14 30.08
N ARG D 223 9.00 4.47 29.10
CA ARG D 223 9.58 4.37 27.76
C ARG D 223 9.67 5.70 27.03
N THR D 224 8.97 6.71 27.53
CA THR D 224 9.06 8.02 26.92
C THR D 224 10.41 8.65 27.27
N GLN D 225 11.06 8.10 28.30
CA GLN D 225 12.39 8.56 28.76
C GLN D 225 13.55 7.67 28.29
N GLN D 226 13.45 6.37 28.54
CA GLN D 226 14.52 5.43 28.17
C GLN D 226 14.01 4.02 27.82
N GLU D 227 14.90 3.17 27.33
CA GLU D 227 14.53 1.79 26.96
C GLU D 227 14.73 0.80 28.11
N ILE D 228 15.91 0.85 28.73
CA ILE D 228 16.26 -0.08 29.81
C ILE D 228 16.05 0.56 31.18
N PRO D 229 15.38 -0.16 32.08
CA PRO D 229 15.11 0.33 33.44
C PRO D 229 16.38 0.50 34.26
N ASN D 230 16.33 1.32 35.30
CA ASN D 230 17.48 1.53 36.18
C ASN D 230 17.70 0.33 37.09
N ALA D 231 18.78 0.38 37.87
CA ALA D 231 19.13 -0.73 38.76
C ALA D 231 18.26 -0.80 40.02
N GLU D 232 17.53 0.27 40.32
CA GLU D 232 16.62 0.29 41.47
C GLU D 232 17.37 0.52 42.78
N SER D 239 7.64 -1.19 46.36
CA SER D 239 7.08 -2.25 47.19
C SER D 239 5.56 -2.15 47.24
N HIS D 240 5.03 -1.07 46.66
CA HIS D 240 3.59 -0.81 46.65
C HIS D 240 2.79 -1.98 46.10
N ALA D 241 3.19 -2.46 44.93
CA ALA D 241 2.51 -3.55 44.23
C ALA D 241 2.27 -4.76 45.12
N VAL D 242 3.31 -5.17 45.86
CA VAL D 242 3.23 -6.38 46.66
C VAL D 242 2.21 -6.21 47.79
N LYS D 243 2.25 -5.08 48.47
CA LYS D 243 1.28 -4.82 49.52
C LYS D 243 -0.14 -4.87 48.97
N ILE D 244 -0.34 -4.23 47.84
CA ILE D 244 -1.65 -4.19 47.22
C ILE D 244 -2.18 -5.58 46.86
N VAL D 245 -1.33 -6.44 46.30
CA VAL D 245 -1.78 -7.76 45.89
C VAL D 245 -2.10 -8.65 47.09
N VAL D 246 -1.30 -8.51 48.16
CA VAL D 246 -1.61 -9.24 49.38
C VAL D 246 -2.93 -8.73 49.96
N GLU D 247 -3.11 -7.41 49.99
CA GLU D 247 -4.33 -6.84 50.53
C GLU D 247 -5.59 -7.20 49.70
N ALA D 248 -5.46 -7.21 48.38
CA ALA D 248 -6.58 -7.63 47.51
C ALA D 248 -6.91 -9.10 47.71
N ALA D 249 -5.88 -9.90 47.95
CA ALA D 249 -6.04 -11.33 48.19
C ALA D 249 -6.90 -11.54 49.42
N ARG D 250 -6.71 -10.66 50.39
CA ARG D 250 -7.48 -10.72 51.62
C ARG D 250 -8.95 -10.45 51.34
N ARG D 251 -9.22 -9.48 50.47
CA ARG D 251 -10.59 -9.10 50.17
C ARG D 251 -11.30 -10.14 49.30
N LEU D 252 -10.50 -10.97 48.63
CA LEU D 252 -11.06 -11.96 47.71
C LEU D 252 -11.30 -13.32 48.36
N LEU D 253 -10.61 -13.59 49.46
CA LEU D 253 -10.74 -14.88 50.14
C LEU D 253 -12.15 -15.11 50.65
N LYS E 3 25.74 -3.99 37.77
CA LYS E 3 26.98 -3.72 37.05
C LYS E 3 27.17 -4.67 35.87
N SER E 4 26.14 -4.81 35.04
CA SER E 4 26.21 -5.71 33.89
C SER E 4 25.95 -4.97 32.59
N ASP E 5 26.20 -5.64 31.47
CA ASP E 5 25.98 -5.03 30.16
C ASP E 5 24.59 -5.31 29.61
N VAL E 6 23.99 -6.41 30.06
CA VAL E 6 22.64 -6.76 29.65
C VAL E 6 21.69 -6.81 30.85
N PHE E 7 20.42 -6.51 30.60
CA PHE E 7 19.45 -6.28 31.65
C PHE E 7 18.97 -7.54 32.38
N HIS E 8 18.75 -8.62 31.65
CA HIS E 8 18.22 -9.84 32.25
C HIS E 8 19.28 -10.85 32.71
N LEU E 9 20.32 -11.07 31.90
CA LEU E 9 21.26 -12.15 32.17
C LEU E 9 22.30 -11.76 33.23
N GLY E 10 22.39 -10.47 33.51
CA GLY E 10 23.38 -9.97 34.46
C GLY E 10 24.80 -10.28 34.06
N LEU E 11 25.08 -10.22 32.76
CA LEU E 11 26.42 -10.56 32.25
C LEU E 11 27.12 -9.39 31.56
N THR E 12 28.45 -9.41 31.61
CA THR E 12 29.29 -8.44 30.90
C THR E 12 30.00 -9.16 29.75
N LYS E 13 30.40 -8.42 28.74
CA LYS E 13 31.08 -9.01 27.59
C LYS E 13 32.41 -9.65 28.01
N ASN E 14 33.00 -9.14 29.08
CA ASN E 14 34.26 -9.69 29.60
C ASN E 14 34.05 -11.07 30.22
N ASP E 15 32.88 -11.30 30.81
CA ASP E 15 32.56 -12.60 31.39
C ASP E 15 32.69 -13.72 30.35
N LEU E 16 32.27 -13.45 29.11
CA LEU E 16 32.27 -14.47 28.07
C LEU E 16 33.66 -14.85 27.58
N GLN E 17 34.63 -14.01 27.89
CA GLN E 17 36.02 -14.24 27.50
C GLN E 17 36.19 -14.71 26.07
N GLY E 18 35.49 -14.04 25.15
CA GLY E 18 35.66 -14.30 23.74
C GLY E 18 34.74 -15.39 23.20
N ALA E 19 33.92 -15.95 24.09
CA ALA E 19 32.93 -16.94 23.68
C ALA E 19 32.09 -16.44 22.50
N GLN E 20 31.82 -17.35 21.55
CA GLN E 20 31.01 -17.06 20.37
C GLN E 20 29.99 -18.16 20.10
N LEU E 21 30.06 -19.23 20.87
CA LEU E 21 29.09 -20.31 20.74
C LEU E 21 28.48 -20.59 22.11
N ALA E 22 27.15 -20.70 22.15
CA ALA E 22 26.47 -21.02 23.40
C ALA E 22 25.63 -22.29 23.28
N ILE E 23 25.63 -23.09 24.34
CA ILE E 23 24.72 -24.21 24.42
C ILE E 23 23.59 -23.81 25.35
N VAL E 24 22.36 -24.05 24.96
CA VAL E 24 21.25 -23.54 25.74
C VAL E 24 20.20 -24.58 26.11
N PRO E 25 20.30 -25.14 27.32
CA PRO E 25 19.30 -26.05 27.89
C PRO E 25 18.10 -25.26 28.39
N GLY E 26 17.01 -25.96 28.68
CA GLY E 26 15.85 -25.31 29.26
C GLY E 26 15.96 -25.15 30.76
N ASP E 27 16.42 -26.21 31.43
CA ASP E 27 16.41 -26.29 32.90
C ASP E 27 17.68 -25.69 33.52
N PRO E 28 17.52 -24.63 34.32
CA PRO E 28 18.66 -23.97 35.00
C PRO E 28 19.59 -24.98 35.67
N GLU E 29 19.02 -25.99 36.32
CA GLU E 29 19.76 -26.99 37.11
C GLU E 29 20.69 -27.89 36.29
N ARG E 30 20.46 -27.96 34.98
CA ARG E 30 21.23 -28.80 34.09
C ARG E 30 22.43 -28.06 33.51
N VAL E 31 22.53 -26.76 33.80
CA VAL E 31 23.60 -25.92 33.27
C VAL E 31 25.00 -26.27 33.79
N GLU E 32 25.12 -26.37 35.11
CA GLU E 32 26.39 -26.77 35.72
C GLU E 32 26.83 -28.12 35.18
N LYS E 33 25.90 -29.07 35.15
CA LYS E 33 26.22 -30.44 34.78
C LYS E 33 26.77 -30.52 33.36
N ILE E 34 26.13 -29.80 32.43
CA ILE E 34 26.59 -29.73 31.04
C ILE E 34 27.95 -29.05 30.95
N ALA E 35 28.10 -27.96 31.68
CA ALA E 35 29.35 -27.22 31.71
C ALA E 35 30.51 -28.12 32.16
N ALA E 36 30.28 -28.86 33.23
CA ALA E 36 31.33 -29.71 33.80
C ALA E 36 31.84 -30.77 32.81
N LEU E 37 31.04 -31.06 31.78
CA LEU E 37 31.46 -31.99 30.73
C LEU E 37 32.55 -31.39 29.84
N MET E 38 32.87 -30.13 30.06
CA MET E 38 33.88 -29.43 29.27
C MET E 38 34.98 -28.94 30.20
N ASP E 39 35.97 -28.22 29.67
CA ASP E 39 37.07 -27.75 30.52
C ASP E 39 36.78 -26.40 31.16
N LYS E 40 37.39 -26.14 32.32
CA LYS E 40 37.33 -24.85 32.98
C LYS E 40 35.92 -24.34 33.27
N PRO E 41 35.05 -25.21 33.80
CA PRO E 41 33.68 -24.75 34.10
C PRO E 41 33.64 -23.73 35.23
N VAL E 42 33.03 -22.57 34.97
CA VAL E 42 32.94 -21.49 35.95
C VAL E 42 31.56 -20.82 35.91
N LYS E 43 30.90 -20.71 37.07
CA LYS E 43 29.61 -20.06 37.14
C LYS E 43 29.74 -18.56 36.87
N LEU E 44 28.83 -18.02 36.07
CA LEU E 44 28.85 -16.60 35.73
C LEU E 44 27.82 -15.81 36.52
N ALA E 45 26.55 -16.09 36.27
CA ALA E 45 25.47 -15.39 36.95
C ALA E 45 24.24 -16.28 37.04
N SER E 46 23.25 -15.82 37.80
CA SER E 46 22.02 -16.57 37.95
C SER E 46 20.93 -15.61 38.34
N HIS E 47 20.01 -15.36 37.41
CA HIS E 47 18.94 -14.43 37.64
C HIS E 47 17.67 -14.99 37.03
N ARG E 48 16.62 -15.10 37.83
CA ARG E 48 15.37 -15.67 37.37
C ARG E 48 15.60 -17.06 36.78
N GLU E 49 15.20 -17.28 35.54
CA GLU E 49 15.43 -18.60 34.94
C GLU E 49 16.73 -18.67 34.15
N PHE E 50 17.47 -17.58 34.11
CA PHE E 50 18.71 -17.55 33.36
C PHE E 50 19.92 -17.86 34.25
N THR E 51 20.41 -19.10 34.15
CA THR E 51 21.64 -19.48 34.83
C THR E 51 22.73 -19.75 33.81
N SER E 52 23.89 -19.15 34.02
CA SER E 52 24.91 -19.13 32.99
C SER E 52 26.30 -19.45 33.53
N TRP E 53 26.94 -20.39 32.87
CA TRP E 53 28.27 -20.86 33.23
C TRP E 53 29.15 -20.67 32.02
N ARG E 54 30.43 -20.45 32.23
CA ARG E 54 31.39 -20.41 31.16
C ARG E 54 32.21 -21.69 31.21
N ALA E 55 32.73 -22.11 30.06
CA ALA E 55 33.55 -23.31 29.98
C ALA E 55 34.51 -23.15 28.81
N GLU E 56 35.26 -24.20 28.53
CA GLU E 56 36.25 -24.16 27.45
C GLU E 56 36.20 -25.48 26.71
N LEU E 57 36.21 -25.40 25.40
CA LEU E 57 36.08 -26.57 24.55
C LEU E 57 37.19 -26.56 23.51
N ASP E 58 38.14 -27.49 23.65
CA ASP E 58 39.28 -27.55 22.74
C ASP E 58 39.97 -26.20 22.60
N GLY E 59 40.20 -25.52 23.72
CA GLY E 59 40.92 -24.27 23.72
C GLY E 59 40.06 -23.02 23.66
N LYS E 60 38.83 -23.17 23.18
CA LYS E 60 37.94 -22.03 22.96
C LYS E 60 36.86 -21.90 24.02
N ALA E 61 36.67 -20.66 24.49
CA ALA E 61 35.64 -20.35 25.49
C ALA E 61 34.25 -20.61 24.92
N VAL E 62 33.37 -21.12 25.76
CA VAL E 62 32.01 -21.47 25.38
C VAL E 62 31.09 -21.07 26.50
N ILE E 63 29.85 -20.73 26.17
CA ILE E 63 28.88 -20.39 27.20
C ILE E 63 27.82 -21.49 27.28
N VAL E 64 27.30 -21.71 28.48
CA VAL E 64 26.14 -22.58 28.67
C VAL E 64 25.16 -21.76 29.49
N CYS E 65 23.95 -21.60 28.98
CA CYS E 65 23.03 -20.66 29.58
C CYS E 65 21.62 -21.17 29.41
N SER E 66 20.87 -21.27 30.50
CA SER E 66 19.52 -21.78 30.42
C SER E 66 18.57 -20.72 29.85
N THR E 67 17.43 -21.15 29.36
CA THR E 67 16.50 -20.25 28.69
C THR E 67 15.19 -20.17 29.44
N GLY E 68 14.95 -21.15 30.32
CA GLY E 68 13.63 -21.35 30.88
C GLY E 68 12.73 -22.01 29.85
N ILE E 69 11.48 -22.27 30.25
CA ILE E 69 10.46 -22.82 29.36
C ILE E 69 9.77 -21.75 28.52
N GLY E 70 9.84 -21.86 27.20
CA GLY E 70 9.01 -21.00 26.37
C GLY E 70 9.81 -20.04 25.52
N GLY E 71 9.19 -19.57 24.46
CA GLY E 71 9.87 -18.73 23.48
C GLY E 71 10.20 -17.32 23.98
N PRO E 72 9.29 -16.70 24.74
CA PRO E 72 9.54 -15.38 25.34
C PRO E 72 10.87 -15.32 26.14
N SER E 73 11.08 -16.26 27.06
CA SER E 73 12.33 -16.18 27.86
C SER E 73 13.54 -16.63 27.04
N THR E 74 13.28 -17.39 25.98
CA THR E 74 14.33 -17.79 25.07
C THR E 74 14.77 -16.61 24.21
N SER E 75 13.82 -15.82 23.75
CA SER E 75 14.14 -14.66 22.92
C SER E 75 15.03 -13.68 23.70
N ILE E 76 14.73 -13.54 24.97
CA ILE E 76 15.52 -12.66 25.84
C ILE E 76 16.96 -13.16 25.96
N ALA E 77 17.10 -14.43 26.33
CA ALA E 77 18.42 -14.98 26.56
C ALA E 77 19.26 -14.92 25.30
N VAL E 78 18.66 -15.28 24.17
CA VAL E 78 19.34 -15.27 22.88
C VAL E 78 19.73 -13.86 22.43
N GLU E 79 18.82 -12.90 22.62
CA GLU E 79 19.11 -11.53 22.26
C GLU E 79 20.27 -10.96 23.07
N GLU E 80 20.23 -11.13 24.38
CA GLU E 80 21.25 -10.54 25.24
C GLU E 80 22.60 -11.25 25.05
N LEU E 81 22.59 -12.57 24.84
CA LEU E 81 23.81 -13.28 24.52
C LEU E 81 24.43 -12.75 23.22
N ALA E 82 23.59 -12.47 22.22
CA ALA E 82 24.11 -11.98 20.94
C ALA E 82 24.71 -10.58 21.06
N GLN E 83 24.12 -9.75 21.91
CA GLN E 83 24.72 -8.46 22.23
C GLN E 83 26.12 -8.64 22.84
N LEU E 84 26.35 -9.76 23.52
CA LEU E 84 27.63 -10.02 24.20
C LEU E 84 28.60 -10.82 23.34
N GLY E 85 28.21 -11.12 22.10
CA GLY E 85 29.10 -11.79 21.17
C GLY E 85 28.74 -13.17 20.65
N ILE E 86 27.73 -13.83 21.21
CA ILE E 86 27.37 -15.18 20.75
C ILE E 86 26.79 -15.16 19.33
N ARG E 87 27.31 -16.03 18.45
CA ARG E 87 26.83 -16.15 17.08
C ARG E 87 26.23 -17.53 16.74
N THR E 88 26.49 -18.51 17.59
CA THR E 88 26.00 -19.88 17.39
C THR E 88 25.26 -20.36 18.63
N PHE E 89 24.07 -20.91 18.44
CA PHE E 89 23.26 -21.37 19.56
C PHE E 89 22.84 -22.82 19.39
N LEU E 90 23.26 -23.68 20.31
CA LEU E 90 22.87 -25.09 20.25
C LEU E 90 21.90 -25.40 21.36
N ARG E 91 20.65 -25.64 21.00
CA ARG E 91 19.65 -25.97 22.01
C ARG E 91 19.59 -27.46 22.29
N ILE E 92 19.46 -27.80 23.57
CA ILE E 92 19.34 -29.17 24.01
C ILE E 92 18.14 -29.28 24.94
N GLY E 93 17.19 -30.14 24.60
CA GLY E 93 15.96 -30.20 25.38
C GLY E 93 15.36 -31.57 25.55
N THR E 94 14.19 -31.62 26.17
CA THR E 94 13.39 -32.82 26.24
C THR E 94 12.18 -32.65 25.33
N THR E 95 11.61 -33.76 24.90
CA THR E 95 10.51 -33.68 23.95
C THR E 95 9.58 -34.88 24.02
N GLY E 96 8.35 -34.69 23.57
CA GLY E 96 7.39 -35.76 23.46
C GLY E 96 7.17 -36.12 22.00
N ALA E 97 7.49 -37.35 21.64
CA ALA E 97 7.32 -37.82 20.27
C ALA E 97 5.87 -38.15 20.00
N ILE E 98 5.46 -38.01 18.74
CA ILE E 98 4.10 -38.33 18.33
C ILE E 98 4.05 -39.34 17.18
N GLN E 99 5.21 -39.81 16.73
CA GLN E 99 5.27 -40.88 15.73
C GLN E 99 5.48 -42.24 16.42
N PRO E 100 4.73 -43.28 16.00
CA PRO E 100 4.77 -44.59 16.66
C PRO E 100 6.16 -45.22 16.71
N HIS E 101 6.94 -45.08 15.65
CA HIS E 101 8.24 -45.73 15.54
C HIS E 101 9.34 -45.05 16.34
N ILE E 102 9.03 -43.98 17.07
CA ILE E 102 10.04 -43.26 17.85
C ILE E 102 9.93 -43.63 19.32
N ASN E 103 11.00 -44.19 19.88
CA ASN E 103 10.96 -44.66 21.26
C ASN E 103 11.58 -43.68 22.25
N VAL E 104 11.12 -43.73 23.50
CA VAL E 104 11.74 -43.01 24.60
C VAL E 104 13.22 -43.36 24.62
N GLY E 105 14.07 -42.37 24.83
CA GLY E 105 15.50 -42.58 24.78
C GLY E 105 16.13 -42.31 23.41
N ASP E 106 15.30 -42.17 22.39
CA ASP E 106 15.78 -41.81 21.06
C ASP E 106 16.17 -40.32 21.02
N VAL E 107 17.04 -39.95 20.09
CA VAL E 107 17.47 -38.57 19.91
C VAL E 107 16.81 -37.97 18.65
N LEU E 108 16.34 -36.73 18.75
CA LEU E 108 15.72 -36.05 17.61
C LEU E 108 16.49 -34.78 17.24
N VAL E 109 16.84 -34.65 15.96
CA VAL E 109 17.42 -33.41 15.47
C VAL E 109 16.37 -32.70 14.61
N THR E 110 16.06 -31.47 14.97
CA THR E 110 15.06 -30.68 14.26
C THR E 110 15.70 -29.98 13.07
N THR E 111 15.11 -30.14 11.90
CA THR E 111 15.57 -29.40 10.72
C THR E 111 14.84 -28.05 10.59
N ALA E 112 13.59 -28.02 11.04
CA ALA E 112 12.78 -26.81 11.04
C ALA E 112 11.58 -27.10 11.93
N SER E 113 10.92 -26.06 12.42
CA SER E 113 9.79 -26.27 13.31
C SER E 113 8.48 -25.69 12.81
N VAL E 114 7.38 -26.35 13.17
CA VAL E 114 6.06 -25.78 12.99
C VAL E 114 5.93 -24.66 14.01
N ARG E 115 5.59 -23.46 13.53
CA ARG E 115 5.49 -22.27 14.38
C ARG E 115 4.12 -22.17 15.04
N LEU E 116 3.97 -22.86 16.17
CA LEU E 116 2.75 -22.81 16.99
C LEU E 116 3.00 -21.94 18.21
N ASP E 117 3.81 -20.91 18.02
CA ASP E 117 4.23 -20.04 19.10
C ASP E 117 3.89 -18.62 18.71
N GLY E 118 4.23 -17.68 19.58
CA GLY E 118 3.96 -16.27 19.33
C GLY E 118 5.21 -15.45 19.09
N ALA E 119 6.28 -15.77 19.79
CA ALA E 119 7.49 -14.96 19.75
C ALA E 119 8.18 -14.94 18.39
N SER E 120 8.13 -16.05 17.66
CA SER E 120 8.75 -16.09 16.33
C SER E 120 8.21 -14.97 15.42
N LEU E 121 6.94 -14.61 15.61
CA LEU E 121 6.29 -13.57 14.81
C LEU E 121 6.84 -12.15 15.10
N HIS E 122 7.51 -12.01 16.24
CA HIS E 122 8.13 -10.73 16.58
C HIS E 122 9.46 -10.58 15.85
N PHE E 123 9.88 -11.64 15.18
CA PHE E 123 11.12 -11.63 14.41
C PHE E 123 10.89 -11.76 12.91
N ALA E 124 9.89 -12.55 12.53
CA ALA E 124 9.53 -12.70 11.11
C ALA E 124 8.07 -13.03 10.96
N PRO E 125 7.47 -12.69 9.79
CA PRO E 125 6.07 -13.06 9.58
C PRO E 125 5.92 -14.58 9.44
N MET E 126 4.69 -15.09 9.49
CA MET E 126 4.44 -16.53 9.53
C MET E 126 5.03 -17.28 8.34
N GLU E 127 5.05 -16.64 7.17
CA GLU E 127 5.58 -17.26 5.95
C GLU E 127 7.06 -17.68 6.04
N PHE E 128 7.82 -17.04 6.92
CA PHE E 128 9.26 -17.32 7.06
C PHE E 128 9.48 -18.64 7.82
N PRO E 129 10.39 -19.49 7.34
CA PRO E 129 10.56 -20.82 7.94
C PRO E 129 11.42 -20.76 9.22
N ALA E 130 10.93 -21.37 10.29
CA ALA E 130 11.74 -21.59 11.50
C ALA E 130 12.68 -22.74 11.21
N VAL E 131 13.72 -22.43 10.46
CA VAL E 131 14.60 -23.44 9.91
C VAL E 131 15.94 -23.36 10.61
N ALA E 132 16.51 -24.51 10.94
CA ALA E 132 17.81 -24.56 11.60
C ALA E 132 18.94 -24.34 10.60
N ASP E 133 20.09 -23.92 11.13
CA ASP E 133 21.25 -23.64 10.31
C ASP E 133 21.82 -24.95 9.78
N PHE E 134 22.22 -24.97 8.52
CA PHE E 134 22.65 -26.22 7.91
C PHE E 134 23.91 -26.79 8.54
N ALA E 135 24.86 -25.92 8.87
CA ALA E 135 26.07 -26.35 9.59
C ALA E 135 25.79 -26.95 10.98
N CYS E 136 24.88 -26.35 11.74
CA CYS E 136 24.60 -26.85 13.08
C CYS E 136 23.92 -28.20 12.99
N THR E 137 23.04 -28.32 12.01
CA THR E 137 22.22 -29.50 11.83
C THR E 137 23.09 -30.67 11.39
N THR E 138 24.13 -30.37 10.63
CA THR E 138 25.06 -31.38 10.17
C THR E 138 25.92 -31.86 11.32
N ALA E 139 26.36 -30.92 12.15
CA ALA E 139 27.19 -31.24 13.31
C ALA E 139 26.43 -32.14 14.29
N LEU E 140 25.16 -31.82 14.51
CA LEU E 140 24.35 -32.59 15.42
C LEU E 140 24.14 -34.02 14.88
N VAL E 141 23.82 -34.12 13.60
CA VAL E 141 23.59 -35.40 12.97
C VAL E 141 24.84 -36.27 12.97
N GLU E 142 25.99 -35.67 12.71
CA GLU E 142 27.21 -36.46 12.64
C GLU E 142 27.73 -36.82 14.02
N ALA E 143 27.41 -35.99 15.02
CA ALA E 143 27.75 -36.35 16.39
C ALA E 143 26.92 -37.56 16.80
N ALA E 144 25.60 -37.48 16.60
CA ALA E 144 24.72 -38.59 16.95
C ALA E 144 25.17 -39.92 16.33
N LYS E 145 25.63 -39.89 15.08
CA LYS E 145 26.05 -41.10 14.38
C LYS E 145 27.38 -41.62 14.87
N SER E 146 28.24 -40.71 15.34
CA SER E 146 29.57 -41.10 15.81
C SER E 146 29.46 -41.89 17.09
N ILE E 147 28.47 -41.57 17.92
CA ILE E 147 28.28 -42.26 19.19
C ILE E 147 27.22 -43.37 19.07
N GLY E 148 26.65 -43.51 17.87
CA GLY E 148 25.71 -44.58 17.60
C GLY E 148 24.37 -44.47 18.31
N ALA E 149 23.91 -43.25 18.51
CA ALA E 149 22.61 -43.01 19.12
C ALA E 149 21.51 -43.22 18.09
N THR E 150 20.39 -43.76 18.52
CA THR E 150 19.24 -43.89 17.63
C THR E 150 18.70 -42.47 17.34
N THR E 151 18.79 -42.05 16.09
CA THR E 151 18.44 -40.68 15.74
C THR E 151 17.33 -40.55 14.71
N HIS E 152 16.51 -39.53 14.89
CA HIS E 152 15.52 -39.16 13.89
C HIS E 152 15.68 -37.68 13.57
N VAL E 153 15.69 -37.39 12.27
CA VAL E 153 15.93 -36.05 11.76
C VAL E 153 14.71 -35.61 10.99
N GLY E 154 14.18 -34.43 11.32
CA GLY E 154 13.03 -33.89 10.64
C GLY E 154 12.35 -32.76 11.39
N VAL E 155 11.06 -32.62 11.16
CA VAL E 155 10.26 -31.50 11.62
C VAL E 155 9.65 -31.69 13.02
N THR E 156 9.64 -30.60 13.77
CA THR E 156 9.16 -30.54 15.15
C THR E 156 8.07 -29.49 15.25
N ALA E 157 6.99 -29.77 15.96
CA ALA E 157 5.98 -28.77 16.25
C ALA E 157 6.32 -28.04 17.56
N SER E 158 6.54 -26.74 17.51
CA SER E 158 6.92 -25.96 18.69
C SER E 158 5.75 -25.14 19.23
N SER E 159 5.26 -25.52 20.41
CA SER E 159 4.01 -25.00 20.98
C SER E 159 4.19 -23.98 22.12
N ASP E 160 3.40 -22.91 22.09
CA ASP E 160 3.41 -21.93 23.18
C ASP E 160 2.78 -22.45 24.47
N THR E 161 2.19 -23.64 24.43
CA THR E 161 1.70 -24.28 25.65
C THR E 161 2.14 -25.73 25.75
N PHE E 162 2.08 -26.26 26.96
CA PHE E 162 2.36 -27.67 27.20
C PHE E 162 1.07 -28.48 27.05
N TYR E 163 -0.05 -27.89 27.44
CA TYR E 163 -1.33 -28.61 27.44
C TYR E 163 -2.17 -28.56 26.13
N PRO E 164 -3.01 -27.51 25.97
CA PRO E 164 -3.90 -27.49 24.78
C PRO E 164 -3.17 -27.50 23.44
N GLY E 165 -2.07 -26.77 23.32
CA GLY E 165 -1.29 -26.75 22.10
C GLY E 165 -0.69 -28.10 21.68
N GLN E 166 -0.50 -29.00 22.63
CA GLN E 166 0.00 -30.34 22.28
C GLN E 166 -1.16 -31.34 22.42
N GLU E 167 -2.38 -30.79 22.40
CA GLU E 167 -3.63 -31.54 22.46
C GLU E 167 -3.75 -32.55 23.61
N ARG E 168 -3.41 -32.09 24.82
CA ARG E 168 -3.70 -32.84 26.04
C ARG E 168 -5.11 -32.53 26.51
N TYR E 169 -5.90 -33.56 26.76
CA TYR E 169 -7.27 -33.39 27.26
C TYR E 169 -7.37 -33.65 28.77
N ASP E 170 -6.33 -34.25 29.35
CA ASP E 170 -6.35 -34.56 30.77
C ASP E 170 -5.99 -33.32 31.58
N THR E 171 -6.91 -32.36 31.58
CA THR E 171 -6.63 -31.04 32.10
C THR E 171 -7.78 -30.56 32.96
N TYR E 172 -7.59 -29.38 33.55
CA TYR E 172 -8.62 -28.81 34.39
C TYR E 172 -9.92 -28.55 33.62
N SER E 173 -9.84 -27.91 32.45
CA SER E 173 -11.05 -27.65 31.65
C SER E 173 -11.46 -28.90 30.88
N GLY E 174 -10.47 -29.66 30.43
CA GLY E 174 -10.75 -30.87 29.67
C GLY E 174 -11.10 -30.56 28.23
N ARG E 175 -11.12 -29.28 27.87
CA ARG E 175 -11.37 -28.89 26.49
C ARG E 175 -10.11 -28.37 25.80
N VAL E 176 -10.14 -28.45 24.47
CA VAL E 176 -9.11 -27.90 23.63
C VAL E 176 -9.81 -27.05 22.59
N VAL E 177 -9.27 -25.85 22.37
CA VAL E 177 -9.81 -24.88 21.44
C VAL E 177 -9.82 -25.41 19.99
N ARG E 178 -10.83 -25.00 19.22
CA ARG E 178 -11.03 -25.45 17.86
C ARG E 178 -9.73 -25.59 17.09
N ARG E 179 -8.96 -24.51 17.04
CA ARG E 179 -7.71 -24.49 16.29
C ARG E 179 -6.85 -25.71 16.58
N PHE E 180 -6.85 -26.21 17.82
CA PHE E 180 -5.95 -27.31 18.16
C PHE E 180 -6.63 -28.67 18.24
N LYS E 181 -7.96 -28.67 18.24
CA LYS E 181 -8.71 -29.92 18.27
C LYS E 181 -8.41 -30.72 17.00
N GLY E 182 -8.00 -31.97 17.17
CA GLY E 182 -7.67 -32.84 16.05
C GLY E 182 -6.27 -32.58 15.49
N SER E 183 -5.57 -31.62 16.09
CA SER E 183 -4.29 -31.17 15.54
C SER E 183 -3.16 -32.18 15.62
N MET E 184 -3.08 -32.92 16.73
CA MET E 184 -1.98 -33.89 16.87
C MET E 184 -2.00 -34.94 15.75
N GLU E 185 -3.19 -35.45 15.46
CA GLU E 185 -3.36 -36.40 14.36
C GLU E 185 -2.89 -35.80 13.03
N GLU E 186 -3.20 -34.51 12.80
CA GLU E 186 -2.75 -33.83 11.58
C GLU E 186 -1.21 -33.75 11.49
N TRP E 187 -0.55 -33.33 12.56
CA TRP E 187 0.91 -33.23 12.54
C TRP E 187 1.53 -34.62 12.29
N GLN E 188 0.90 -35.65 12.86
CA GLN E 188 1.31 -37.04 12.61
C GLN E 188 1.24 -37.38 11.12
N ALA E 189 0.08 -37.17 10.51
CA ALA E 189 -0.07 -37.47 9.09
C ALA E 189 0.97 -36.69 8.28
N MET E 190 1.34 -35.50 8.77
CA MET E 190 2.29 -34.65 8.06
C MET E 190 3.75 -35.04 8.30
N GLY E 191 3.95 -36.02 9.17
CA GLY E 191 5.28 -36.54 9.43
C GLY E 191 6.06 -35.81 10.50
N VAL E 192 5.37 -34.98 11.29
CA VAL E 192 6.02 -34.26 12.38
C VAL E 192 6.46 -35.25 13.45
N MET E 193 7.69 -35.12 13.91
CA MET E 193 8.24 -36.07 14.87
C MET E 193 7.70 -35.91 16.29
N ASN E 194 7.61 -34.67 16.75
CA ASN E 194 7.49 -34.39 18.18
C ASN E 194 6.99 -32.98 18.53
N TYR E 195 6.68 -32.77 19.81
CA TYR E 195 6.35 -31.46 20.38
C TYR E 195 7.40 -30.98 21.34
N GLU E 196 7.69 -29.69 21.28
CA GLU E 196 8.38 -29.02 22.39
C GLU E 196 7.99 -27.55 22.34
N MET E 197 8.69 -26.70 23.10
CA MET E 197 8.17 -25.37 23.31
C MET E 197 9.09 -24.20 23.00
N GLU E 198 10.31 -24.45 22.53
CA GLU E 198 11.20 -23.32 22.31
C GLU E 198 11.72 -23.21 20.89
N SER E 199 11.76 -24.34 20.17
CA SER E 199 12.46 -24.37 18.88
C SER E 199 12.01 -23.32 17.86
N ALA E 200 10.70 -23.14 17.69
CA ALA E 200 10.20 -22.21 16.67
C ALA E 200 10.76 -20.79 16.88
N THR E 201 10.73 -20.34 18.13
CA THR E 201 11.27 -19.03 18.47
C THR E 201 12.76 -18.94 18.23
N LEU E 202 13.50 -19.91 18.75
CA LEU E 202 14.94 -19.91 18.64
C LEU E 202 15.38 -19.92 17.19
N LEU E 203 14.82 -20.86 16.43
CA LEU E 203 15.24 -21.03 15.05
C LEU E 203 14.85 -19.81 14.20
N THR E 204 13.62 -19.32 14.36
CA THR E 204 13.16 -18.19 13.56
C THR E 204 14.02 -16.95 13.84
N MET E 205 14.21 -16.63 15.12
CA MET E 205 14.97 -15.43 15.45
C MET E 205 16.43 -15.53 15.03
N CYS E 206 17.01 -16.74 15.00
CA CYS E 206 18.40 -16.83 14.60
C CYS E 206 18.55 -16.79 13.08
N ALA E 207 17.68 -17.54 12.39
CA ALA E 207 17.74 -17.56 10.94
C ALA E 207 17.48 -16.16 10.32
N SER E 208 16.67 -15.34 10.98
CA SER E 208 16.33 -14.03 10.39
C SER E 208 17.22 -12.88 10.88
N GLN E 209 18.24 -13.21 11.65
CA GLN E 209 19.12 -12.21 12.23
C GLN E 209 20.59 -12.57 12.09
N GLY E 210 20.88 -13.49 11.16
CA GLY E 210 22.23 -13.88 10.87
C GLY E 210 22.96 -14.64 11.97
N LEU E 211 22.21 -15.39 12.78
CA LEU E 211 22.81 -16.23 13.81
C LEU E 211 22.59 -17.70 13.43
N ARG E 212 23.51 -18.57 13.85
CA ARG E 212 23.37 -19.99 13.60
C ARG E 212 22.70 -20.68 14.77
N ALA E 213 21.70 -21.51 14.47
CA ALA E 213 21.02 -22.26 15.51
C ALA E 213 20.86 -23.72 15.14
N GLY E 214 21.06 -24.59 16.13
CA GLY E 214 20.80 -26.02 15.99
C GLY E 214 19.95 -26.50 17.14
N MET E 215 19.35 -27.68 16.99
CA MET E 215 18.39 -28.21 17.95
C MET E 215 18.42 -29.74 18.01
N VAL E 216 18.61 -30.28 19.22
CA VAL E 216 18.62 -31.72 19.45
C VAL E 216 17.91 -31.98 20.78
N ALA E 217 17.12 -33.04 20.84
CA ALA E 217 16.31 -33.30 22.02
C ALA E 217 16.22 -34.78 22.37
N GLY E 218 16.05 -35.07 23.65
CA GLY E 218 15.83 -36.43 24.11
C GLY E 218 14.35 -36.73 24.23
N VAL E 219 13.93 -37.89 23.73
CA VAL E 219 12.52 -38.26 23.86
C VAL E 219 12.25 -38.85 25.24
N ILE E 220 11.30 -38.27 25.98
CA ILE E 220 10.96 -38.76 27.31
C ILE E 220 9.55 -39.31 27.43
N VAL E 221 8.76 -39.18 26.37
CA VAL E 221 7.46 -39.82 26.32
C VAL E 221 7.01 -39.95 24.88
N ASN E 222 6.26 -41.01 24.60
CA ASN E 222 5.64 -41.14 23.29
C ASN E 222 4.14 -40.94 23.42
N ARG E 223 3.61 -39.93 22.72
CA ARG E 223 2.21 -39.54 22.89
C ARG E 223 1.19 -40.52 22.30
N THR E 224 1.65 -41.56 21.61
CA THR E 224 0.73 -42.61 21.19
C THR E 224 0.51 -43.59 22.34
N GLN E 225 1.46 -43.63 23.27
CA GLN E 225 1.37 -44.43 24.49
C GLN E 225 0.64 -43.73 25.65
N GLN E 226 0.99 -42.47 25.91
CA GLN E 226 0.51 -41.76 27.11
C GLN E 226 0.74 -40.25 27.02
N GLU E 227 0.04 -39.48 27.85
CA GLU E 227 0.11 -38.02 27.77
C GLU E 227 1.27 -37.44 28.58
N ILE E 228 1.37 -37.86 29.84
CA ILE E 228 2.41 -37.38 30.75
C ILE E 228 3.57 -38.37 30.89
N PRO E 229 4.80 -37.89 30.71
CA PRO E 229 5.99 -38.73 30.79
C PRO E 229 6.12 -39.37 32.17
N ASN E 230 6.57 -40.61 32.25
CA ASN E 230 6.77 -41.29 33.54
C ASN E 230 7.83 -40.62 34.42
N ALA E 231 8.04 -41.18 35.61
CA ALA E 231 9.06 -40.68 36.52
C ALA E 231 10.42 -40.62 35.81
N GLU E 232 11.05 -41.77 35.63
CA GLU E 232 12.29 -41.88 34.87
C GLU E 232 12.83 -43.30 34.84
N GLU E 238 21.86 -43.68 26.89
CA GLU E 238 21.64 -42.90 28.11
C GLU E 238 22.38 -41.56 28.06
N SER E 239 21.63 -40.48 28.30
CA SER E 239 22.16 -39.13 28.26
C SER E 239 22.83 -38.84 26.92
N HIS E 240 22.34 -39.50 25.88
CA HIS E 240 22.92 -39.36 24.55
C HIS E 240 22.78 -37.92 24.02
N ALA E 241 21.64 -37.30 24.27
CA ALA E 241 21.37 -35.95 23.76
C ALA E 241 22.43 -34.93 24.22
N VAL E 242 22.67 -34.87 25.53
CA VAL E 242 23.62 -33.94 26.08
C VAL E 242 25.04 -34.24 25.59
N LYS E 243 25.36 -35.52 25.49
CA LYS E 243 26.65 -35.94 24.97
C LYS E 243 26.79 -35.45 23.53
N ILE E 244 25.70 -35.53 22.78
CA ILE E 244 25.68 -35.14 21.37
C ILE E 244 25.86 -33.63 21.18
N VAL E 245 25.20 -32.82 21.99
CA VAL E 245 25.32 -31.36 21.83
C VAL E 245 26.74 -30.86 22.11
N VAL E 246 27.41 -31.42 23.10
CA VAL E 246 28.79 -31.03 23.42
C VAL E 246 29.74 -31.48 22.30
N GLU E 247 29.54 -32.69 21.82
CA GLU E 247 30.28 -33.19 20.67
C GLU E 247 30.04 -32.36 19.39
N ALA E 248 28.80 -31.93 19.17
CA ALA E 248 28.50 -31.14 17.97
C ALA E 248 29.18 -29.79 18.06
N ALA E 249 29.24 -29.25 19.28
CA ALA E 249 29.90 -27.97 19.53
C ALA E 249 31.39 -27.97 19.19
N ARG E 250 32.06 -29.11 19.41
CA ARG E 250 33.48 -29.19 19.09
C ARG E 250 33.74 -28.97 17.61
N ARG E 251 32.76 -29.32 16.78
CA ARG E 251 32.90 -29.18 15.33
C ARG E 251 32.47 -27.80 14.87
N LEU E 252 31.64 -27.14 15.66
CA LEU E 252 31.09 -25.85 15.27
C LEU E 252 31.96 -24.69 15.77
N LEU E 253 33.02 -25.04 16.50
CA LEU E 253 33.92 -24.03 17.03
C LEU E 253 34.82 -23.47 15.93
N LYS F 3 -3.25 -44.40 -23.77
CA LYS F 3 -3.79 -44.09 -22.45
C LYS F 3 -2.72 -43.57 -21.49
N SER F 4 -3.12 -43.28 -20.26
CA SER F 4 -2.20 -42.84 -19.21
C SER F 4 -2.79 -43.09 -17.82
N ASP F 5 -1.92 -43.33 -16.85
CA ASP F 5 -2.35 -43.56 -15.48
C ASP F 5 -2.60 -42.24 -14.76
N VAL F 6 -1.95 -41.18 -15.22
CA VAL F 6 -2.07 -39.86 -14.58
C VAL F 6 -2.60 -38.81 -15.54
N PHE F 7 -3.47 -37.95 -15.03
CA PHE F 7 -4.23 -37.05 -15.88
C PHE F 7 -3.42 -36.02 -16.67
N HIS F 8 -2.40 -35.40 -16.08
CA HIS F 8 -1.64 -34.38 -16.80
C HIS F 8 -0.38 -34.87 -17.51
N LEU F 9 0.37 -35.74 -16.85
CA LEU F 9 1.70 -36.11 -17.33
C LEU F 9 1.68 -37.05 -18.54
N GLY F 10 0.60 -37.81 -18.70
CA GLY F 10 0.51 -38.77 -19.78
C GLY F 10 1.52 -39.90 -19.61
N LEU F 11 1.80 -40.28 -18.38
CA LEU F 11 2.76 -41.33 -18.09
C LEU F 11 2.10 -42.50 -17.38
N THR F 12 2.58 -43.71 -17.66
CA THR F 12 2.19 -44.89 -16.90
C THR F 12 3.38 -45.31 -16.05
N LYS F 13 3.13 -46.13 -15.05
CA LYS F 13 4.20 -46.58 -14.17
CA LYS F 13 4.21 -46.59 -14.17
C LYS F 13 5.21 -47.44 -14.94
N ASN F 14 4.75 -48.01 -16.05
CA ASN F 14 5.58 -48.83 -16.95
C ASN F 14 6.67 -47.97 -17.60
N ASP F 15 6.33 -46.71 -17.87
CA ASP F 15 7.28 -45.74 -18.41
C ASP F 15 8.46 -45.44 -17.48
N LEU F 16 8.23 -45.51 -16.18
CA LEU F 16 9.30 -45.22 -15.21
C LEU F 16 10.33 -46.34 -15.01
N GLN F 17 9.91 -47.59 -15.18
CA GLN F 17 10.79 -48.76 -15.05
C GLN F 17 11.50 -48.81 -13.70
N GLY F 18 10.75 -48.57 -12.64
CA GLY F 18 11.27 -48.69 -11.30
C GLY F 18 11.85 -47.40 -10.72
N ALA F 19 11.94 -46.34 -11.52
CA ALA F 19 12.49 -45.07 -11.04
C ALA F 19 11.78 -44.58 -9.78
N GLN F 20 12.54 -44.12 -8.79
CA GLN F 20 11.97 -43.54 -7.58
C GLN F 20 12.52 -42.13 -7.28
N LEU F 21 13.44 -41.69 -8.12
CA LEU F 21 13.97 -40.32 -8.02
C LEU F 21 13.69 -39.53 -9.30
N ALA F 22 13.29 -38.26 -9.14
CA ALA F 22 13.15 -37.36 -10.29
C ALA F 22 13.87 -36.04 -10.11
N ILE F 23 14.52 -35.61 -11.19
CA ILE F 23 15.06 -34.28 -11.29
C ILE F 23 14.03 -33.44 -12.03
N VAL F 24 13.69 -32.29 -11.47
CA VAL F 24 12.57 -31.52 -12.01
C VAL F 24 12.93 -30.05 -12.22
N PRO F 25 13.31 -29.70 -13.45
CA PRO F 25 13.53 -28.30 -13.84
C PRO F 25 12.21 -27.61 -14.15
N GLY F 26 12.24 -26.29 -14.28
CA GLY F 26 11.07 -25.54 -14.72
C GLY F 26 10.88 -25.53 -16.23
N ASP F 27 11.98 -25.42 -16.98
CA ASP F 27 11.89 -25.26 -18.44
C ASP F 27 11.77 -26.61 -19.16
N PRO F 28 10.68 -26.80 -19.91
CA PRO F 28 10.48 -28.04 -20.67
C PRO F 28 11.65 -28.26 -21.59
N GLU F 29 12.22 -27.16 -22.08
CA GLU F 29 13.28 -27.21 -23.07
C GLU F 29 14.58 -27.75 -22.48
N ARG F 30 14.69 -27.68 -21.15
CA ARG F 30 15.91 -28.06 -20.46
C ARG F 30 15.96 -29.55 -20.15
N VAL F 31 14.80 -30.20 -20.17
CA VAL F 31 14.68 -31.59 -19.78
C VAL F 31 15.61 -32.49 -20.60
N GLU F 32 15.56 -32.38 -21.92
CA GLU F 32 16.42 -33.18 -22.78
C GLU F 32 17.91 -32.96 -22.52
N LYS F 33 18.31 -31.71 -22.33
CA LYS F 33 19.72 -31.40 -22.09
C LYS F 33 20.22 -31.99 -20.78
N ILE F 34 19.35 -32.05 -19.79
CA ILE F 34 19.69 -32.63 -18.49
C ILE F 34 19.73 -34.16 -18.57
N ALA F 35 18.75 -34.74 -19.25
CA ALA F 35 18.69 -36.18 -19.46
C ALA F 35 19.87 -36.66 -20.29
N ALA F 36 20.34 -35.83 -21.22
CA ALA F 36 21.40 -36.25 -22.13
C ALA F 36 22.75 -36.30 -21.41
N LEU F 37 22.77 -35.90 -20.15
CA LEU F 37 23.99 -35.94 -19.38
C LEU F 37 24.16 -37.30 -18.72
N MET F 38 23.14 -38.13 -18.84
CA MET F 38 23.13 -39.44 -18.19
C MET F 38 23.09 -40.57 -19.21
N ASP F 39 22.77 -41.78 -18.77
CA ASP F 39 22.80 -42.97 -19.62
C ASP F 39 21.45 -43.29 -20.28
N LYS F 40 21.50 -43.73 -21.54
CA LYS F 40 20.31 -44.25 -22.22
C LYS F 40 19.07 -43.37 -22.14
N PRO F 41 19.21 -42.07 -22.44
CA PRO F 41 18.08 -41.15 -22.33
C PRO F 41 16.96 -41.45 -23.33
N VAL F 42 15.72 -41.48 -22.85
CA VAL F 42 14.56 -41.75 -23.68
C VAL F 42 13.45 -40.76 -23.35
N LYS F 43 12.84 -40.19 -24.38
CA LYS F 43 11.71 -39.28 -24.15
C LYS F 43 10.45 -40.06 -23.83
N LEU F 44 9.80 -39.73 -22.73
CA LEU F 44 8.57 -40.40 -22.32
C LEU F 44 7.34 -39.74 -22.90
N ALA F 45 7.17 -38.47 -22.60
CA ALA F 45 5.99 -37.75 -23.06
C ALA F 45 6.19 -36.26 -22.98
N SER F 46 5.30 -35.53 -23.64
CA SER F 46 5.31 -34.09 -23.56
C SER F 46 3.89 -33.57 -23.74
N HIS F 47 3.31 -33.11 -22.65
CA HIS F 47 1.98 -32.55 -22.69
C HIS F 47 1.99 -31.20 -21.97
N ARG F 48 1.59 -30.16 -22.70
CA ARG F 48 1.59 -28.81 -22.17
C ARG F 48 2.98 -28.46 -21.67
N GLU F 49 3.14 -28.30 -20.37
CA GLU F 49 4.41 -27.83 -19.86
C GLU F 49 5.21 -28.90 -19.12
N PHE F 50 4.75 -30.14 -19.23
CA PHE F 50 5.37 -31.28 -18.59
C PHE F 50 6.03 -32.20 -19.60
N THR F 51 7.28 -31.89 -19.96
CA THR F 51 8.12 -32.76 -20.76
C THR F 51 8.86 -33.70 -19.82
N SER F 52 8.80 -35.00 -20.10
CA SER F 52 9.42 -35.99 -19.23
C SER F 52 10.34 -36.91 -20.03
N TRP F 53 11.55 -37.11 -19.51
CA TRP F 53 12.47 -38.07 -20.09
C TRP F 53 12.83 -39.06 -19.00
N ARG F 54 13.21 -40.27 -19.40
CA ARG F 54 13.77 -41.24 -18.48
C ARG F 54 15.21 -41.44 -18.90
N ALA F 55 16.08 -41.77 -17.96
CA ALA F 55 17.46 -42.10 -18.27
C ALA F 55 18.00 -42.97 -17.15
N GLU F 56 19.20 -43.52 -17.32
CA GLU F 56 19.80 -44.32 -16.27
C GLU F 56 20.97 -43.58 -15.64
N LEU F 57 21.16 -43.80 -14.34
CA LEU F 57 22.32 -43.26 -13.64
C LEU F 57 22.94 -44.40 -12.85
N ASP F 58 24.08 -44.91 -13.34
CA ASP F 58 24.79 -45.97 -12.65
C ASP F 58 23.95 -47.23 -12.53
N GLY F 59 23.19 -47.53 -13.57
CA GLY F 59 22.39 -48.73 -13.62
C GLY F 59 20.97 -48.56 -13.11
N LYS F 60 20.66 -47.37 -12.58
CA LYS F 60 19.35 -47.11 -12.00
C LYS F 60 18.58 -46.03 -12.76
N ALA F 61 17.33 -46.32 -13.06
CA ALA F 61 16.47 -45.39 -13.78
C ALA F 61 16.16 -44.16 -12.95
N VAL F 62 16.22 -43.00 -13.61
CA VAL F 62 15.78 -41.75 -13.01
C VAL F 62 14.87 -41.02 -13.99
N ILE F 63 13.97 -40.21 -13.45
CA ILE F 63 13.10 -39.40 -14.28
C ILE F 63 13.55 -37.94 -14.28
N VAL F 64 13.50 -37.30 -15.44
CA VAL F 64 13.66 -35.86 -15.52
C VAL F 64 12.35 -35.31 -16.06
N CYS F 65 11.66 -34.50 -15.27
CA CYS F 65 10.36 -33.98 -15.68
C CYS F 65 10.23 -32.49 -15.38
N SER F 66 9.81 -31.71 -16.36
CA SER F 66 9.66 -30.28 -16.16
C SER F 66 8.36 -29.98 -15.42
N THR F 67 8.37 -28.91 -14.62
CA THR F 67 7.24 -28.54 -13.78
C THR F 67 6.49 -27.34 -14.34
N GLY F 68 7.15 -26.56 -15.19
CA GLY F 68 6.61 -25.29 -15.64
C GLY F 68 6.86 -24.23 -14.56
N ILE F 69 6.39 -23.01 -14.79
CA ILE F 69 6.54 -21.95 -13.80
C ILE F 69 5.46 -21.95 -12.72
N GLY F 70 5.86 -21.90 -11.45
CA GLY F 70 4.90 -21.73 -10.37
C GLY F 70 4.48 -22.98 -9.64
N GLY F 71 4.02 -22.76 -8.41
CA GLY F 71 3.59 -23.82 -7.52
C GLY F 71 2.45 -24.70 -8.02
N PRO F 72 1.42 -24.09 -8.62
CA PRO F 72 0.25 -24.87 -9.07
C PRO F 72 0.60 -25.98 -10.04
N SER F 73 1.42 -25.70 -11.03
CA SER F 73 1.76 -26.78 -11.95
C SER F 73 2.82 -27.71 -11.35
N THR F 74 3.69 -27.16 -10.50
CA THR F 74 4.65 -27.99 -9.78
C THR F 74 3.90 -29.02 -8.93
N SER F 75 2.88 -28.58 -8.20
CA SER F 75 2.05 -29.46 -7.37
C SER F 75 1.39 -30.58 -8.19
N ILE F 76 1.02 -30.27 -9.42
CA ILE F 76 0.51 -31.30 -10.31
C ILE F 76 1.61 -32.29 -10.66
N ALA F 77 2.74 -31.81 -11.15
CA ALA F 77 3.79 -32.74 -11.59
C ALA F 77 4.29 -33.61 -10.46
N VAL F 78 4.40 -33.04 -9.26
CA VAL F 78 4.90 -33.78 -8.09
C VAL F 78 3.90 -34.84 -7.66
N GLU F 79 2.63 -34.46 -7.57
CA GLU F 79 1.57 -35.39 -7.21
C GLU F 79 1.52 -36.57 -8.18
N GLU F 80 1.51 -36.27 -9.48
CA GLU F 80 1.36 -37.34 -10.46
C GLU F 80 2.61 -38.21 -10.53
N LEU F 81 3.79 -37.62 -10.43
CA LEU F 81 4.99 -38.46 -10.37
C LEU F 81 4.97 -39.32 -9.10
N ALA F 82 4.39 -38.81 -8.03
CA ALA F 82 4.36 -39.53 -6.77
C ALA F 82 3.47 -40.76 -6.88
N GLN F 83 2.34 -40.59 -7.57
CA GLN F 83 1.44 -41.69 -7.85
C GLN F 83 2.14 -42.77 -8.67
N LEU F 84 3.10 -42.35 -9.50
CA LEU F 84 3.82 -43.28 -10.36
C LEU F 84 5.04 -43.88 -9.68
N GLY F 85 5.21 -43.60 -8.39
CA GLY F 85 6.31 -44.19 -7.65
C GLY F 85 7.51 -43.32 -7.32
N ILE F 86 7.47 -42.04 -7.64
CA ILE F 86 8.61 -41.17 -7.32
C ILE F 86 8.61 -40.75 -5.85
N ARG F 87 9.75 -40.86 -5.19
CA ARG F 87 9.81 -40.61 -3.75
C ARG F 87 10.79 -39.47 -3.39
N THR F 88 11.72 -39.18 -4.29
CA THR F 88 12.70 -38.14 -4.07
C THR F 88 12.71 -37.17 -5.25
N PHE F 89 12.53 -35.88 -4.98
CA PHE F 89 12.52 -34.86 -6.03
C PHE F 89 13.66 -33.86 -5.86
N LEU F 90 14.45 -33.71 -6.92
CA LEU F 90 15.54 -32.75 -6.91
C LEU F 90 15.28 -31.60 -7.87
N ARG F 91 14.93 -30.45 -7.33
CA ARG F 91 14.65 -29.31 -8.18
C ARG F 91 15.90 -28.55 -8.58
N ILE F 92 15.99 -28.20 -9.87
CA ILE F 92 17.02 -27.30 -10.35
C ILE F 92 16.39 -26.13 -11.08
N GLY F 93 16.79 -24.93 -10.68
CA GLY F 93 16.19 -23.74 -11.26
C GLY F 93 17.16 -22.61 -11.47
N THR F 94 16.60 -21.48 -11.86
CA THR F 94 17.36 -20.25 -11.98
C THR F 94 16.76 -19.31 -10.97
N THR F 95 17.52 -18.29 -10.59
CA THR F 95 17.08 -17.44 -9.52
C THR F 95 17.70 -16.05 -9.61
N GLY F 96 17.10 -15.08 -8.92
CA GLY F 96 17.70 -13.77 -8.79
C GLY F 96 18.18 -13.57 -7.35
N ALA F 97 19.46 -13.27 -7.17
CA ALA F 97 20.00 -13.07 -5.83
C ALA F 97 19.60 -11.69 -5.32
N ILE F 98 19.41 -11.57 -4.01
CA ILE F 98 19.07 -10.29 -3.41
C ILE F 98 20.10 -9.82 -2.39
N GLN F 99 21.14 -10.61 -2.21
CA GLN F 99 22.27 -10.23 -1.36
C GLN F 99 23.44 -9.79 -2.24
N PRO F 100 24.06 -8.66 -1.91
CA PRO F 100 25.11 -8.08 -2.77
C PRO F 100 26.34 -8.98 -2.93
N HIS F 101 26.64 -9.80 -1.93
CA HIS F 101 27.83 -10.66 -2.00
C HIS F 101 27.64 -11.90 -2.89
N ILE F 102 26.40 -12.18 -3.30
CA ILE F 102 26.15 -13.34 -4.17
C ILE F 102 26.23 -12.92 -5.63
N ASN F 103 27.07 -13.61 -6.39
CA ASN F 103 27.33 -13.22 -7.78
C ASN F 103 26.54 -14.02 -8.80
N VAL F 104 26.37 -13.44 -9.98
CA VAL F 104 25.75 -14.17 -11.07
C VAL F 104 26.66 -15.34 -11.40
N GLY F 105 26.05 -16.52 -11.56
CA GLY F 105 26.82 -17.71 -11.81
C GLY F 105 27.09 -18.54 -10.57
N ASP F 106 26.89 -17.96 -9.39
CA ASP F 106 27.04 -18.73 -8.16
C ASP F 106 25.87 -19.70 -8.00
N VAL F 107 26.05 -20.72 -7.16
CA VAL F 107 25.04 -21.74 -6.97
C VAL F 107 24.43 -21.64 -5.58
N LEU F 108 23.11 -21.75 -5.51
CA LEU F 108 22.42 -21.63 -4.23
C LEU F 108 21.70 -22.93 -3.83
N VAL F 109 21.93 -23.37 -2.59
CA VAL F 109 21.20 -24.50 -2.04
C VAL F 109 20.26 -24.02 -0.96
N THR F 110 18.98 -24.37 -1.13
CA THR F 110 17.92 -23.88 -0.26
C THR F 110 17.66 -24.88 0.86
N THR F 111 17.76 -24.40 2.08
CA THR F 111 17.48 -25.20 3.24
C THR F 111 15.99 -25.10 3.49
N ALA F 112 15.42 -23.94 3.21
CA ALA F 112 14.00 -23.73 3.42
C ALA F 112 13.51 -22.49 2.70
N SER F 113 12.20 -22.34 2.60
CA SER F 113 11.68 -21.23 1.82
C SER F 113 10.67 -20.38 2.55
N VAL F 114 10.71 -19.07 2.28
CA VAL F 114 9.68 -18.15 2.74
C VAL F 114 8.46 -18.37 1.85
N ARG F 115 7.33 -18.68 2.46
CA ARG F 115 6.17 -19.12 1.71
C ARG F 115 5.31 -17.95 1.18
N LEU F 116 5.79 -17.36 0.09
CA LEU F 116 5.08 -16.26 -0.57
C LEU F 116 4.21 -16.79 -1.73
N ASP F 117 3.83 -18.07 -1.65
CA ASP F 117 2.99 -18.70 -2.67
C ASP F 117 1.61 -19.03 -2.09
N GLY F 118 0.76 -19.66 -2.89
CA GLY F 118 -0.56 -20.05 -2.43
C GLY F 118 -0.70 -21.55 -2.36
N ALA F 119 -0.02 -22.24 -3.26
CA ALA F 119 -0.17 -23.69 -3.37
C ALA F 119 0.27 -24.40 -2.10
N SER F 120 1.36 -23.94 -1.50
CA SER F 120 1.89 -24.58 -0.30
C SER F 120 0.80 -24.71 0.76
N LEU F 121 -0.15 -23.77 0.78
CA LEU F 121 -1.20 -23.76 1.79
C LEU F 121 -2.25 -24.84 1.61
N HIS F 122 -2.25 -25.46 0.42
CA HIS F 122 -3.19 -26.51 0.12
C HIS F 122 -2.66 -27.85 0.63
N PHE F 123 -1.50 -27.83 1.27
CA PHE F 123 -0.86 -29.04 1.78
C PHE F 123 -0.61 -28.92 3.27
N ALA F 124 -0.23 -27.73 3.72
CA ALA F 124 -0.08 -27.50 5.15
C ALA F 124 -0.34 -26.05 5.47
N PRO F 125 -0.79 -25.78 6.69
CA PRO F 125 -1.05 -24.43 7.17
C PRO F 125 0.25 -23.63 7.18
N MET F 126 0.15 -22.32 7.30
CA MET F 126 1.30 -21.42 7.14
C MET F 126 2.41 -21.63 8.19
N GLU F 127 2.02 -22.09 9.39
CA GLU F 127 2.97 -22.33 10.49
C GLU F 127 3.99 -23.41 10.17
N PHE F 128 3.65 -24.27 9.21
CA PHE F 128 4.48 -25.40 8.86
C PHE F 128 5.67 -24.92 8.01
N PRO F 129 6.88 -25.42 8.30
CA PRO F 129 8.06 -24.93 7.58
C PRO F 129 8.20 -25.52 6.17
N ALA F 130 8.51 -24.66 5.19
CA ALA F 130 8.82 -25.15 3.84
C ALA F 130 10.29 -25.56 3.76
N VAL F 131 10.60 -26.72 4.31
CA VAL F 131 11.98 -27.09 4.60
C VAL F 131 12.44 -28.25 3.72
N ALA F 132 13.68 -28.16 3.24
CA ALA F 132 14.21 -29.22 2.37
C ALA F 132 14.51 -30.47 3.18
N ASP F 133 14.58 -31.62 2.51
CA ASP F 133 14.97 -32.84 3.19
C ASP F 133 16.47 -32.79 3.46
N PHE F 134 16.87 -33.21 4.64
CA PHE F 134 18.26 -33.11 5.04
C PHE F 134 19.21 -33.98 4.21
N ALA F 135 18.78 -35.17 3.82
CA ALA F 135 19.64 -36.01 2.99
C ALA F 135 19.85 -35.42 1.59
N CYS F 136 18.81 -34.81 1.02
CA CYS F 136 18.92 -34.17 -0.30
C CYS F 136 19.80 -32.92 -0.24
N THR F 137 19.58 -32.10 0.78
CA THR F 137 20.40 -30.90 0.98
C THR F 137 21.86 -31.30 1.19
N THR F 138 22.10 -32.31 2.02
CA THR F 138 23.45 -32.83 2.21
C THR F 138 24.07 -33.25 0.87
N ALA F 139 23.30 -33.96 0.04
CA ALA F 139 23.80 -34.41 -1.26
C ALA F 139 24.13 -33.24 -2.17
N LEU F 140 23.21 -32.28 -2.27
CA LEU F 140 23.45 -31.10 -3.08
C LEU F 140 24.71 -30.35 -2.63
N VAL F 141 24.83 -30.11 -1.34
CA VAL F 141 25.97 -29.35 -0.81
C VAL F 141 27.31 -30.05 -1.03
N GLU F 142 27.36 -31.35 -0.77
CA GLU F 142 28.59 -32.10 -0.99
C GLU F 142 28.91 -32.23 -2.49
N ALA F 143 27.87 -32.34 -3.32
CA ALA F 143 28.08 -32.33 -4.76
C ALA F 143 28.71 -31.00 -5.22
N ALA F 144 28.16 -29.88 -4.77
CA ALA F 144 28.68 -28.57 -5.15
C ALA F 144 30.13 -28.43 -4.72
N LYS F 145 30.43 -28.93 -3.52
CA LYS F 145 31.79 -28.99 -3.02
C LYS F 145 32.66 -29.89 -3.90
N SER F 146 32.08 -30.97 -4.41
CA SER F 146 32.83 -31.89 -5.24
C SER F 146 33.29 -31.26 -6.55
N ILE F 147 32.46 -30.42 -7.14
CA ILE F 147 32.78 -29.87 -8.45
C ILE F 147 33.53 -28.54 -8.36
N GLY F 148 33.43 -27.88 -7.22
CA GLY F 148 34.21 -26.69 -6.96
C GLY F 148 33.50 -25.40 -7.34
N ALA F 149 32.19 -25.35 -7.10
CA ALA F 149 31.40 -24.18 -7.47
C ALA F 149 31.22 -23.25 -6.28
N THR F 150 31.02 -21.96 -6.56
CA THR F 150 30.76 -21.01 -5.48
C THR F 150 29.32 -21.18 -4.98
N THR F 151 29.20 -21.61 -3.72
CA THR F 151 27.91 -22.03 -3.21
C THR F 151 27.48 -21.26 -1.98
N HIS F 152 26.20 -20.94 -1.91
CA HIS F 152 25.60 -20.37 -0.72
C HIS F 152 24.43 -21.25 -0.29
N VAL F 153 24.34 -21.54 1.00
CA VAL F 153 23.32 -22.39 1.54
C VAL F 153 22.49 -21.56 2.49
N GLY F 154 21.17 -21.67 2.41
CA GLY F 154 20.32 -20.84 3.23
C GLY F 154 18.89 -20.72 2.76
N VAL F 155 18.27 -19.61 3.13
CA VAL F 155 16.85 -19.41 2.92
C VAL F 155 16.57 -18.72 1.59
N THR F 156 15.49 -19.15 0.96
CA THR F 156 15.06 -18.63 -0.32
C THR F 156 13.65 -18.05 -0.18
N ALA F 157 13.36 -17.01 -0.94
CA ALA F 157 12.00 -16.46 -0.97
C ALA F 157 11.29 -16.94 -2.22
N SER F 158 10.18 -17.65 -2.01
CA SER F 158 9.43 -18.28 -3.07
C SER F 158 8.13 -17.53 -3.29
N SER F 159 7.97 -16.96 -4.48
CA SER F 159 6.91 -16.00 -4.77
C SER F 159 5.97 -16.47 -5.88
N ASP F 160 4.68 -16.20 -5.72
CA ASP F 160 3.68 -16.62 -6.69
C ASP F 160 3.66 -15.73 -7.93
N THR F 161 4.39 -14.62 -7.88
CA THR F 161 4.59 -13.78 -9.05
C THR F 161 6.06 -13.46 -9.32
N PHE F 162 6.34 -13.08 -10.55
CA PHE F 162 7.67 -12.68 -10.96
C PHE F 162 7.83 -11.19 -10.72
N TYR F 163 6.73 -10.45 -10.83
CA TYR F 163 6.81 -9.00 -10.80
C TYR F 163 6.55 -8.37 -9.44
N PRO F 164 5.33 -8.23 -9.03
CA PRO F 164 5.06 -7.59 -7.75
C PRO F 164 5.55 -8.34 -6.49
N GLY F 165 5.39 -9.66 -6.47
CA GLY F 165 5.83 -10.47 -5.36
C GLY F 165 7.33 -10.36 -5.16
N GLN F 166 8.05 -10.00 -6.22
CA GLN F 166 9.49 -9.85 -6.12
C GLN F 166 9.85 -8.37 -6.17
N GLU F 167 8.89 -7.54 -5.75
CA GLU F 167 9.00 -6.08 -5.74
C GLU F 167 9.71 -5.48 -6.96
N ARG F 168 9.25 -5.85 -8.14
CA ARG F 168 9.67 -5.20 -9.37
C ARG F 168 8.71 -4.05 -9.62
N TYR F 169 9.25 -2.88 -9.94
CA TYR F 169 8.43 -1.70 -10.20
C TYR F 169 8.34 -1.37 -11.68
N ASP F 170 9.26 -1.89 -12.50
CA ASP F 170 9.22 -1.62 -13.94
C ASP F 170 8.17 -2.49 -14.59
N THR F 171 6.92 -2.11 -14.43
CA THR F 171 5.81 -2.94 -14.87
C THR F 171 4.70 -2.06 -15.43
N TYR F 172 3.65 -2.66 -15.95
CA TYR F 172 2.60 -1.87 -16.57
C TYR F 172 2.02 -0.80 -15.63
N SER F 173 1.80 -1.18 -14.37
CA SER F 173 1.13 -0.29 -13.43
C SER F 173 2.11 0.45 -12.53
N GLY F 174 3.35 -0.03 -12.48
CA GLY F 174 4.40 0.55 -11.65
C GLY F 174 3.97 0.72 -10.20
N ARG F 175 3.12 -0.20 -9.75
CA ARG F 175 2.56 -0.22 -8.41
C ARG F 175 2.95 -1.53 -7.74
N VAL F 176 3.10 -1.50 -6.42
CA VAL F 176 3.23 -2.72 -5.65
C VAL F 176 2.26 -2.64 -4.48
N VAL F 177 1.42 -3.65 -4.35
CA VAL F 177 0.43 -3.71 -3.29
C VAL F 177 1.13 -3.61 -1.92
N ARG F 178 0.39 -3.14 -0.92
CA ARG F 178 0.95 -2.83 0.38
C ARG F 178 1.79 -3.98 0.95
N ARG F 179 1.25 -5.20 0.91
CA ARG F 179 1.94 -6.33 1.48
C ARG F 179 3.38 -6.43 0.99
N PHE F 180 3.61 -6.22 -0.30
CA PHE F 180 4.96 -6.42 -0.83
C PHE F 180 5.84 -5.18 -0.95
N LYS F 181 5.26 -4.02 -0.68
CA LYS F 181 6.04 -2.78 -0.67
C LYS F 181 7.05 -2.72 0.48
N GLY F 182 8.34 -2.62 0.16
CA GLY F 182 9.38 -2.60 1.16
C GLY F 182 9.82 -4.01 1.54
N SER F 183 9.23 -5.02 0.91
CA SER F 183 9.50 -6.41 1.29
C SER F 183 10.89 -6.91 0.91
N MET F 184 11.43 -6.47 -0.23
CA MET F 184 12.74 -6.98 -0.63
C MET F 184 13.81 -6.60 0.39
N GLU F 185 13.77 -5.34 0.85
CA GLU F 185 14.71 -4.85 1.85
C GLU F 185 14.53 -5.61 3.16
N GLU F 186 13.29 -5.94 3.49
CA GLU F 186 13.01 -6.79 4.65
C GLU F 186 13.63 -8.20 4.52
N TRP F 187 13.42 -8.87 3.39
CA TRP F 187 14.01 -10.20 3.22
C TRP F 187 15.54 -10.11 3.25
N GLN F 188 16.08 -9.07 2.63
CA GLN F 188 17.52 -8.82 2.65
C GLN F 188 18.06 -8.73 4.08
N ALA F 189 17.37 -7.98 4.94
CA ALA F 189 17.83 -7.80 6.31
C ALA F 189 17.71 -9.10 7.11
N MET F 190 16.78 -9.98 6.71
CA MET F 190 16.63 -11.29 7.34
C MET F 190 17.53 -12.35 6.72
N GLY F 191 18.46 -11.92 5.89
CA GLY F 191 19.44 -12.84 5.32
C GLY F 191 18.92 -13.77 4.23
N VAL F 192 17.75 -13.48 3.70
CA VAL F 192 17.25 -14.30 2.60
C VAL F 192 18.18 -14.19 1.40
N MET F 193 18.45 -15.29 0.74
CA MET F 193 19.43 -15.29 -0.33
C MET F 193 18.89 -14.80 -1.66
N ASN F 194 17.65 -15.16 -1.96
CA ASN F 194 17.22 -15.10 -3.34
C ASN F 194 15.72 -15.28 -3.55
N TYR F 195 15.28 -15.01 -4.77
CA TYR F 195 13.88 -15.15 -5.13
C TYR F 195 13.75 -16.21 -6.20
N GLU F 196 12.79 -17.10 -6.01
CA GLU F 196 12.28 -17.90 -7.12
C GLU F 196 10.79 -18.16 -6.89
N MET F 197 10.24 -19.13 -7.59
CA MET F 197 8.79 -19.20 -7.70
C MET F 197 8.18 -20.58 -7.47
N GLU F 198 9.00 -21.58 -7.19
CA GLU F 198 8.48 -22.95 -7.06
C GLU F 198 8.84 -23.65 -5.75
N SER F 199 9.90 -23.20 -5.09
CA SER F 199 10.42 -23.97 -3.95
C SER F 199 9.46 -24.13 -2.77
N ALA F 200 8.76 -23.06 -2.39
CA ALA F 200 7.83 -23.15 -1.27
C ALA F 200 6.81 -24.28 -1.47
N THR F 201 6.31 -24.41 -2.69
CA THR F 201 5.29 -25.42 -2.94
C THR F 201 5.89 -26.82 -2.92
N LEU F 202 6.97 -26.99 -3.67
CA LEU F 202 7.61 -28.29 -3.73
C LEU F 202 8.05 -28.75 -2.34
N LEU F 203 8.62 -27.85 -1.57
CA LEU F 203 9.19 -28.22 -0.27
C LEU F 203 8.11 -28.54 0.77
N THR F 204 7.05 -27.76 0.79
CA THR F 204 5.98 -28.00 1.75
C THR F 204 5.21 -29.28 1.44
N MET F 205 4.91 -29.50 0.18
CA MET F 205 4.07 -30.65 -0.14
C MET F 205 4.88 -31.92 0.04
N CYS F 206 6.17 -31.88 -0.25
CA CYS F 206 7.00 -33.07 -0.03
C CYS F 206 7.20 -33.34 1.46
N ALA F 207 7.49 -32.29 2.23
CA ALA F 207 7.81 -32.46 3.67
C ALA F 207 6.60 -32.85 4.54
N SER F 208 5.40 -32.53 4.07
CA SER F 208 4.16 -32.88 4.76
C SER F 208 3.51 -34.17 4.25
N GLN F 209 4.19 -34.85 3.33
CA GLN F 209 3.63 -36.05 2.70
C GLN F 209 4.63 -37.19 2.59
N GLY F 210 5.67 -37.16 3.40
CA GLY F 210 6.64 -38.24 3.48
C GLY F 210 7.41 -38.47 2.20
N LEU F 211 7.64 -37.41 1.43
CA LEU F 211 8.50 -37.44 0.26
C LEU F 211 9.75 -36.62 0.51
N ARG F 212 10.85 -36.97 -0.16
CA ARG F 212 12.08 -36.20 -0.01
C ARG F 212 12.25 -35.19 -1.15
N ALA F 213 12.56 -33.94 -0.80
CA ALA F 213 12.89 -32.92 -1.80
C ALA F 213 14.11 -32.07 -1.45
N GLY F 214 14.89 -31.76 -2.47
CA GLY F 214 15.98 -30.81 -2.37
C GLY F 214 15.77 -29.73 -3.40
N MET F 215 16.51 -28.63 -3.27
CA MET F 215 16.39 -27.52 -4.21
C MET F 215 17.75 -26.86 -4.41
N VAL F 216 18.14 -26.73 -5.67
CA VAL F 216 19.35 -26.00 -6.03
C VAL F 216 19.05 -25.08 -7.24
N ALA F 217 19.68 -23.91 -7.28
CA ALA F 217 19.41 -22.92 -8.33
C ALA F 217 20.68 -22.24 -8.83
N GLY F 218 20.71 -21.91 -10.12
CA GLY F 218 21.77 -21.08 -10.66
C GLY F 218 21.39 -19.61 -10.63
N VAL F 219 22.30 -18.74 -10.19
CA VAL F 219 21.99 -17.30 -10.13
C VAL F 219 22.16 -16.62 -11.47
N ILE F 220 21.07 -16.09 -12.01
CA ILE F 220 21.15 -15.42 -13.31
C ILE F 220 21.13 -13.89 -13.22
N VAL F 221 20.72 -13.36 -12.07
CA VAL F 221 20.72 -11.90 -11.89
C VAL F 221 20.88 -11.55 -10.42
N ASN F 222 21.46 -10.37 -10.16
CA ASN F 222 21.49 -9.86 -8.80
C ASN F 222 20.69 -8.58 -8.65
N ARG F 223 19.57 -8.66 -7.93
CA ARG F 223 18.62 -7.56 -7.84
C ARG F 223 19.17 -6.26 -7.25
N THR F 224 20.35 -6.30 -6.64
CA THR F 224 20.93 -5.06 -6.14
C THR F 224 21.57 -4.31 -7.30
N GLN F 225 21.73 -5.02 -8.41
CA GLN F 225 22.38 -4.48 -9.60
C GLN F 225 21.38 -4.11 -10.68
N GLN F 226 20.38 -4.94 -10.88
CA GLN F 226 19.39 -4.71 -11.94
C GLN F 226 18.15 -5.53 -11.71
N GLU F 227 17.08 -5.20 -12.42
CA GLU F 227 15.78 -5.80 -12.19
C GLU F 227 15.58 -7.03 -13.07
N ILE F 228 15.94 -6.91 -14.34
CA ILE F 228 15.79 -8.00 -15.31
C ILE F 228 17.13 -8.58 -15.75
N PRO F 229 17.24 -9.92 -15.75
CA PRO F 229 18.45 -10.64 -16.16
C PRO F 229 18.84 -10.31 -17.59
N ASN F 230 20.13 -10.32 -17.89
CA ASN F 230 20.59 -10.05 -19.24
C ASN F 230 21.28 -11.24 -19.88
N GLU F 238 27.35 -20.36 -15.26
CA GLU F 238 26.21 -21.14 -15.73
C GLU F 238 26.55 -22.63 -15.80
N SER F 239 25.53 -23.46 -15.95
CA SER F 239 25.71 -24.90 -16.16
C SER F 239 26.26 -25.61 -14.92
N HIS F 240 26.60 -24.86 -13.89
CA HIS F 240 27.15 -25.46 -12.68
C HIS F 240 26.08 -26.14 -11.84
N ALA F 241 24.88 -25.56 -11.83
CA ALA F 241 23.78 -26.12 -11.07
C ALA F 241 23.31 -27.44 -11.69
N VAL F 242 23.39 -27.54 -13.02
CA VAL F 242 23.05 -28.77 -13.71
C VAL F 242 24.00 -29.90 -13.33
N LYS F 243 25.29 -29.63 -13.31
CA LYS F 243 26.29 -30.63 -12.89
C LYS F 243 25.99 -31.14 -11.49
N ILE F 244 25.65 -30.20 -10.60
CA ILE F 244 25.43 -30.49 -9.19
C ILE F 244 24.19 -31.34 -8.93
N VAL F 245 23.10 -31.06 -9.63
CA VAL F 245 21.87 -31.80 -9.38
C VAL F 245 21.96 -33.23 -9.92
N VAL F 246 22.76 -33.42 -10.96
CA VAL F 246 23.00 -34.76 -11.48
C VAL F 246 23.95 -35.52 -10.57
N GLU F 247 24.99 -34.84 -10.09
CA GLU F 247 25.94 -35.48 -9.19
C GLU F 247 25.27 -35.85 -7.88
N ALA F 248 24.39 -34.99 -7.40
CA ALA F 248 23.65 -35.25 -6.16
C ALA F 248 22.69 -36.41 -6.38
N ALA F 249 22.11 -36.47 -7.57
CA ALA F 249 21.26 -37.59 -7.94
C ALA F 249 21.99 -38.93 -7.71
N ARG F 250 23.26 -38.99 -8.08
CA ARG F 250 24.03 -40.21 -7.93
C ARG F 250 24.18 -40.61 -6.46
N ARG F 251 24.34 -39.61 -5.60
CA ARG F 251 24.48 -39.86 -4.17
C ARG F 251 23.18 -40.31 -3.51
N LEU F 252 22.05 -39.88 -4.04
CA LEU F 252 20.76 -40.24 -3.45
C LEU F 252 20.27 -41.60 -3.95
N LEU F 253 20.96 -42.13 -4.95
CA LEU F 253 20.68 -43.48 -5.46
C LEU F 253 21.56 -44.51 -4.75
N ASP G 5 18.26 2.92 -15.51
CA ASP G 5 19.14 2.97 -16.68
C ASP G 5 18.86 4.16 -17.62
N VAL G 6 18.43 5.30 -17.07
CA VAL G 6 18.33 6.53 -17.85
C VAL G 6 19.74 7.09 -18.03
N PHE G 7 19.96 7.82 -19.11
CA PHE G 7 21.31 8.22 -19.45
C PHE G 7 21.96 9.08 -18.35
N HIS G 8 21.50 10.32 -18.16
CA HIS G 8 22.15 11.29 -17.28
C HIS G 8 22.01 11.03 -15.76
N LEU G 9 20.83 10.62 -15.31
CA LEU G 9 20.56 10.47 -13.88
C LEU G 9 21.05 9.14 -13.30
N GLY G 10 21.29 8.16 -14.15
CA GLY G 10 21.80 6.87 -13.71
C GLY G 10 20.90 6.22 -12.70
N LEU G 11 19.60 6.38 -12.88
CA LEU G 11 18.60 5.77 -12.00
C LEU G 11 17.81 4.65 -12.69
N THR G 12 17.27 3.72 -11.91
CA THR G 12 16.31 2.74 -12.40
C THR G 12 14.93 3.07 -11.82
N LYS G 13 13.90 2.44 -12.38
CA LYS G 13 12.54 2.67 -11.90
C LYS G 13 12.34 2.08 -10.50
N ASN G 14 13.21 1.11 -10.17
CA ASN G 14 13.22 0.46 -8.86
C ASN G 14 13.74 1.42 -7.78
N ASP G 15 14.72 2.24 -8.15
CA ASP G 15 15.21 3.29 -7.27
C ASP G 15 14.03 4.14 -6.80
N LEU G 16 13.10 4.40 -7.70
CA LEU G 16 11.95 5.24 -7.39
C LEU G 16 10.95 4.59 -6.44
N GLN G 17 10.76 3.28 -6.58
CA GLN G 17 9.79 2.54 -5.77
C GLN G 17 8.39 3.11 -5.94
N GLY G 18 8.03 3.38 -7.18
CA GLY G 18 6.72 3.91 -7.49
C GLY G 18 6.53 5.39 -7.16
N ALA G 19 7.62 6.14 -7.10
CA ALA G 19 7.53 7.58 -6.82
C ALA G 19 6.96 8.36 -8.00
N GLN G 20 5.88 9.11 -7.75
CA GLN G 20 5.24 9.89 -8.80
C GLN G 20 5.40 11.41 -8.59
N LEU G 21 6.34 11.77 -7.72
CA LEU G 21 6.56 13.16 -7.38
C LEU G 21 8.03 13.41 -7.01
N ALA G 22 8.61 14.47 -7.58
CA ALA G 22 10.02 14.79 -7.34
C ALA G 22 10.27 16.26 -6.98
N ILE G 23 10.96 16.48 -5.87
CA ILE G 23 11.43 17.81 -5.49
C ILE G 23 12.74 18.07 -6.22
N VAL G 24 12.85 19.23 -6.85
CA VAL G 24 13.97 19.51 -7.74
C VAL G 24 14.69 20.82 -7.45
N PRO G 25 15.69 20.79 -6.56
CA PRO G 25 16.56 21.94 -6.32
C PRO G 25 17.58 22.05 -7.45
N GLY G 26 18.34 23.14 -7.48
CA GLY G 26 19.35 23.33 -8.49
C GLY G 26 20.73 22.96 -7.99
N ASP G 27 20.89 23.00 -6.67
CA ASP G 27 22.19 22.76 -6.05
C ASP G 27 22.38 21.30 -5.64
N PRO G 28 23.41 20.65 -6.19
CA PRO G 28 23.75 19.28 -5.81
C PRO G 28 24.04 19.14 -4.31
N GLU G 29 24.44 20.22 -3.66
CA GLU G 29 24.72 20.18 -2.23
C GLU G 29 23.43 20.19 -1.42
N ARG G 30 22.37 20.69 -2.04
CA ARG G 30 21.09 20.92 -1.37
C ARG G 30 20.30 19.64 -1.20
N VAL G 31 20.40 18.75 -2.18
CA VAL G 31 19.54 17.57 -2.24
C VAL G 31 19.59 16.70 -0.98
N GLU G 32 20.78 16.50 -0.43
CA GLU G 32 20.92 15.70 0.78
C GLU G 32 20.14 16.31 1.95
N LYS G 33 20.22 17.64 2.06
CA LYS G 33 19.59 18.35 3.17
C LYS G 33 18.06 18.27 3.16
N ILE G 34 17.46 18.48 2.00
CA ILE G 34 16.00 18.43 1.88
C ILE G 34 15.48 17.01 2.06
N ALA G 35 16.26 16.04 1.60
CA ALA G 35 15.88 14.64 1.76
C ALA G 35 15.83 14.24 3.24
N ALA G 36 16.63 14.89 4.07
CA ALA G 36 16.71 14.53 5.48
C ALA G 36 15.48 14.97 6.29
N LEU G 37 14.68 15.86 5.71
CA LEU G 37 13.46 16.32 6.38
C LEU G 37 12.38 15.25 6.38
N MET G 38 12.40 14.40 5.36
CA MET G 38 11.38 13.37 5.19
C MET G 38 11.79 12.06 5.86
N ASP G 39 10.84 11.14 5.97
CA ASP G 39 11.07 9.87 6.65
C ASP G 39 11.85 8.89 5.77
N LYS G 40 12.71 8.10 6.39
CA LYS G 40 13.49 7.09 5.69
C LYS G 40 14.20 7.65 4.46
N PRO G 41 15.15 8.56 4.67
CA PRO G 41 15.97 9.09 3.57
C PRO G 41 17.04 8.09 3.14
N VAL G 42 17.38 8.10 1.86
CA VAL G 42 18.39 7.19 1.32
C VAL G 42 18.97 7.73 0.01
N LYS G 43 20.29 7.64 -0.13
CA LYS G 43 20.94 8.12 -1.35
C LYS G 43 20.67 7.20 -2.52
N LEU G 44 20.53 7.78 -3.70
CA LEU G 44 20.27 7.02 -4.93
C LEU G 44 21.50 6.98 -5.82
N ALA G 45 21.96 8.14 -6.24
CA ALA G 45 23.11 8.24 -7.14
C ALA G 45 23.53 9.70 -7.30
N SER G 46 24.69 9.92 -7.92
CA SER G 46 25.16 11.28 -8.18
C SER G 46 26.09 11.35 -9.40
N HIS G 47 25.60 11.96 -10.47
CA HIS G 47 26.39 12.13 -11.68
C HIS G 47 26.31 13.56 -12.22
N ARG G 48 27.46 14.09 -12.60
CA ARG G 48 27.52 15.45 -13.11
C ARG G 48 26.87 16.42 -12.12
N GLU G 49 25.80 17.09 -12.56
CA GLU G 49 25.13 18.06 -11.70
C GLU G 49 23.84 17.52 -11.09
N PHE G 50 23.59 16.25 -11.33
CA PHE G 50 22.39 15.60 -10.80
C PHE G 50 22.76 14.67 -9.65
N THR G 51 22.23 14.97 -8.47
CA THR G 51 22.39 14.08 -7.32
C THR G 51 20.99 13.68 -6.84
N SER G 52 20.77 12.38 -6.68
CA SER G 52 19.43 11.85 -6.46
C SER G 52 19.28 11.17 -5.09
N TRP G 53 18.17 11.43 -4.40
CA TRP G 53 17.89 10.80 -3.12
C TRP G 53 16.43 10.34 -3.04
N ARG G 54 16.16 9.31 -2.24
CA ARG G 54 14.79 8.84 -2.03
C ARG G 54 14.34 8.97 -0.58
N ALA G 55 13.06 9.26 -0.38
CA ALA G 55 12.45 9.37 0.96
C ALA G 55 10.93 9.21 0.86
N GLU G 56 10.23 9.35 1.99
CA GLU G 56 8.79 9.11 1.99
C GLU G 56 8.02 10.05 2.91
N LEU G 57 6.86 10.49 2.43
CA LEU G 57 5.97 11.34 3.22
C LEU G 57 4.65 10.63 3.42
N ASP G 58 4.25 10.44 4.68
CA ASP G 58 2.97 9.80 4.98
C ASP G 58 2.90 8.40 4.38
N GLY G 59 4.06 7.78 4.15
CA GLY G 59 4.13 6.44 3.62
C GLY G 59 4.78 6.34 2.25
N LYS G 60 4.11 6.89 1.23
CA LYS G 60 4.56 6.76 -0.15
C LYS G 60 5.95 7.37 -0.38
N ALA G 61 6.70 6.76 -1.29
CA ALA G 61 8.04 7.23 -1.61
C ALA G 61 8.02 8.45 -2.52
N VAL G 62 8.92 9.38 -2.25
CA VAL G 62 9.07 10.60 -3.04
C VAL G 62 10.54 10.95 -3.10
N ILE G 63 11.07 11.24 -4.29
CA ILE G 63 12.50 11.50 -4.42
C ILE G 63 12.87 12.97 -4.57
N VAL G 64 14.17 13.22 -4.41
CA VAL G 64 14.75 14.54 -4.54
C VAL G 64 15.91 14.48 -5.52
N CYS G 65 16.01 15.48 -6.38
CA CYS G 65 17.01 15.45 -7.44
C CYS G 65 17.36 16.84 -7.94
N SER G 66 18.65 17.05 -8.14
CA SER G 66 19.18 18.34 -8.55
C SER G 66 18.88 18.60 -10.02
N THR G 67 18.95 19.86 -10.43
CA THR G 67 18.70 20.20 -11.84
C THR G 67 19.88 20.93 -12.45
N GLY G 68 20.92 21.16 -11.66
CA GLY G 68 21.99 22.04 -12.08
C GLY G 68 21.44 23.44 -12.16
N ILE G 69 21.99 24.26 -13.04
CA ILE G 69 21.52 25.63 -13.20
C ILE G 69 21.23 25.95 -14.66
N GLY G 70 20.05 26.52 -14.92
CA GLY G 70 19.65 26.84 -16.28
C GLY G 70 18.72 25.78 -16.85
N GLY G 71 17.87 26.19 -17.78
CA GLY G 71 16.86 25.30 -18.34
C GLY G 71 17.44 24.04 -18.95
N PRO G 72 18.47 24.19 -19.79
CA PRO G 72 19.09 23.06 -20.49
C PRO G 72 19.38 21.90 -19.54
N SER G 73 20.05 22.20 -18.42
CA SER G 73 20.33 21.20 -17.40
C SER G 73 19.05 20.66 -16.76
N THR G 74 18.06 21.54 -16.61
CA THR G 74 16.78 21.15 -16.02
C THR G 74 16.00 20.23 -16.95
N SER G 75 15.96 20.60 -18.23
CA SER G 75 15.19 19.87 -19.23
C SER G 75 15.62 18.40 -19.30
N ILE G 76 16.92 18.16 -19.14
CA ILE G 76 17.45 16.80 -19.04
C ILE G 76 16.90 16.05 -17.83
N ALA G 77 17.02 16.66 -16.65
CA ALA G 77 16.58 16.01 -15.42
C ALA G 77 15.08 15.73 -15.42
N VAL G 78 14.30 16.69 -15.91
CA VAL G 78 12.85 16.57 -15.88
C VAL G 78 12.39 15.46 -16.79
N GLU G 79 13.08 15.31 -17.92
CA GLU G 79 12.72 14.32 -18.91
C GLU G 79 12.99 12.92 -18.37
N GLU G 80 14.21 12.72 -17.90
CA GLU G 80 14.60 11.42 -17.43
C GLU G 80 13.85 10.97 -16.18
N LEU G 81 13.44 11.91 -15.33
CA LEU G 81 12.57 11.57 -14.22
C LEU G 81 11.18 11.15 -14.71
N ALA G 82 10.64 11.86 -15.70
CA ALA G 82 9.35 11.51 -16.27
C ALA G 82 9.37 10.15 -17.00
N GLN G 83 10.54 9.78 -17.50
CA GLN G 83 10.70 8.47 -18.13
C GLN G 83 10.61 7.36 -17.09
N LEU G 84 10.99 7.70 -15.86
CA LEU G 84 11.02 6.77 -14.76
C LEU G 84 9.76 6.82 -13.89
N GLY G 85 8.84 7.71 -14.24
CA GLY G 85 7.53 7.69 -13.63
C GLY G 85 7.19 8.85 -12.71
N ILE G 86 7.99 9.89 -12.76
CA ILE G 86 7.64 11.12 -12.06
C ILE G 86 6.61 11.87 -12.90
N ARG G 87 5.53 12.30 -12.27
CA ARG G 87 4.45 13.00 -12.96
C ARG G 87 4.21 14.38 -12.36
N THR G 88 4.87 14.66 -11.24
CA THR G 88 4.73 15.95 -10.57
C THR G 88 6.08 16.47 -10.11
N PHE G 89 6.38 17.72 -10.46
CA PHE G 89 7.68 18.33 -10.12
C PHE G 89 7.50 19.61 -9.31
N LEU G 90 8.24 19.70 -8.20
CA LEU G 90 8.23 20.88 -7.37
C LEU G 90 9.63 21.46 -7.28
N ARG G 91 9.84 22.62 -7.89
CA ARG G 91 11.15 23.28 -7.84
C ARG G 91 11.33 24.10 -6.58
N ILE G 92 12.56 24.06 -6.07
CA ILE G 92 12.94 24.82 -4.91
C ILE G 92 14.28 25.45 -5.20
N GLY G 93 14.37 26.78 -5.09
CA GLY G 93 15.61 27.47 -5.37
C GLY G 93 15.70 28.86 -4.75
N THR G 94 16.67 29.64 -5.23
CA THR G 94 16.89 30.99 -4.73
C THR G 94 16.68 32.02 -5.83
N THR G 95 16.33 33.24 -5.44
CA THR G 95 15.94 34.27 -6.41
C THR G 95 16.29 35.70 -5.97
N GLY G 96 16.34 36.62 -6.93
CA GLY G 96 16.58 38.02 -6.66
C GLY G 96 15.36 38.86 -6.95
N ALA G 97 14.82 39.53 -5.92
CA ALA G 97 13.57 40.25 -6.07
C ALA G 97 13.78 41.62 -6.71
N ILE G 98 12.89 41.99 -7.62
CA ILE G 98 13.04 43.25 -8.33
C ILE G 98 12.04 44.30 -7.83
N GLN G 99 11.14 43.88 -6.94
CA GLN G 99 10.21 44.81 -6.31
C GLN G 99 10.79 45.26 -4.97
N PRO G 100 10.65 46.55 -4.66
CA PRO G 100 11.22 47.11 -3.44
C PRO G 100 10.51 46.60 -2.18
N HIS G 101 9.23 46.25 -2.31
CA HIS G 101 8.42 45.79 -1.18
C HIS G 101 8.65 44.32 -0.80
N ILE G 102 9.36 43.57 -1.63
CA ILE G 102 9.67 42.18 -1.31
C ILE G 102 10.98 42.13 -0.52
N ASN G 103 10.95 41.54 0.67
CA ASN G 103 12.14 41.51 1.53
C ASN G 103 13.01 40.27 1.35
N VAL G 104 14.26 40.37 1.79
CA VAL G 104 15.16 39.22 1.76
C VAL G 104 14.70 38.14 2.74
N GLY G 105 14.39 36.96 2.22
CA GLY G 105 13.91 35.87 3.04
C GLY G 105 12.47 35.51 2.74
N ASP G 106 11.78 36.39 2.03
CA ASP G 106 10.39 36.14 1.64
C ASP G 106 10.29 34.92 0.74
N VAL G 107 9.07 34.41 0.60
CA VAL G 107 8.82 33.24 -0.25
C VAL G 107 8.02 33.63 -1.48
N LEU G 108 8.50 33.20 -2.63
CA LEU G 108 7.85 33.54 -3.89
C LEU G 108 7.33 32.32 -4.63
N VAL G 109 6.01 32.22 -4.72
CA VAL G 109 5.36 31.17 -5.49
C VAL G 109 5.06 31.70 -6.88
N THR G 110 5.61 31.03 -7.89
CA THR G 110 5.48 31.48 -9.28
C THR G 110 4.23 30.90 -9.97
N THR G 111 3.34 31.79 -10.41
CA THR G 111 2.18 31.36 -11.18
C THR G 111 2.59 31.08 -12.63
N ALA G 112 3.41 31.96 -13.18
CA ALA G 112 3.92 31.80 -14.54
C ALA G 112 5.23 32.56 -14.68
N SER G 113 5.92 32.35 -15.80
CA SER G 113 7.22 32.99 -15.98
C SER G 113 7.38 33.69 -17.32
N VAL G 114 8.13 34.78 -17.30
CA VAL G 114 8.55 35.47 -18.51
C VAL G 114 9.62 34.61 -19.17
N ARG G 115 9.46 34.32 -20.45
CA ARG G 115 10.35 33.37 -21.11
C ARG G 115 11.57 34.05 -21.75
N LEU G 116 12.59 34.30 -20.92
CA LEU G 116 13.83 34.89 -21.38
C LEU G 116 14.93 33.82 -21.49
N ASP G 117 14.52 32.60 -21.79
CA ASP G 117 15.45 31.49 -22.04
C ASP G 117 15.31 31.01 -23.48
N GLY G 118 16.03 29.93 -23.80
CA GLY G 118 15.99 29.37 -25.13
C GLY G 118 15.51 27.93 -25.16
N ALA G 119 15.56 27.26 -24.01
CA ALA G 119 15.21 25.85 -23.92
C ALA G 119 13.70 25.64 -24.01
N SER G 120 12.94 26.60 -23.47
CA SER G 120 11.48 26.51 -23.50
C SER G 120 10.96 26.42 -24.93
N LEU G 121 11.65 27.10 -25.85
CA LEU G 121 11.25 27.09 -27.25
C LEU G 121 11.36 25.70 -27.88
N HIS G 122 11.99 24.78 -27.16
CA HIS G 122 12.22 23.44 -27.67
C HIS G 122 11.07 22.54 -27.27
N PHE G 123 10.08 23.13 -26.63
CA PHE G 123 8.93 22.41 -26.14
C PHE G 123 7.64 23.04 -26.66
N ALA G 124 7.63 24.37 -26.75
CA ALA G 124 6.47 25.08 -27.26
C ALA G 124 6.88 26.47 -27.76
N PRO G 125 6.17 26.97 -28.79
CA PRO G 125 6.38 28.30 -29.37
C PRO G 125 6.22 29.37 -28.30
N MET G 126 6.76 30.56 -28.55
CA MET G 126 6.79 31.63 -27.55
C MET G 126 5.41 32.05 -27.05
N GLU G 127 4.39 31.97 -27.91
CA GLU G 127 3.03 32.32 -27.52
C GLU G 127 2.50 31.44 -26.38
N PHE G 128 3.02 30.22 -26.27
CA PHE G 128 2.59 29.30 -25.22
C PHE G 128 3.10 29.78 -23.87
N PRO G 129 2.22 29.84 -22.86
CA PRO G 129 2.52 30.39 -21.54
C PRO G 129 3.32 29.44 -20.65
N ALA G 130 4.33 29.98 -19.96
CA ALA G 130 5.09 29.20 -19.01
C ALA G 130 4.37 29.20 -17.68
N VAL G 131 3.26 28.47 -17.61
CA VAL G 131 2.38 28.52 -16.45
C VAL G 131 2.52 27.29 -15.55
N ALA G 132 2.48 27.53 -14.24
CA ALA G 132 2.60 26.46 -13.28
C ALA G 132 1.26 25.74 -13.17
N ASP G 133 1.33 24.44 -12.90
CA ASP G 133 0.11 23.67 -12.73
C ASP G 133 -0.65 24.14 -11.50
N PHE G 134 -1.96 24.27 -11.66
CA PHE G 134 -2.81 24.85 -10.61
C PHE G 134 -2.84 24.02 -9.31
N ALA G 135 -2.73 22.70 -9.45
CA ALA G 135 -2.78 21.82 -8.29
C ALA G 135 -1.57 22.05 -7.37
N CYS G 136 -0.39 22.08 -7.97
CA CYS G 136 0.85 22.35 -7.23
C CYS G 136 0.89 23.77 -6.65
N THR G 137 0.31 24.72 -7.37
CA THR G 137 0.33 26.11 -6.93
C THR G 137 -0.53 26.31 -5.68
N THR G 138 -1.76 25.80 -5.73
CA THR G 138 -2.68 25.95 -4.61
C THR G 138 -2.11 25.34 -3.33
N ALA G 139 -1.41 24.22 -3.48
CA ALA G 139 -0.77 23.57 -2.33
C ALA G 139 0.37 24.43 -1.77
N LEU G 140 1.26 24.89 -2.66
CA LEU G 140 2.38 25.73 -2.27
C LEU G 140 1.92 26.94 -1.47
N VAL G 141 0.84 27.57 -1.93
CA VAL G 141 0.28 28.71 -1.22
C VAL G 141 -0.23 28.31 0.15
N GLU G 142 -1.01 27.23 0.21
CA GLU G 142 -1.54 26.76 1.47
C GLU G 142 -0.44 26.14 2.32
N ALA G 143 0.62 25.66 1.67
CA ALA G 143 1.77 25.12 2.39
C ALA G 143 2.57 26.24 3.07
N ALA G 144 2.68 27.38 2.39
CA ALA G 144 3.41 28.52 2.93
C ALA G 144 2.61 29.19 4.05
N LYS G 145 1.29 29.07 3.99
CA LYS G 145 0.43 29.64 5.02
C LYS G 145 0.44 28.81 6.31
N SER G 146 0.53 27.49 6.17
CA SER G 146 0.63 26.62 7.34
C SER G 146 1.94 26.88 8.07
N ILE G 147 3.00 27.11 7.31
CA ILE G 147 4.29 27.44 7.92
C ILE G 147 4.29 28.87 8.44
N GLY G 148 3.51 29.74 7.79
CA GLY G 148 3.38 31.12 8.21
C GLY G 148 4.48 32.01 7.67
N ALA G 149 4.62 32.03 6.35
CA ALA G 149 5.69 32.79 5.71
C ALA G 149 5.17 34.04 4.98
N THR G 150 5.96 35.10 5.00
CA THR G 150 5.66 36.29 4.19
C THR G 150 5.74 35.88 2.73
N THR G 151 4.58 35.58 2.14
CA THR G 151 4.55 34.96 0.83
C THR G 151 4.01 35.87 -0.24
N HIS G 152 4.66 35.85 -1.40
CA HIS G 152 4.17 36.55 -2.56
C HIS G 152 3.92 35.56 -3.69
N VAL G 153 2.84 35.74 -4.42
CA VAL G 153 2.49 34.87 -5.53
C VAL G 153 2.35 35.69 -6.81
N GLY G 154 3.12 35.35 -7.82
CA GLY G 154 3.06 36.12 -9.06
C GLY G 154 3.96 35.65 -10.17
N VAL G 155 4.39 36.60 -11.00
CA VAL G 155 5.14 36.28 -12.20
C VAL G 155 6.64 36.43 -11.99
N THR G 156 7.37 35.42 -12.45
CA THR G 156 8.82 35.37 -12.32
C THR G 156 9.48 35.63 -13.66
N ALA G 157 10.62 36.30 -13.65
CA ALA G 157 11.41 36.49 -14.87
C ALA G 157 12.53 35.45 -14.97
N SER G 158 12.36 34.51 -15.90
CA SER G 158 13.31 33.42 -16.10
C SER G 158 14.31 33.71 -17.19
N SER G 159 15.57 33.89 -16.78
CA SER G 159 16.62 34.30 -17.70
C SER G 159 17.64 33.20 -17.92
N ASP G 160 18.13 33.10 -19.15
CA ASP G 160 19.20 32.16 -19.46
C ASP G 160 20.58 32.61 -18.97
N THR G 161 20.72 33.87 -18.58
CA THR G 161 21.98 34.33 -17.97
C THR G 161 21.78 34.96 -16.60
N PHE G 162 22.83 34.98 -15.80
CA PHE G 162 22.78 35.58 -14.48
C PHE G 162 23.11 37.07 -14.53
N TYR G 163 23.76 37.50 -15.61
CA TYR G 163 24.28 38.85 -15.67
C TYR G 163 23.52 39.79 -16.62
N PRO G 164 23.81 39.78 -17.89
CA PRO G 164 23.11 40.69 -18.76
C PRO G 164 21.59 40.47 -18.80
N GLY G 165 21.12 39.24 -18.69
CA GLY G 165 19.72 38.99 -18.85
C GLY G 165 18.96 39.46 -17.67
N GLN G 166 19.62 39.56 -16.56
CA GLN G 166 19.03 40.19 -15.40
C GLN G 166 19.60 41.61 -15.28
N GLU G 167 20.14 42.11 -16.38
CA GLU G 167 20.69 43.45 -16.44
C GLU G 167 21.62 43.76 -15.26
N ARG G 168 22.74 43.06 -15.21
CA ARG G 168 23.79 43.34 -14.24
C ARG G 168 24.95 44.00 -14.96
N TYR G 169 25.41 45.14 -14.44
CA TYR G 169 26.45 45.92 -15.11
C TYR G 169 27.88 45.70 -14.58
N ASP G 170 28.02 45.39 -13.30
CA ASP G 170 29.33 45.06 -12.76
C ASP G 170 29.90 43.78 -13.39
N THR G 171 30.26 43.89 -14.66
CA THR G 171 30.72 42.75 -15.46
C THR G 171 31.96 43.13 -16.28
N TYR G 172 32.53 42.17 -16.99
CA TYR G 172 33.73 42.43 -17.78
C TYR G 172 33.51 43.51 -18.85
N SER G 173 32.45 43.35 -19.64
CA SER G 173 32.16 44.30 -20.70
C SER G 173 31.54 45.58 -20.18
N GLY G 174 30.92 45.49 -19.00
CA GLY G 174 30.14 46.58 -18.45
C GLY G 174 29.01 46.95 -19.38
N ARG G 175 28.68 46.02 -20.28
CA ARG G 175 27.69 46.25 -21.32
C ARG G 175 26.44 45.41 -21.10
N VAL G 176 25.37 45.77 -21.81
CA VAL G 176 24.12 45.02 -21.82
C VAL G 176 23.47 45.21 -23.20
N VAL G 177 23.40 44.13 -23.97
CA VAL G 177 22.89 44.17 -25.34
C VAL G 177 21.53 44.84 -25.38
N ARG G 178 21.20 45.46 -26.52
CA ARG G 178 20.00 46.29 -26.63
C ARG G 178 18.73 45.68 -26.03
N ARG G 179 18.43 44.45 -26.41
CA ARG G 179 17.21 43.81 -25.96
C ARG G 179 17.03 43.85 -24.45
N PHE G 180 18.14 43.74 -23.73
CA PHE G 180 18.07 43.68 -22.27
C PHE G 180 18.38 45.01 -21.56
N LYS G 181 18.92 45.97 -22.29
CA LYS G 181 19.14 47.31 -21.72
C LYS G 181 17.82 47.97 -21.32
N GLY G 182 17.71 48.34 -20.05
CA GLY G 182 16.52 49.02 -19.55
C GLY G 182 15.35 48.06 -19.36
N SER G 183 15.65 46.77 -19.34
CA SER G 183 14.63 45.75 -19.23
C SER G 183 14.17 45.54 -17.78
N MET G 184 15.06 45.68 -16.82
CA MET G 184 14.66 45.37 -15.45
C MET G 184 13.53 46.30 -15.04
N GLU G 185 13.68 47.59 -15.35
CA GLU G 185 12.66 48.57 -15.02
C GLU G 185 11.35 48.25 -15.73
N GLU G 186 11.44 47.68 -16.92
CA GLU G 186 10.24 47.34 -17.68
C GLU G 186 9.50 46.16 -17.03
N TRP G 187 10.25 45.18 -16.53
CA TRP G 187 9.62 44.07 -15.80
C TRP G 187 9.06 44.56 -14.46
N GLN G 188 9.79 45.47 -13.80
CA GLN G 188 9.32 46.05 -12.54
C GLN G 188 7.99 46.73 -12.74
N ALA G 189 7.87 47.47 -13.84
CA ALA G 189 6.65 48.17 -14.18
C ALA G 189 5.50 47.24 -14.52
N MET G 190 5.82 46.01 -14.92
CA MET G 190 4.81 45.04 -15.32
C MET G 190 4.37 44.10 -14.19
N GLY G 191 4.90 44.33 -12.99
CA GLY G 191 4.50 43.56 -11.83
C GLY G 191 5.34 42.32 -11.60
N VAL G 192 6.36 42.12 -12.44
CA VAL G 192 7.24 40.97 -12.27
C VAL G 192 7.95 41.01 -10.92
N MET G 193 7.94 39.90 -10.21
CA MET G 193 8.42 39.86 -8.84
C MET G 193 9.93 39.67 -8.70
N ASN G 194 10.52 38.83 -9.56
CA ASN G 194 11.88 38.40 -9.31
C ASN G 194 12.59 37.85 -10.53
N TYR G 195 13.87 37.53 -10.37
CA TYR G 195 14.64 36.88 -11.42
C TYR G 195 15.03 35.48 -10.97
N GLU G 196 15.07 34.55 -11.93
CA GLU G 196 15.78 33.28 -11.75
C GLU G 196 16.08 32.66 -13.11
N MET G 197 16.49 31.40 -13.15
CA MET G 197 17.03 30.86 -14.40
C MET G 197 16.49 29.51 -14.87
N GLU G 198 15.45 29.02 -14.21
CA GLU G 198 14.95 27.67 -14.51
C GLU G 198 13.44 27.56 -14.75
N SER G 199 12.66 28.47 -14.17
CA SER G 199 11.22 28.27 -14.13
C SER G 199 10.55 28.21 -15.50
N ALA G 200 10.96 29.07 -16.42
CA ALA G 200 10.36 29.08 -17.75
C ALA G 200 10.46 27.71 -18.42
N THR G 201 11.63 27.08 -18.32
CA THR G 201 11.84 25.79 -18.97
C THR G 201 11.00 24.72 -18.29
N LEU G 202 11.20 24.58 -16.98
CA LEU G 202 10.44 23.64 -16.18
C LEU G 202 8.94 23.74 -16.40
N LEU G 203 8.41 24.95 -16.24
CA LEU G 203 6.96 25.15 -16.30
C LEU G 203 6.41 24.81 -17.68
N THR G 204 7.11 25.28 -18.71
CA THR G 204 6.72 25.07 -20.11
C THR G 204 6.73 23.60 -20.49
N MET G 205 7.87 22.93 -20.34
CA MET G 205 7.98 21.53 -20.72
C MET G 205 7.01 20.64 -19.95
N CYS G 206 6.60 21.06 -18.77
CA CYS G 206 5.63 20.30 -18.01
C CYS G 206 4.18 20.58 -18.42
N ALA G 207 3.80 21.85 -18.47
CA ALA G 207 2.42 22.19 -18.83
C ALA G 207 2.09 21.93 -20.31
N SER G 208 3.09 21.50 -21.08
CA SER G 208 2.86 21.17 -22.48
C SER G 208 3.01 19.67 -22.77
N GLN G 209 3.44 18.91 -21.77
CA GLN G 209 3.61 17.47 -21.95
C GLN G 209 2.95 16.64 -20.84
N GLY G 210 1.91 17.19 -20.23
CA GLY G 210 1.10 16.45 -19.27
C GLY G 210 1.73 16.19 -17.92
N LEU G 211 2.74 16.96 -17.56
CA LEU G 211 3.34 16.87 -16.23
C LEU G 211 2.79 17.99 -15.33
N ARG G 212 2.87 17.79 -14.03
CA ARG G 212 2.50 18.83 -13.09
C ARG G 212 3.77 19.46 -12.50
N ALA G 213 3.79 20.78 -12.47
CA ALA G 213 4.98 21.52 -12.01
C ALA G 213 4.61 22.68 -11.09
N GLY G 214 5.47 22.93 -10.11
CA GLY G 214 5.27 24.03 -9.17
C GLY G 214 6.61 24.66 -8.88
N MET G 215 6.60 25.95 -8.58
CA MET G 215 7.84 26.70 -8.39
C MET G 215 7.80 27.54 -7.12
N VAL G 216 8.78 27.33 -6.24
CA VAL G 216 8.90 28.16 -5.05
C VAL G 216 10.37 28.53 -4.84
N ALA G 217 10.60 29.74 -4.36
CA ALA G 217 11.97 30.21 -4.18
C ALA G 217 12.10 31.17 -3.00
N GLY G 218 13.29 31.21 -2.43
CA GLY G 218 13.57 32.12 -1.34
C GLY G 218 14.35 33.32 -1.83
N VAL G 219 13.85 34.51 -1.52
CA VAL G 219 14.55 35.73 -1.88
C VAL G 219 15.84 35.86 -1.09
N ILE G 220 16.97 35.86 -1.80
CA ILE G 220 18.27 36.00 -1.16
C ILE G 220 18.89 37.38 -1.38
N VAL G 221 18.25 38.18 -2.23
CA VAL G 221 18.74 39.52 -2.54
C VAL G 221 17.66 40.35 -3.21
N ASN G 222 17.71 41.67 -3.01
CA ASN G 222 16.79 42.57 -3.67
C ASN G 222 17.53 43.53 -4.61
N ARG G 223 17.24 43.39 -5.90
CA ARG G 223 17.99 44.06 -6.96
C ARG G 223 17.90 45.58 -6.94
N THR G 224 16.94 46.11 -6.19
CA THR G 224 16.82 47.56 -6.09
C THR G 224 17.88 48.11 -5.15
N GLN G 225 18.44 47.26 -4.31
CA GLN G 225 19.42 47.68 -3.31
C GLN G 225 20.85 47.20 -3.60
N GLN G 226 20.96 46.02 -4.17
CA GLN G 226 22.26 45.42 -4.48
C GLN G 226 22.20 44.71 -5.82
N GLU G 227 23.38 44.35 -6.33
CA GLU G 227 23.46 43.60 -7.56
C GLU G 227 23.84 42.16 -7.28
N ILE G 228 24.62 41.95 -6.23
CA ILE G 228 25.03 40.62 -5.80
C ILE G 228 24.54 40.32 -4.39
N PRO G 229 24.10 39.08 -4.14
CA PRO G 229 23.60 38.63 -2.83
C PRO G 229 24.64 38.70 -1.72
N ASN G 230 24.29 39.34 -0.60
CA ASN G 230 25.22 39.52 0.50
C ASN G 230 24.51 39.78 1.83
N THR G 237 15.07 31.83 7.06
CA THR G 237 16.47 31.96 6.69
C THR G 237 16.69 31.65 5.22
N GLU G 238 17.80 30.98 4.91
CA GLU G 238 18.10 30.56 3.55
C GLU G 238 17.29 29.32 3.17
N SER G 239 17.14 28.41 4.13
CA SER G 239 16.39 27.18 3.91
C SER G 239 15.02 27.25 4.60
N HIS G 240 14.21 28.24 4.20
CA HIS G 240 12.87 28.38 4.74
C HIS G 240 11.83 27.86 3.76
N ALA G 241 12.09 28.08 2.47
CA ALA G 241 11.18 27.62 1.43
C ALA G 241 11.21 26.10 1.36
N VAL G 242 12.24 25.51 1.94
CA VAL G 242 12.35 24.06 2.01
C VAL G 242 11.19 23.49 2.80
N LYS G 243 10.87 24.13 3.92
CA LYS G 243 9.74 23.73 4.74
C LYS G 243 8.45 23.80 3.93
N ILE G 244 8.40 24.74 2.97
CA ILE G 244 7.21 24.96 2.16
C ILE G 244 7.04 23.86 1.08
N VAL G 245 8.16 23.50 0.44
CA VAL G 245 8.12 22.56 -0.66
C VAL G 245 7.90 21.13 -0.16
N VAL G 246 8.06 20.95 1.15
CA VAL G 246 7.77 19.68 1.78
C VAL G 246 6.31 19.62 2.16
N GLU G 247 5.81 20.68 2.79
CA GLU G 247 4.39 20.71 3.18
C GLU G 247 3.49 20.72 1.95
N ALA G 248 4.04 21.14 0.81
CA ALA G 248 3.32 21.11 -0.45
C ALA G 248 3.37 19.71 -1.07
N ALA G 249 4.53 19.07 -0.96
CA ALA G 249 4.71 17.71 -1.46
C ALA G 249 4.00 16.71 -0.55
N ARG G 250 3.51 17.19 0.58
CA ARG G 250 2.74 16.38 1.51
C ARG G 250 1.25 16.53 1.21
N ARG G 251 0.84 17.76 0.90
CA ARG G 251 -0.55 18.06 0.60
C ARG G 251 -1.00 17.45 -0.71
N LEU G 252 -0.03 16.99 -1.51
CA LEU G 252 -0.34 16.26 -2.73
C LEU G 252 0.79 15.30 -3.08
N LEU G 253 0.41 14.09 -3.49
CA LEU G 253 1.37 13.07 -3.88
C LEU G 253 1.11 12.57 -5.29
N LYS H 3 -22.13 64.83 -21.56
CA LYS H 3 -21.09 64.69 -20.54
C LYS H 3 -20.55 63.26 -20.51
N SER H 4 -19.22 63.13 -20.51
CA SER H 4 -18.58 61.82 -20.52
C SER H 4 -17.17 61.86 -19.94
N ASP H 5 -16.78 60.74 -19.33
CA ASP H 5 -15.45 60.61 -18.74
C ASP H 5 -14.53 59.75 -19.61
N VAL H 6 -14.98 58.54 -19.93
CA VAL H 6 -14.27 57.67 -20.84
C VAL H 6 -14.85 57.80 -22.25
N PHE H 7 -14.02 57.59 -23.26
CA PHE H 7 -14.40 57.90 -24.64
C PHE H 7 -15.38 56.94 -25.31
N HIS H 8 -15.22 55.64 -25.05
CA HIS H 8 -16.06 54.65 -25.72
C HIS H 8 -17.27 54.21 -24.90
N LEU H 9 -17.02 53.75 -23.67
CA LEU H 9 -18.09 53.22 -22.83
C LEU H 9 -19.23 54.23 -22.61
N GLY H 10 -18.88 55.51 -22.62
CA GLY H 10 -19.84 56.55 -22.32
C GLY H 10 -20.24 56.48 -20.85
N LEU H 11 -19.25 56.44 -19.98
CA LEU H 11 -19.49 56.34 -18.53
C LEU H 11 -18.85 57.49 -17.74
N THR H 12 -19.21 57.54 -16.46
CA THR H 12 -18.58 58.46 -15.51
C THR H 12 -18.17 57.68 -14.27
N LYS H 13 -17.33 58.28 -13.43
CA LYS H 13 -16.88 57.62 -12.22
C LYS H 13 -18.03 57.49 -11.22
N ASN H 14 -19.03 58.35 -11.36
CA ASN H 14 -20.19 58.31 -10.46
C ASN H 14 -21.08 57.09 -10.68
N ASP H 15 -21.16 56.62 -11.92
CA ASP H 15 -22.04 55.50 -12.26
C ASP H 15 -21.61 54.19 -11.62
N LEU H 16 -20.31 54.02 -11.37
CA LEU H 16 -19.82 52.81 -10.74
C LEU H 16 -20.17 52.74 -9.25
N GLN H 17 -20.27 53.90 -8.62
CA GLN H 17 -20.61 53.97 -7.20
C GLN H 17 -19.64 53.19 -6.32
N GLY H 18 -18.34 53.37 -6.56
CA GLY H 18 -17.32 52.77 -5.73
C GLY H 18 -17.06 51.30 -6.04
N ALA H 19 -17.58 50.84 -7.17
CA ALA H 19 -17.34 49.46 -7.59
C ALA H 19 -15.89 49.30 -8.01
N GLN H 20 -15.32 48.12 -7.73
CA GLN H 20 -13.93 47.84 -8.06
C GLN H 20 -13.79 46.47 -8.70
N LEU H 21 -14.91 45.87 -9.07
CA LEU H 21 -14.92 44.56 -9.72
C LEU H 21 -15.88 44.56 -10.90
N ALA H 22 -15.54 43.81 -11.94
CA ALA H 22 -16.35 43.81 -13.15
C ALA H 22 -16.45 42.45 -13.81
N ILE H 23 -17.69 42.00 -14.04
CA ILE H 23 -17.92 40.79 -14.82
C ILE H 23 -18.04 41.18 -16.27
N VAL H 24 -17.21 40.58 -17.12
CA VAL H 24 -17.15 41.00 -18.52
C VAL H 24 -17.46 39.86 -19.48
N PRO H 25 -18.74 39.73 -19.86
CA PRO H 25 -19.13 38.78 -20.91
C PRO H 25 -18.75 39.32 -22.28
N GLY H 26 -18.80 38.46 -23.29
CA GLY H 26 -18.56 38.89 -24.66
C GLY H 26 -19.83 39.37 -25.33
N ASP H 27 -20.88 38.55 -25.23
CA ASP H 27 -22.19 38.86 -25.80
C ASP H 27 -22.82 40.08 -25.12
N PRO H 28 -23.12 41.13 -25.90
CA PRO H 28 -23.70 42.37 -25.38
C PRO H 28 -25.16 42.19 -24.95
N GLU H 29 -25.82 41.16 -25.48
CA GLU H 29 -27.19 40.83 -25.11
C GLU H 29 -27.21 40.07 -23.80
N ARG H 30 -26.05 39.55 -23.42
CA ARG H 30 -25.92 38.69 -22.25
C ARG H 30 -25.71 39.52 -20.99
N VAL H 31 -25.59 40.84 -21.16
CA VAL H 31 -25.37 41.72 -20.02
C VAL H 31 -26.62 41.81 -19.15
N GLU H 32 -27.77 41.53 -19.77
CA GLU H 32 -29.05 41.60 -19.07
C GLU H 32 -29.16 40.46 -18.05
N LYS H 33 -28.98 39.23 -18.52
CA LYS H 33 -29.14 38.06 -17.68
C LYS H 33 -28.15 38.01 -16.51
N ILE H 34 -26.91 38.39 -16.78
CA ILE H 34 -25.89 38.37 -15.74
C ILE H 34 -26.21 39.38 -14.66
N ALA H 35 -26.71 40.55 -15.07
CA ALA H 35 -27.06 41.59 -14.13
C ALA H 35 -28.35 41.24 -13.37
N ALA H 36 -29.10 40.29 -13.92
CA ALA H 36 -30.37 39.89 -13.34
C ALA H 36 -30.21 39.03 -12.08
N LEU H 37 -29.07 38.35 -11.97
CA LEU H 37 -28.82 37.49 -10.82
C LEU H 37 -28.26 38.26 -9.62
N MET H 38 -28.34 39.58 -9.70
CA MET H 38 -27.85 40.43 -8.62
C MET H 38 -28.90 41.46 -8.17
N ASP H 39 -28.57 42.21 -7.13
CA ASP H 39 -29.49 43.17 -6.53
C ASP H 39 -29.54 44.47 -7.32
N LYS H 40 -30.71 45.10 -7.34
CA LYS H 40 -30.93 46.40 -8.00
C LYS H 40 -30.04 46.66 -9.23
N PRO H 41 -30.33 45.96 -10.34
CA PRO H 41 -29.63 46.14 -11.61
C PRO H 41 -30.03 47.45 -12.29
N VAL H 42 -29.06 48.19 -12.83
CA VAL H 42 -29.33 49.47 -13.47
C VAL H 42 -28.56 49.66 -14.78
N LYS H 43 -29.28 50.02 -15.83
CA LYS H 43 -28.67 50.32 -17.12
C LYS H 43 -27.90 51.63 -17.04
N LEU H 44 -26.73 51.68 -17.65
CA LEU H 44 -25.90 52.88 -17.63
C LEU H 44 -25.83 53.53 -19.00
N ALA H 45 -25.16 52.84 -19.93
CA ALA H 45 -25.06 53.31 -21.31
C ALA H 45 -25.00 52.14 -22.28
N SER H 46 -25.09 52.45 -23.57
CA SER H 46 -25.03 51.41 -24.60
C SER H 46 -24.43 51.94 -25.90
N HIS H 47 -23.15 52.27 -25.85
CA HIS H 47 -22.43 52.72 -27.03
C HIS H 47 -21.75 51.54 -27.73
N ARG H 48 -22.13 51.29 -28.98
CA ARG H 48 -21.53 50.21 -29.76
C ARG H 48 -21.72 48.86 -29.07
N GLU H 49 -20.66 48.06 -29.03
CA GLU H 49 -20.73 46.73 -28.45
C GLU H 49 -20.48 46.74 -26.93
N PHE H 50 -20.48 47.93 -26.34
CA PHE H 50 -20.21 48.06 -24.90
C PHE H 50 -21.48 48.31 -24.09
N THR H 51 -22.33 47.28 -24.00
CA THR H 51 -23.51 47.34 -23.14
C THR H 51 -23.10 47.18 -21.69
N SER H 52 -23.27 48.22 -20.88
CA SER H 52 -22.84 48.21 -19.48
C SER H 52 -24.00 48.33 -18.48
N TRP H 53 -24.07 47.36 -17.57
CA TRP H 53 -25.09 47.34 -16.53
C TRP H 53 -24.47 47.48 -15.14
N ARG H 54 -24.94 48.45 -14.37
CA ARG H 54 -24.51 48.61 -12.97
C ARG H 54 -25.40 47.76 -12.08
N ALA H 55 -24.84 47.25 -10.98
CA ALA H 55 -25.61 46.43 -10.06
C ALA H 55 -24.91 46.35 -8.70
N GLU H 56 -25.55 45.66 -7.75
CA GLU H 56 -24.93 45.39 -6.45
C GLU H 56 -25.04 43.92 -6.10
N LEU H 57 -23.92 43.30 -5.77
CA LEU H 57 -23.90 41.88 -5.43
C LEU H 57 -23.42 41.67 -4.00
N ASP H 58 -24.24 40.99 -3.20
CA ASP H 58 -23.88 40.63 -1.85
C ASP H 58 -23.46 41.83 -1.00
N GLY H 59 -24.21 42.91 -1.10
CA GLY H 59 -23.96 44.09 -0.29
C GLY H 59 -23.14 45.15 -0.99
N LYS H 60 -22.17 44.73 -1.79
CA LYS H 60 -21.29 45.66 -2.47
C LYS H 60 -21.65 45.85 -3.94
N ALA H 61 -21.11 46.89 -4.55
CA ALA H 61 -21.44 47.24 -5.92
C ALA H 61 -20.55 46.55 -6.94
N VAL H 62 -21.16 46.08 -8.03
CA VAL H 62 -20.44 45.40 -9.10
C VAL H 62 -20.97 45.82 -10.46
N ILE H 63 -20.07 46.12 -11.39
CA ILE H 63 -20.45 46.52 -12.73
C ILE H 63 -20.35 45.35 -13.70
N VAL H 64 -21.18 45.37 -14.74
CA VAL H 64 -21.15 44.33 -15.76
C VAL H 64 -21.08 44.97 -17.15
N CYS H 65 -20.02 44.66 -17.89
CA CYS H 65 -19.81 45.29 -19.19
C CYS H 65 -19.46 44.28 -20.28
N SER H 66 -19.90 44.55 -21.50
CA SER H 66 -19.63 43.66 -22.62
C SER H 66 -18.37 44.12 -23.36
N THR H 67 -17.53 43.15 -23.72
CA THR H 67 -16.28 43.45 -24.40
C THR H 67 -16.46 43.39 -25.91
N GLY H 68 -17.30 42.45 -26.34
CA GLY H 68 -17.49 42.19 -27.75
C GLY H 68 -16.67 40.98 -28.15
N ILE H 69 -16.23 40.95 -29.40
CA ILE H 69 -15.39 39.86 -29.86
C ILE H 69 -13.98 40.35 -30.14
N GLY H 70 -12.99 39.64 -29.62
CA GLY H 70 -11.61 39.96 -29.93
C GLY H 70 -10.95 40.93 -28.96
N GLY H 71 -9.63 40.87 -28.90
CA GLY H 71 -8.85 41.66 -27.97
C GLY H 71 -8.97 43.15 -28.16
N PRO H 72 -8.91 43.63 -29.42
CA PRO H 72 -9.04 45.04 -29.74
C PRO H 72 -10.18 45.70 -28.97
N SER H 73 -11.38 45.12 -29.05
CA SER H 73 -12.54 45.65 -28.33
C SER H 73 -12.34 45.59 -26.84
N THR H 74 -11.68 44.53 -26.39
CA THR H 74 -11.47 44.31 -24.97
C THR H 74 -10.45 45.27 -24.39
N SER H 75 -9.42 45.60 -25.16
CA SER H 75 -8.38 46.52 -24.70
C SER H 75 -9.00 47.87 -24.36
N ILE H 76 -10.04 48.23 -25.11
CA ILE H 76 -10.76 49.47 -24.88
C ILE H 76 -11.56 49.38 -23.57
N ALA H 77 -12.47 48.41 -23.49
CA ALA H 77 -13.33 48.24 -22.32
C ALA H 77 -12.56 48.15 -21.01
N VAL H 78 -11.60 47.23 -20.93
CA VAL H 78 -10.78 47.06 -19.74
C VAL H 78 -10.06 48.35 -19.33
N GLU H 79 -9.38 48.98 -20.27
CA GLU H 79 -8.67 50.23 -20.01
C GLU H 79 -9.56 51.32 -19.43
N GLU H 80 -10.68 51.58 -20.09
CA GLU H 80 -11.61 52.63 -19.66
C GLU H 80 -12.28 52.30 -18.33
N LEU H 81 -12.66 51.04 -18.14
CA LEU H 81 -13.14 50.62 -16.83
C LEU H 81 -12.07 50.87 -15.77
N ALA H 82 -10.82 50.63 -16.13
CA ALA H 82 -9.72 50.78 -15.17
C ALA H 82 -9.58 52.24 -14.80
N GLN H 83 -9.81 53.11 -15.78
CA GLN H 83 -9.75 54.55 -15.56
C GLN H 83 -10.88 55.01 -14.66
N LEU H 84 -11.89 54.16 -14.48
CA LEU H 84 -13.05 54.51 -13.67
C LEU H 84 -12.91 53.96 -12.25
N GLY H 85 -12.09 52.93 -12.11
CA GLY H 85 -11.81 52.39 -10.78
C GLY H 85 -11.82 50.88 -10.66
N ILE H 86 -12.23 50.19 -11.73
CA ILE H 86 -12.28 48.73 -11.70
C ILE H 86 -10.88 48.14 -11.57
N ARG H 87 -10.70 47.28 -10.57
CA ARG H 87 -9.38 46.71 -10.30
C ARG H 87 -9.38 45.20 -10.49
N THR H 88 -10.57 44.62 -10.62
CA THR H 88 -10.72 43.18 -10.76
C THR H 88 -11.65 42.82 -11.93
N PHE H 89 -11.17 41.98 -12.84
CA PHE H 89 -11.96 41.59 -14.01
C PHE H 89 -12.20 40.08 -14.06
N LEU H 90 -13.47 39.70 -14.18
CA LEU H 90 -13.83 38.29 -14.34
C LEU H 90 -14.57 38.09 -15.65
N ARG H 91 -13.97 37.30 -16.55
CA ARG H 91 -14.55 37.11 -17.87
C ARG H 91 -15.28 35.78 -18.02
N ILE H 92 -16.49 35.86 -18.56
CA ILE H 92 -17.26 34.67 -18.90
C ILE H 92 -17.54 34.67 -20.39
N GLY H 93 -17.46 33.49 -21.01
CA GLY H 93 -17.69 33.38 -22.43
C GLY H 93 -17.91 31.97 -22.90
N THR H 94 -18.04 31.81 -24.21
CA THR H 94 -18.27 30.51 -24.82
C THR H 94 -17.03 30.07 -25.59
N THR H 95 -16.64 28.81 -25.43
CA THR H 95 -15.43 28.32 -26.06
C THR H 95 -15.64 26.96 -26.74
N GLY H 96 -14.81 26.66 -27.73
CA GLY H 96 -14.85 25.37 -28.38
C GLY H 96 -13.74 24.48 -27.85
N ALA H 97 -14.13 23.33 -27.29
CA ALA H 97 -13.15 22.40 -26.74
C ALA H 97 -12.41 21.64 -27.84
N ILE H 98 -11.16 21.29 -27.58
CA ILE H 98 -10.35 20.56 -28.55
C ILE H 98 -9.84 19.26 -27.94
N GLN H 99 -10.20 19.03 -26.68
CA GLN H 99 -9.89 17.78 -25.99
C GLN H 99 -11.10 16.84 -26.01
N PRO H 100 -10.91 15.61 -26.52
CA PRO H 100 -12.03 14.66 -26.64
C PRO H 100 -12.66 14.29 -25.30
N HIS H 101 -11.86 14.25 -24.25
CA HIS H 101 -12.31 13.76 -22.95
C HIS H 101 -13.25 14.73 -22.22
N ILE H 102 -13.34 15.96 -22.69
CA ILE H 102 -14.26 16.92 -22.09
C ILE H 102 -15.53 17.04 -22.95
N ASN H 103 -16.66 17.30 -22.30
CA ASN H 103 -17.97 17.28 -22.97
C ASN H 103 -18.56 18.66 -23.27
N VAL H 104 -19.58 18.67 -24.11
CA VAL H 104 -20.28 19.91 -24.43
C VAL H 104 -21.03 20.41 -23.21
N GLY H 105 -21.06 21.72 -23.02
CA GLY H 105 -21.77 22.30 -21.88
C GLY H 105 -20.98 22.23 -20.59
N ASP H 106 -19.71 21.80 -20.69
CA ASP H 106 -18.82 21.77 -19.53
C ASP H 106 -18.30 23.16 -19.16
N VAL H 107 -17.65 23.23 -18.00
CA VAL H 107 -17.09 24.49 -17.52
C VAL H 107 -15.56 24.45 -17.54
N LEU H 108 -14.97 25.47 -18.15
CA LEU H 108 -13.52 25.54 -18.25
C LEU H 108 -12.97 26.80 -17.58
N VAL H 109 -11.99 26.60 -16.71
CA VAL H 109 -11.30 27.71 -16.07
C VAL H 109 -9.90 27.85 -16.64
N THR H 110 -9.60 29.02 -17.19
CA THR H 110 -8.28 29.28 -17.77
C THR H 110 -7.30 29.79 -16.71
N THR H 111 -6.15 29.13 -16.65
CA THR H 111 -5.07 29.59 -15.81
C THR H 111 -4.19 30.58 -16.60
N ALA H 112 -3.92 30.23 -17.85
CA ALA H 112 -3.06 31.00 -18.74
C ALA H 112 -3.41 30.68 -20.19
N SER H 113 -3.16 31.61 -21.11
CA SER H 113 -3.56 31.42 -22.51
C SER H 113 -2.38 31.36 -23.47
N VAL H 114 -2.60 30.72 -24.62
CA VAL H 114 -1.65 30.81 -25.71
C VAL H 114 -1.94 32.09 -26.50
N ARG H 115 -0.95 32.98 -26.59
CA ARG H 115 -1.14 34.30 -27.18
C ARG H 115 -1.12 34.28 -28.72
N LEU H 116 -2.28 34.01 -29.30
CA LEU H 116 -2.41 33.94 -30.75
C LEU H 116 -3.10 35.19 -31.30
N ASP H 117 -2.94 36.29 -30.57
CA ASP H 117 -3.52 37.56 -30.97
C ASP H 117 -2.42 38.58 -31.17
N GLY H 118 -2.82 39.84 -31.31
CA GLY H 118 -1.85 40.91 -31.49
C GLY H 118 -2.00 41.97 -30.42
N ALA H 119 -3.19 42.05 -29.83
CA ALA H 119 -3.45 43.08 -28.82
C ALA H 119 -2.53 42.91 -27.62
N SER H 120 -2.32 41.66 -27.21
CA SER H 120 -1.45 41.36 -26.08
C SER H 120 -0.06 41.99 -26.26
N LEU H 121 0.44 41.95 -27.48
CA LEU H 121 1.75 42.56 -27.81
C LEU H 121 1.82 44.07 -27.55
N HIS H 122 0.67 44.73 -27.50
CA HIS H 122 0.64 46.17 -27.23
C HIS H 122 0.84 46.44 -25.73
N PHE H 123 0.84 45.38 -24.93
CA PHE H 123 0.98 45.53 -23.48
C PHE H 123 2.22 44.84 -22.92
N ALA H 124 2.57 43.71 -23.52
CA ALA H 124 3.79 43.01 -23.15
C ALA H 124 4.37 42.31 -24.37
N PRO H 125 5.69 42.09 -24.37
CA PRO H 125 6.36 41.33 -25.43
C PRO H 125 5.95 39.86 -25.33
N MET H 126 6.08 39.11 -26.42
CA MET H 126 5.60 37.73 -26.48
C MET H 126 6.07 36.78 -25.34
N GLU H 127 7.23 37.07 -24.75
CA GLU H 127 7.79 36.18 -23.72
C GLU H 127 7.06 36.31 -22.40
N PHE H 128 6.17 37.30 -22.31
CA PHE H 128 5.43 37.52 -21.10
C PHE H 128 4.22 36.59 -21.10
N PRO H 129 3.94 35.93 -19.97
CA PRO H 129 2.86 34.95 -19.92
C PRO H 129 1.48 35.59 -19.78
N ALA H 130 0.53 35.14 -20.59
CA ALA H 130 -0.86 35.57 -20.43
C ALA H 130 -1.52 34.74 -19.31
N VAL H 131 -1.10 35.01 -18.08
CA VAL H 131 -1.52 34.23 -16.91
C VAL H 131 -2.56 34.97 -16.08
N ALA H 132 -3.58 34.23 -15.65
CA ALA H 132 -4.62 34.81 -14.81
C ALA H 132 -4.12 35.00 -13.38
N ASP H 133 -4.85 35.80 -12.62
CA ASP H 133 -4.54 36.04 -11.22
C ASP H 133 -4.96 34.83 -10.38
N PHE H 134 -4.14 34.47 -9.41
CA PHE H 134 -4.36 33.26 -8.63
C PHE H 134 -5.63 33.35 -7.78
N ALA H 135 -5.85 34.49 -7.14
CA ALA H 135 -7.03 34.69 -6.31
C ALA H 135 -8.31 34.48 -7.10
N CYS H 136 -8.33 35.00 -8.32
CA CYS H 136 -9.50 34.88 -9.19
C CYS H 136 -9.65 33.45 -9.70
N THR H 137 -8.52 32.83 -10.03
CA THR H 137 -8.54 31.48 -10.56
C THR H 137 -9.00 30.50 -9.48
N THR H 138 -8.47 30.67 -8.28
CA THR H 138 -8.78 29.80 -7.15
C THR H 138 -10.22 30.01 -6.67
N ALA H 139 -10.76 31.19 -6.93
CA ALA H 139 -12.15 31.49 -6.57
C ALA H 139 -13.10 31.03 -7.66
N LEU H 140 -12.57 30.93 -8.89
CA LEU H 140 -13.37 30.51 -10.03
C LEU H 140 -13.61 29.00 -9.97
N VAL H 141 -12.61 28.27 -9.49
CA VAL H 141 -12.69 26.82 -9.38
C VAL H 141 -13.60 26.39 -8.24
N GLU H 142 -13.37 26.98 -7.06
CA GLU H 142 -14.08 26.59 -5.86
C GLU H 142 -15.51 27.14 -5.81
N ALA H 143 -15.88 27.92 -6.82
CA ALA H 143 -17.26 28.37 -6.95
C ALA H 143 -18.00 27.46 -7.93
N ALA H 144 -17.25 26.93 -8.89
CA ALA H 144 -17.82 26.00 -9.87
C ALA H 144 -18.08 24.64 -9.24
N LYS H 145 -17.24 24.27 -8.27
CA LYS H 145 -17.40 23.02 -7.55
C LYS H 145 -18.43 23.16 -6.42
N SER H 146 -18.80 24.41 -6.13
CA SER H 146 -19.86 24.68 -5.16
C SER H 146 -21.21 24.34 -5.76
N ILE H 147 -21.34 24.57 -7.05
CA ILE H 147 -22.55 24.22 -7.79
C ILE H 147 -22.41 22.83 -8.39
N GLY H 148 -21.21 22.26 -8.26
CA GLY H 148 -20.97 20.89 -8.68
C GLY H 148 -21.04 20.69 -10.18
N ALA H 149 -20.18 21.38 -10.91
CA ALA H 149 -20.13 21.23 -12.35
C ALA H 149 -18.84 20.55 -12.79
N THR H 150 -18.91 19.83 -13.90
CA THR H 150 -17.73 19.18 -14.46
C THR H 150 -16.74 20.27 -14.88
N THR H 151 -15.61 20.34 -14.19
CA THR H 151 -14.66 21.42 -14.41
C THR H 151 -13.26 20.93 -14.79
N HIS H 152 -12.76 21.44 -15.92
CA HIS H 152 -11.39 21.20 -16.33
C HIS H 152 -10.60 22.49 -16.19
N VAL H 153 -9.35 22.35 -15.78
CA VAL H 153 -8.49 23.51 -15.57
C VAL H 153 -7.20 23.34 -16.35
N GLY H 154 -6.78 24.40 -17.03
CA GLY H 154 -5.56 24.34 -17.81
C GLY H 154 -5.39 25.49 -18.80
N VAL H 155 -4.71 25.20 -19.91
CA VAL H 155 -4.33 26.21 -20.88
C VAL H 155 -5.35 26.38 -21.99
N THR H 156 -5.67 27.63 -22.29
CA THR H 156 -6.58 27.99 -23.37
C THR H 156 -5.79 28.58 -24.54
N ALA H 157 -6.25 28.29 -25.76
CA ALA H 157 -5.65 28.87 -26.95
C ALA H 157 -6.46 30.07 -27.42
N SER H 158 -5.90 31.27 -27.26
CA SER H 158 -6.64 32.51 -27.54
C SER H 158 -6.33 33.10 -28.93
N SER H 159 -7.14 32.72 -29.92
CA SER H 159 -6.97 33.16 -31.31
C SER H 159 -7.55 34.54 -31.60
N ASP H 160 -6.94 35.23 -32.56
CA ASP H 160 -7.41 36.55 -32.99
C ASP H 160 -8.52 36.45 -34.03
N THR H 161 -8.64 35.29 -34.68
CA THR H 161 -9.72 35.07 -35.63
C THR H 161 -10.55 33.87 -35.22
N PHE H 162 -11.70 33.70 -35.87
CA PHE H 162 -12.58 32.59 -35.57
C PHE H 162 -12.33 31.40 -36.48
N TYR H 163 -11.90 31.67 -37.71
CA TYR H 163 -11.79 30.60 -38.70
C TYR H 163 -10.38 30.07 -38.94
N PRO H 164 -9.49 30.88 -39.51
CA PRO H 164 -8.12 30.41 -39.77
C PRO H 164 -7.35 30.12 -38.48
N GLY H 165 -7.43 31.02 -37.51
CA GLY H 165 -6.71 30.86 -36.26
C GLY H 165 -7.06 29.62 -35.48
N GLN H 166 -8.27 29.10 -35.69
CA GLN H 166 -8.71 27.87 -35.04
C GLN H 166 -8.76 26.73 -36.04
N GLU H 167 -8.03 26.88 -37.14
CA GLU H 167 -7.89 25.87 -38.19
C GLU H 167 -9.20 25.27 -38.68
N ARG H 168 -10.19 26.13 -38.92
CA ARG H 168 -11.41 25.73 -39.61
C ARG H 168 -11.20 25.82 -41.12
N TYR H 169 -11.49 24.73 -41.81
CA TYR H 169 -11.31 24.66 -43.26
C TYR H 169 -12.62 24.85 -44.04
N ASP H 170 -13.75 24.70 -43.36
CA ASP H 170 -15.03 24.91 -44.02
C ASP H 170 -15.36 26.39 -44.12
N THR H 171 -14.66 27.09 -45.01
CA THR H 171 -14.80 28.53 -45.16
C THR H 171 -14.81 28.89 -46.63
N TYR H 172 -14.79 30.19 -46.92
CA TYR H 172 -14.80 30.66 -48.30
C TYR H 172 -13.58 30.15 -49.08
N SER H 173 -12.39 30.51 -48.63
CA SER H 173 -11.15 30.06 -49.28
C SER H 173 -10.84 28.60 -48.99
N GLY H 174 -11.23 28.16 -47.80
CA GLY H 174 -10.92 26.81 -47.36
C GLY H 174 -9.43 26.62 -47.20
N ARG H 175 -8.72 27.75 -47.11
CA ARG H 175 -7.27 27.77 -46.98
C ARG H 175 -6.89 28.16 -45.56
N VAL H 176 -5.72 27.71 -45.13
CA VAL H 176 -5.18 28.09 -43.84
C VAL H 176 -3.72 28.43 -44.04
N VAL H 177 -3.28 29.53 -43.45
CA VAL H 177 -1.93 30.01 -43.67
C VAL H 177 -0.96 29.04 -43.00
N ARG H 178 0.25 28.94 -43.56
CA ARG H 178 1.23 27.95 -43.11
C ARG H 178 1.36 27.91 -41.59
N ARG H 179 1.37 29.09 -40.96
CA ARG H 179 1.48 29.19 -39.52
C ARG H 179 0.43 28.39 -38.74
N PHE H 180 -0.80 28.35 -39.26
CA PHE H 180 -1.90 27.71 -38.53
C PHE H 180 -2.30 26.34 -39.08
N LYS H 181 -1.58 25.89 -40.11
CA LYS H 181 -1.87 24.61 -40.71
C LYS H 181 -1.29 23.49 -39.85
N GLY H 182 -2.18 22.61 -39.37
CA GLY H 182 -1.79 21.51 -38.50
C GLY H 182 -1.62 21.95 -37.06
N SER H 183 -2.13 23.13 -36.74
CA SER H 183 -1.87 23.71 -35.43
C SER H 183 -2.79 23.16 -34.34
N MET H 184 -4.02 22.83 -34.72
CA MET H 184 -4.97 22.33 -33.73
C MET H 184 -4.47 21.12 -32.96
N GLU H 185 -4.05 20.10 -33.69
CA GLU H 185 -3.62 18.86 -33.04
C GLU H 185 -2.39 19.11 -32.19
N GLU H 186 -1.59 20.11 -32.57
CA GLU H 186 -0.40 20.45 -31.79
C GLU H 186 -0.80 21.02 -30.44
N TRP H 187 -1.75 21.95 -30.44
CA TRP H 187 -2.32 22.44 -29.19
C TRP H 187 -2.91 21.26 -28.40
N GLN H 188 -3.62 20.37 -29.09
CA GLN H 188 -4.23 19.21 -28.46
C GLN H 188 -3.19 18.36 -27.74
N ALA H 189 -2.10 18.07 -28.45
CA ALA H 189 -1.00 17.28 -27.93
C ALA H 189 -0.32 17.96 -26.73
N MET H 190 -0.25 19.29 -26.77
CA MET H 190 0.36 20.05 -25.68
C MET H 190 -0.60 20.22 -24.50
N GLY H 191 -1.78 19.62 -24.61
CA GLY H 191 -2.74 19.63 -23.52
C GLY H 191 -3.63 20.86 -23.45
N VAL H 192 -3.64 21.65 -24.53
CA VAL H 192 -4.50 22.83 -24.59
C VAL H 192 -5.97 22.41 -24.61
N MET H 193 -6.78 23.05 -23.78
CA MET H 193 -8.17 22.64 -23.61
C MET H 193 -9.10 23.13 -24.70
N ASN H 194 -8.98 24.40 -25.07
CA ASN H 194 -9.99 25.04 -25.89
C ASN H 194 -9.51 26.25 -26.69
N TYR H 195 -10.37 26.70 -27.60
CA TYR H 195 -10.17 27.91 -28.37
C TYR H 195 -11.16 28.97 -27.89
N GLU H 196 -10.73 30.23 -27.90
CA GLU H 196 -11.62 31.37 -27.70
C GLU H 196 -10.86 32.60 -28.24
N MET H 197 -11.40 33.81 -28.07
CA MET H 197 -10.81 34.96 -28.74
C MET H 197 -10.52 36.21 -27.90
N GLU H 198 -10.46 36.09 -26.58
CA GLU H 198 -10.30 37.30 -25.76
C GLU H 198 -9.32 37.15 -24.59
N SER H 199 -9.13 35.93 -24.12
CA SER H 199 -8.37 35.66 -22.89
C SER H 199 -6.91 36.14 -22.92
N ALA H 200 -6.20 35.88 -24.01
CA ALA H 200 -4.81 36.30 -24.13
C ALA H 200 -4.64 37.81 -23.93
N THR H 201 -5.53 38.59 -24.55
CA THR H 201 -5.49 40.04 -24.42
C THR H 201 -5.82 40.46 -22.99
N LEU H 202 -6.94 39.99 -22.48
CA LEU H 202 -7.38 40.31 -21.13
C LEU H 202 -6.30 39.97 -20.11
N LEU H 203 -5.88 38.71 -20.11
CA LEU H 203 -4.90 38.21 -19.15
C LEU H 203 -3.60 38.99 -19.21
N THR H 204 -3.08 39.20 -20.42
CA THR H 204 -1.81 39.90 -20.55
C THR H 204 -1.85 41.33 -20.02
N MET H 205 -2.90 42.07 -20.40
CA MET H 205 -2.94 43.48 -20.04
C MET H 205 -3.14 43.69 -18.54
N CYS H 206 -3.85 42.76 -17.90
CA CYS H 206 -4.10 42.85 -16.47
C CYS H 206 -2.87 42.46 -15.66
N ALA H 207 -2.24 41.36 -16.08
CA ALA H 207 -1.03 40.88 -15.44
C ALA H 207 0.16 41.84 -15.57
N SER H 208 0.09 42.76 -16.52
CA SER H 208 1.21 43.67 -16.75
C SER H 208 0.94 45.07 -16.21
N GLN H 209 -0.29 45.29 -15.76
CA GLN H 209 -0.70 46.61 -15.27
C GLN H 209 -1.34 46.52 -13.89
N GLY H 210 -0.95 45.52 -13.12
CA GLY H 210 -1.43 45.34 -11.77
C GLY H 210 -2.93 45.20 -11.61
N LEU H 211 -3.59 44.54 -12.55
CA LEU H 211 -5.03 44.29 -12.47
C LEU H 211 -5.34 42.81 -12.32
N ARG H 212 -6.35 42.50 -11.51
CA ARG H 212 -6.79 41.13 -11.32
C ARG H 212 -7.55 40.62 -12.54
N ALA H 213 -7.39 39.35 -12.89
CA ALA H 213 -8.14 38.77 -14.02
C ALA H 213 -8.41 37.28 -13.88
N GLY H 214 -9.60 36.86 -14.29
CA GLY H 214 -10.00 35.46 -14.26
C GLY H 214 -10.82 35.09 -15.49
N MET H 215 -10.78 33.83 -15.89
CA MET H 215 -11.47 33.39 -17.11
C MET H 215 -12.27 32.11 -16.93
N VAL H 216 -13.59 32.21 -17.05
CA VAL H 216 -14.46 31.04 -17.01
C VAL H 216 -15.28 30.96 -18.28
N ALA H 217 -15.46 29.74 -18.79
CA ALA H 217 -16.11 29.55 -20.08
C ALA H 217 -17.06 28.35 -20.12
N GLY H 218 -17.95 28.36 -21.11
CA GLY H 218 -18.88 27.26 -21.32
C GLY H 218 -18.71 26.64 -22.69
N VAL H 219 -18.35 25.36 -22.72
CA VAL H 219 -18.12 24.67 -23.99
C VAL H 219 -19.43 24.49 -24.76
N ILE H 220 -19.49 25.07 -25.96
CA ILE H 220 -20.67 24.92 -26.79
C ILE H 220 -20.43 23.94 -27.92
N VAL H 221 -19.19 23.50 -28.08
CA VAL H 221 -18.88 22.51 -29.09
C VAL H 221 -17.54 21.85 -28.83
N ASN H 222 -17.40 20.62 -29.31
CA ASN H 222 -16.14 19.91 -29.28
C ASN H 222 -15.61 19.79 -30.71
N ARG H 223 -14.36 20.18 -30.90
CA ARG H 223 -13.79 20.25 -32.24
C ARG H 223 -13.39 18.90 -32.79
N THR H 224 -13.44 17.87 -31.94
CA THR H 224 -13.21 16.51 -32.42
C THR H 224 -14.51 15.96 -32.96
N GLN H 225 -15.60 16.68 -32.68
CA GLN H 225 -16.93 16.31 -33.16
C GLN H 225 -17.30 17.09 -34.40
N GLN H 226 -17.62 18.37 -34.22
CA GLN H 226 -18.11 19.22 -35.30
C GLN H 226 -17.25 20.48 -35.43
N GLU H 227 -17.14 21.00 -36.65
CA GLU H 227 -16.39 22.22 -36.85
C GLU H 227 -17.16 23.44 -36.32
N ILE H 228 -18.49 23.32 -36.25
CA ILE H 228 -19.29 24.38 -35.64
C ILE H 228 -20.37 23.83 -34.70
N PRO H 229 -20.81 24.67 -33.78
CA PRO H 229 -21.71 24.30 -32.69
C PRO H 229 -23.21 24.27 -33.06
N ASN H 230 -24.08 24.20 -32.05
CA ASN H 230 -25.53 24.16 -32.29
C ASN H 230 -26.04 22.74 -32.50
N SER H 239 -25.47 29.03 -19.57
CA SER H 239 -26.08 29.56 -18.36
C SER H 239 -25.45 28.95 -17.10
N HIS H 240 -24.71 27.86 -17.28
CA HIS H 240 -24.06 27.19 -16.16
C HIS H 240 -22.92 28.04 -15.61
N ALA H 241 -22.13 28.61 -16.52
CA ALA H 241 -20.96 29.40 -16.13
C ALA H 241 -21.36 30.72 -15.48
N VAL H 242 -22.56 31.19 -15.80
CA VAL H 242 -23.03 32.45 -15.22
C VAL H 242 -23.23 32.30 -13.72
N LYS H 243 -23.69 31.12 -13.30
CA LYS H 243 -23.90 30.85 -11.88
C LYS H 243 -22.56 30.89 -11.16
N ILE H 244 -21.50 30.53 -11.87
CA ILE H 244 -20.17 30.42 -11.28
C ILE H 244 -19.48 31.78 -11.17
N VAL H 245 -19.62 32.60 -12.21
CA VAL H 245 -18.92 33.87 -12.27
C VAL H 245 -19.38 34.82 -11.18
N VAL H 246 -20.55 34.55 -10.61
CA VAL H 246 -21.09 35.42 -9.56
C VAL H 246 -20.76 34.90 -8.17
N GLU H 247 -20.72 33.58 -8.00
CA GLU H 247 -20.35 33.01 -6.72
C GLU H 247 -18.84 33.14 -6.50
N ALA H 248 -18.14 33.46 -7.59
CA ALA H 248 -16.72 33.76 -7.52
C ALA H 248 -16.53 35.26 -7.24
N ALA H 249 -17.47 36.06 -7.72
CA ALA H 249 -17.42 37.50 -7.51
C ALA H 249 -17.58 37.87 -6.03
N ARG H 250 -18.49 37.19 -5.34
CA ARG H 250 -18.75 37.46 -3.93
C ARG H 250 -17.60 37.06 -3.02
N ARG H 251 -16.92 35.98 -3.36
CA ARG H 251 -15.79 35.50 -2.57
C ARG H 251 -14.54 36.34 -2.79
N LEU H 252 -14.43 36.93 -3.99
CA LEU H 252 -13.26 37.74 -4.33
C LEU H 252 -13.30 39.12 -3.68
N LEU H 253 -14.45 39.77 -3.74
CA LEU H 253 -14.59 41.11 -3.15
C LEU H 253 -14.91 41.02 -1.66
N SER I 4 35.60 36.23 -1.14
CA SER I 4 35.53 35.74 -2.51
C SER I 4 35.29 36.88 -3.49
N ASP I 5 35.90 36.79 -4.66
CA ASP I 5 35.78 37.83 -5.69
C ASP I 5 34.57 37.61 -6.59
N VAL I 6 34.23 36.36 -6.85
CA VAL I 6 33.09 36.02 -7.70
C VAL I 6 32.02 35.22 -6.95
N PHE I 7 30.76 35.36 -7.36
CA PHE I 7 29.65 34.87 -6.57
C PHE I 7 29.43 33.36 -6.59
N HIS I 8 29.53 32.74 -7.77
CA HIS I 8 29.19 31.33 -7.93
C HIS I 8 30.38 30.39 -7.79
N LEU I 9 31.49 30.74 -8.42
CA LEU I 9 32.66 29.87 -8.44
C LEU I 9 33.30 29.69 -7.06
N GLY I 10 33.21 30.72 -6.23
CA GLY I 10 33.83 30.69 -4.92
C GLY I 10 35.34 30.78 -5.04
N LEU I 11 35.80 31.45 -6.10
CA LEU I 11 37.23 31.62 -6.31
C LEU I 11 37.66 33.03 -5.90
N THR I 12 38.97 33.19 -5.74
CA THR I 12 39.61 34.50 -5.60
C THR I 12 40.73 34.56 -6.63
N LYS I 13 41.11 35.77 -7.02
CA LYS I 13 42.16 35.91 -8.02
C LYS I 13 43.44 35.20 -7.55
N ASN I 14 43.64 35.19 -6.24
CA ASN I 14 44.81 34.54 -5.64
C ASN I 14 44.82 33.02 -5.79
N ASP I 15 43.64 32.43 -6.00
CA ASP I 15 43.57 30.99 -6.23
C ASP I 15 43.99 30.65 -7.65
N LEU I 16 44.05 31.67 -8.50
CA LEU I 16 44.45 31.49 -9.89
C LEU I 16 45.97 31.47 -10.09
N GLN I 17 46.67 32.38 -9.41
CA GLN I 17 48.13 32.48 -9.52
C GLN I 17 48.52 33.14 -10.83
N GLY I 18 47.75 34.15 -11.24
CA GLY I 18 48.01 34.85 -12.48
C GLY I 18 47.59 34.08 -13.71
N ALA I 19 46.74 33.08 -13.52
CA ALA I 19 46.27 32.26 -14.63
C ALA I 19 45.43 33.11 -15.59
N GLN I 20 45.74 33.01 -16.88
CA GLN I 20 44.98 33.72 -17.90
C GLN I 20 44.07 32.76 -18.67
N LEU I 21 44.22 31.46 -18.44
CA LEU I 21 43.42 30.48 -19.17
C LEU I 21 42.91 29.28 -18.38
N ALA I 22 41.74 28.80 -18.81
CA ALA I 22 41.05 27.69 -18.17
C ALA I 22 40.59 26.68 -19.20
N ILE I 23 40.55 25.41 -18.81
CA ILE I 23 39.96 24.36 -19.63
C ILE I 23 38.59 24.03 -19.05
N VAL I 24 37.53 24.26 -19.83
CA VAL I 24 36.18 24.15 -19.30
C VAL I 24 35.38 22.97 -19.84
N PRO I 25 35.45 21.82 -19.14
CA PRO I 25 34.61 20.65 -19.41
C PRO I 25 33.20 20.86 -18.87
N GLY I 26 32.31 19.92 -19.10
CA GLY I 26 30.95 20.04 -18.62
C GLY I 26 30.69 19.10 -17.47
N ASP I 27 31.72 18.35 -17.09
CA ASP I 27 31.58 17.33 -16.04
C ASP I 27 32.56 17.59 -14.91
N PRO I 28 32.03 17.75 -13.68
CA PRO I 28 32.84 17.96 -12.48
C PRO I 28 33.78 16.79 -12.20
N GLU I 29 33.44 15.60 -12.68
CA GLU I 29 34.27 14.42 -12.47
C GLU I 29 35.48 14.42 -13.42
N ARG I 30 35.37 15.09 -14.55
CA ARG I 30 36.48 15.17 -15.51
C ARG I 30 37.55 16.14 -15.03
N VAL I 31 37.17 17.04 -14.14
CA VAL I 31 38.07 18.08 -13.67
C VAL I 31 39.35 17.53 -13.03
N GLU I 32 39.20 16.63 -12.06
CA GLU I 32 40.33 16.06 -11.34
C GLU I 32 41.20 15.16 -12.22
N LYS I 33 40.55 14.46 -13.17
CA LYS I 33 41.27 13.62 -14.12
C LYS I 33 41.97 14.49 -15.18
N ILE I 34 41.36 15.62 -15.50
CA ILE I 34 41.97 16.60 -16.40
C ILE I 34 43.21 17.23 -15.77
N ALA I 35 43.02 17.80 -14.58
CA ALA I 35 44.08 18.56 -13.90
C ALA I 35 45.28 17.69 -13.50
N ALA I 36 45.12 16.37 -13.54
CA ALA I 36 46.19 15.47 -13.16
C ALA I 36 47.09 15.16 -14.36
N LEU I 37 46.63 15.50 -15.56
CA LEU I 37 47.38 15.25 -16.78
C LEU I 37 48.37 16.38 -17.08
N MET I 38 48.56 17.27 -16.10
CA MET I 38 49.48 18.39 -16.28
C MET I 38 50.59 18.34 -15.25
N ASP I 39 50.58 19.27 -14.30
CA ASP I 39 51.61 19.29 -13.25
C ASP I 39 51.14 19.93 -11.95
N LYS I 40 51.40 19.22 -10.84
CA LYS I 40 51.05 19.69 -9.50
C LYS I 40 49.63 20.27 -9.42
N PRO I 41 48.62 19.39 -9.42
CA PRO I 41 47.21 19.76 -9.37
C PRO I 41 46.77 20.17 -7.97
N VAL I 42 46.00 21.25 -7.88
CA VAL I 42 45.47 21.71 -6.61
C VAL I 42 43.97 21.97 -6.74
N LYS I 43 43.20 21.38 -5.84
CA LYS I 43 41.75 21.56 -5.80
C LYS I 43 41.44 22.92 -5.16
N LEU I 44 40.68 23.75 -5.88
CA LEU I 44 40.40 25.11 -5.44
C LEU I 44 39.06 25.21 -4.71
N ALA I 45 37.99 24.79 -5.38
CA ALA I 45 36.67 24.84 -4.78
C ALA I 45 35.66 23.98 -5.55
N SER I 46 34.59 23.63 -4.85
CA SER I 46 33.53 22.83 -5.45
C SER I 46 32.18 23.31 -4.92
N HIS I 47 31.49 24.11 -5.72
CA HIS I 47 30.17 24.59 -5.36
C HIS I 47 29.22 24.37 -6.53
N ARG I 48 28.05 23.79 -6.22
CA ARG I 48 27.09 23.47 -7.25
C ARG I 48 27.76 22.63 -8.33
N GLU I 49 27.78 23.14 -9.55
CA GLU I 49 28.36 22.39 -10.67
C GLU I 49 29.72 22.94 -11.08
N PHE I 50 30.34 23.70 -10.18
CA PHE I 50 31.60 24.37 -10.47
C PHE I 50 32.76 23.81 -9.64
N THR I 51 33.35 22.73 -10.13
CA THR I 51 34.56 22.16 -9.52
C THR I 51 35.79 22.81 -10.13
N SER I 52 36.55 23.52 -9.30
CA SER I 52 37.71 24.27 -9.78
C SER I 52 39.01 23.62 -9.35
N TRP I 53 39.91 23.41 -10.31
CA TRP I 53 41.22 22.82 -10.05
C TRP I 53 42.32 23.67 -10.67
N ARG I 54 43.46 23.76 -9.98
CA ARG I 54 44.57 24.57 -10.44
C ARG I 54 45.77 23.69 -10.81
N ALA I 55 46.38 23.97 -11.96
CA ALA I 55 47.54 23.22 -12.43
C ALA I 55 48.40 24.12 -13.30
N GLU I 56 49.64 23.70 -13.54
CA GLU I 56 50.58 24.51 -14.31
C GLU I 56 50.98 23.83 -15.61
N LEU I 57 51.29 24.66 -16.63
CA LEU I 57 51.71 24.14 -17.92
C LEU I 57 52.78 25.07 -18.51
N ASP I 58 54.00 24.53 -18.65
CA ASP I 58 55.12 25.32 -19.14
C ASP I 58 55.38 26.53 -18.26
N GLY I 59 55.28 26.32 -16.94
CA GLY I 59 55.55 27.36 -15.98
C GLY I 59 54.42 28.35 -15.88
N LYS I 60 53.24 27.94 -16.32
CA LYS I 60 52.07 28.83 -16.28
C LYS I 60 50.84 28.19 -15.65
N ALA I 61 50.34 28.83 -14.60
CA ALA I 61 49.19 28.36 -13.85
C ALA I 61 47.99 28.17 -14.77
N VAL I 62 47.25 27.10 -14.55
CA VAL I 62 46.06 26.82 -15.35
C VAL I 62 44.93 26.37 -14.43
N ILE I 63 43.71 26.65 -14.84
CA ILE I 63 42.54 26.32 -14.05
C ILE I 63 41.60 25.39 -14.81
N VAL I 64 41.08 24.39 -14.12
CA VAL I 64 40.06 23.50 -14.67
C VAL I 64 38.74 23.77 -13.95
N CYS I 65 37.78 24.30 -14.68
CA CYS I 65 36.46 24.50 -14.09
C CYS I 65 35.37 23.90 -14.97
N SER I 66 34.60 23.00 -14.36
CA SER I 66 33.44 22.41 -15.01
C SER I 66 32.31 23.43 -15.08
N THR I 67 31.69 23.54 -16.25
CA THR I 67 30.58 24.44 -16.49
C THR I 67 29.30 23.83 -15.93
N GLY I 68 29.20 22.51 -16.08
CA GLY I 68 27.96 21.82 -15.85
C GLY I 68 27.26 21.76 -17.20
N ILE I 69 26.06 21.18 -17.23
CA ILE I 69 25.29 21.10 -18.46
C ILE I 69 24.58 22.43 -18.73
N GLY I 70 24.68 22.92 -19.98
CA GLY I 70 23.91 24.08 -20.40
C GLY I 70 24.65 25.41 -20.50
N GLY I 71 24.21 26.23 -21.46
CA GLY I 71 24.76 27.57 -21.67
C GLY I 71 24.69 28.48 -20.46
N PRO I 72 23.52 28.55 -19.83
CA PRO I 72 23.36 29.34 -18.60
C PRO I 72 24.47 29.03 -17.60
N SER I 73 24.72 27.75 -17.35
CA SER I 73 25.83 27.34 -16.48
C SER I 73 27.13 27.89 -17.04
N THR I 74 27.27 27.78 -18.35
CA THR I 74 28.51 28.16 -19.05
C THR I 74 28.75 29.66 -19.05
N SER I 75 27.70 30.44 -19.26
CA SER I 75 27.83 31.89 -19.30
C SER I 75 28.34 32.39 -17.96
N ILE I 76 27.78 31.86 -16.88
CA ILE I 76 28.16 32.23 -15.52
C ILE I 76 29.61 31.88 -15.25
N ALA I 77 30.00 30.66 -15.57
CA ALA I 77 31.37 30.23 -15.34
C ALA I 77 32.34 31.09 -16.15
N VAL I 78 31.99 31.44 -17.38
CA VAL I 78 32.88 32.27 -18.20
C VAL I 78 33.08 33.66 -17.59
N GLU I 79 31.99 34.32 -17.22
CA GLU I 79 32.11 35.68 -16.66
C GLU I 79 32.83 35.70 -15.31
N GLU I 80 32.41 34.84 -14.38
CA GLU I 80 33.03 34.82 -13.06
C GLU I 80 34.52 34.43 -13.14
N LEU I 81 34.91 33.74 -14.21
CA LEU I 81 36.32 33.40 -14.44
C LEU I 81 37.04 34.52 -15.19
N ALA I 82 36.33 35.23 -16.04
CA ALA I 82 36.89 36.34 -16.82
C ALA I 82 37.18 37.55 -15.93
N GLN I 83 36.31 37.80 -14.97
CA GLN I 83 36.53 38.89 -14.05
C GLN I 83 37.83 38.65 -13.30
N LEU I 84 38.29 37.41 -13.33
CA LEU I 84 39.55 37.05 -12.68
C LEU I 84 40.73 37.06 -13.66
N GLY I 85 40.54 37.74 -14.79
CA GLY I 85 41.63 37.96 -15.72
C GLY I 85 41.90 36.86 -16.73
N ILE I 86 40.87 36.11 -17.11
CA ILE I 86 41.01 35.12 -18.17
C ILE I 86 40.54 35.73 -19.49
N ARG I 87 41.36 35.56 -20.53
CA ARG I 87 41.06 36.13 -21.84
C ARG I 87 40.92 35.08 -22.95
N THR I 88 41.16 33.82 -22.61
CA THR I 88 41.05 32.75 -23.60
C THR I 88 40.43 31.49 -22.99
N PHE I 89 39.37 30.99 -23.62
CA PHE I 89 38.65 29.84 -23.09
C PHE I 89 38.61 28.69 -24.09
N LEU I 90 39.02 27.51 -23.63
CA LEU I 90 38.98 26.32 -24.46
C LEU I 90 38.07 25.28 -23.82
N ARG I 91 37.07 24.83 -24.58
CA ARG I 91 36.04 23.94 -24.07
C ARG I 91 36.17 22.51 -24.62
N ILE I 92 35.87 21.53 -23.77
CA ILE I 92 35.98 20.11 -24.13
C ILE I 92 34.77 19.32 -23.60
N GLY I 93 34.06 18.65 -24.50
CA GLY I 93 32.86 17.93 -24.09
C GLY I 93 32.52 16.74 -24.97
N THR I 94 31.59 15.91 -24.49
CA THR I 94 31.03 14.81 -25.27
C THR I 94 29.96 15.35 -26.21
N THR I 95 29.66 14.59 -27.27
CA THR I 95 28.76 15.09 -28.31
C THR I 95 28.18 14.01 -29.24
N GLY I 96 27.20 14.40 -30.04
CA GLY I 96 26.59 13.48 -30.98
C GLY I 96 26.77 13.90 -32.44
N ALA I 97 27.40 13.02 -33.22
CA ALA I 97 27.60 13.28 -34.65
C ALA I 97 26.29 13.13 -35.41
N ILE I 98 26.19 13.76 -36.58
CA ILE I 98 24.96 13.71 -37.37
C ILE I 98 25.24 13.43 -38.84
N GLN I 99 26.52 13.43 -39.19
CA GLN I 99 26.93 13.03 -40.54
C GLN I 99 27.52 11.61 -40.49
N PRO I 100 27.32 10.84 -41.56
CA PRO I 100 27.53 9.38 -41.54
C PRO I 100 29.00 9.01 -41.42
N HIS I 101 29.82 9.81 -42.09
CA HIS I 101 31.25 9.60 -42.17
C HIS I 101 31.99 10.18 -40.97
N ILE I 102 31.37 10.08 -39.79
CA ILE I 102 31.98 10.44 -38.52
C ILE I 102 31.65 9.34 -37.50
N ASN I 103 32.68 8.67 -37.00
CA ASN I 103 32.47 7.51 -36.13
C ASN I 103 32.72 7.81 -34.65
N VAL I 104 31.95 7.16 -33.78
CA VAL I 104 32.16 7.28 -32.34
C VAL I 104 33.66 7.20 -32.10
N GLY I 105 34.23 8.23 -31.50
CA GLY I 105 35.66 8.27 -31.23
C GLY I 105 36.37 9.39 -31.97
N ASP I 106 35.74 9.88 -33.04
CA ASP I 106 36.30 10.97 -33.82
C ASP I 106 36.36 12.25 -33.00
N VAL I 107 37.35 13.08 -33.30
CA VAL I 107 37.47 14.39 -32.65
C VAL I 107 36.84 15.46 -33.52
N LEU I 108 36.19 16.43 -32.90
CA LEU I 108 35.51 17.49 -33.65
C LEU I 108 35.96 18.90 -33.23
N VAL I 109 36.20 19.72 -34.24
CA VAL I 109 36.59 21.11 -34.03
C VAL I 109 35.55 22.05 -34.64
N THR I 110 35.03 22.97 -33.83
CA THR I 110 34.00 23.90 -34.27
C THR I 110 34.55 25.24 -34.75
N THR I 111 34.13 25.65 -35.94
CA THR I 111 34.54 26.93 -36.51
C THR I 111 33.50 28.00 -36.17
N ALA I 112 32.27 27.55 -36.01
CA ALA I 112 31.16 28.43 -35.65
C ALA I 112 30.00 27.53 -35.28
N SER I 113 29.03 28.06 -34.56
CA SER I 113 27.89 27.25 -34.16
C SER I 113 26.57 27.80 -34.67
N VAL I 114 25.61 26.90 -34.86
CA VAL I 114 24.23 27.27 -35.14
C VAL I 114 23.57 27.60 -33.81
N ARG I 115 23.09 28.82 -33.69
CA ARG I 115 22.56 29.31 -32.42
C ARG I 115 21.15 28.82 -32.14
N LEU I 116 21.05 27.59 -31.65
CA LEU I 116 19.78 27.00 -31.25
C LEU I 116 19.62 27.07 -29.74
N ASP I 117 20.16 28.12 -29.14
CA ASP I 117 20.12 28.32 -27.70
C ASP I 117 19.54 29.68 -27.36
N GLY I 118 19.57 30.04 -26.08
CA GLY I 118 18.94 31.25 -25.61
C GLY I 118 19.92 32.24 -25.02
N ALA I 119 20.91 31.75 -24.27
CA ALA I 119 21.89 32.61 -23.62
C ALA I 119 22.66 33.46 -24.63
N SER I 120 22.99 32.83 -25.75
CA SER I 120 23.58 33.51 -26.89
C SER I 120 23.03 34.93 -27.10
N LEU I 121 21.70 35.08 -27.06
CA LEU I 121 21.00 36.32 -27.39
C LEU I 121 21.16 37.38 -26.30
N HIS I 122 21.66 36.93 -25.16
CA HIS I 122 21.84 37.82 -24.03
C HIS I 122 23.15 38.58 -24.21
N PHE I 123 23.91 38.23 -25.25
CA PHE I 123 25.17 38.90 -25.55
C PHE I 123 25.14 39.59 -26.91
N ALA I 124 24.48 38.97 -27.89
CA ALA I 124 24.36 39.56 -29.22
C ALA I 124 23.08 39.12 -29.92
N PRO I 125 22.55 39.99 -30.79
CA PRO I 125 21.37 39.65 -31.59
C PRO I 125 21.64 38.41 -32.46
N MET I 126 20.61 37.90 -33.12
CA MET I 126 20.72 36.64 -33.85
C MET I 126 21.53 36.80 -35.13
N GLU I 127 21.56 38.02 -35.66
CA GLU I 127 22.32 38.33 -36.87
C GLU I 127 23.83 38.17 -36.66
N PHE I 128 24.25 38.25 -35.41
CA PHE I 128 25.65 38.11 -35.05
C PHE I 128 26.09 36.65 -35.20
N PRO I 129 27.22 36.41 -35.89
CA PRO I 129 27.74 35.06 -36.09
C PRO I 129 28.38 34.49 -34.81
N ALA I 130 28.09 33.24 -34.50
CA ALA I 130 28.72 32.58 -33.35
C ALA I 130 30.04 31.94 -33.79
N VAL I 131 30.94 32.78 -34.29
CA VAL I 131 32.23 32.32 -34.83
C VAL I 131 33.32 32.30 -33.78
N ALA I 132 34.04 31.17 -33.72
CA ALA I 132 35.16 31.01 -32.79
C ALA I 132 36.36 31.87 -33.20
N ASP I 133 37.24 32.13 -32.23
CA ASP I 133 38.47 32.86 -32.51
C ASP I 133 39.43 32.02 -33.36
N PHE I 134 39.95 32.62 -34.41
CA PHE I 134 40.83 31.92 -35.35
C PHE I 134 42.06 31.27 -34.68
N ALA I 135 42.71 32.03 -33.79
CA ALA I 135 43.92 31.57 -33.13
C ALA I 135 43.69 30.30 -32.31
N CYS I 136 42.52 30.19 -31.71
CA CYS I 136 42.18 29.00 -30.91
C CYS I 136 41.89 27.81 -31.81
N THR I 137 41.14 28.03 -32.88
CA THR I 137 40.78 26.96 -33.79
C THR I 137 42.05 26.41 -34.44
N THR I 138 42.98 27.30 -34.74
CA THR I 138 44.24 26.88 -35.34
C THR I 138 45.04 26.00 -34.37
N ALA I 139 45.15 26.44 -33.12
CA ALA I 139 45.83 25.67 -32.10
C ALA I 139 45.14 24.35 -31.84
N LEU I 140 43.84 24.30 -32.13
CA LEU I 140 43.06 23.07 -31.96
C LEU I 140 43.40 22.06 -33.05
N VAL I 141 43.53 22.55 -34.29
CA VAL I 141 43.78 21.70 -35.44
C VAL I 141 45.19 21.12 -35.44
N GLU I 142 46.19 21.98 -35.23
CA GLU I 142 47.58 21.56 -35.21
C GLU I 142 47.81 20.47 -34.16
N ALA I 143 47.13 20.61 -33.03
CA ALA I 143 47.26 19.65 -31.92
C ALA I 143 46.74 18.27 -32.30
N ALA I 144 45.55 18.22 -32.89
CA ALA I 144 44.94 16.95 -33.30
C ALA I 144 45.72 16.29 -34.43
N LYS I 145 46.43 17.10 -35.20
CA LYS I 145 47.23 16.60 -36.31
C LYS I 145 48.50 15.93 -35.80
N SER I 146 49.02 16.44 -34.69
CA SER I 146 50.20 15.88 -34.07
C SER I 146 49.87 14.61 -33.29
N ILE I 147 48.69 14.58 -32.68
CA ILE I 147 48.23 13.41 -31.95
C ILE I 147 47.81 12.30 -32.92
N GLY I 148 47.44 12.71 -34.13
CA GLY I 148 47.05 11.77 -35.17
C GLY I 148 45.61 11.30 -35.06
N ALA I 149 44.84 11.94 -34.18
CA ALA I 149 43.45 11.56 -33.99
C ALA I 149 42.61 11.90 -35.21
N THR I 150 41.59 11.09 -35.46
CA THR I 150 40.66 11.34 -36.56
C THR I 150 39.81 12.56 -36.24
N THR I 151 40.19 13.70 -36.80
CA THR I 151 39.54 14.96 -36.49
C THR I 151 38.72 15.51 -37.65
N HIS I 152 37.79 16.41 -37.34
CA HIS I 152 36.95 17.06 -38.35
C HIS I 152 36.57 18.48 -37.94
N VAL I 153 36.64 19.39 -38.90
CA VAL I 153 36.35 20.80 -38.66
C VAL I 153 35.05 21.21 -39.35
N GLY I 154 34.34 22.16 -38.77
CA GLY I 154 33.11 22.65 -39.39
C GLY I 154 32.09 23.29 -38.46
N VAL I 155 30.95 23.63 -39.05
CA VAL I 155 29.83 24.21 -38.33
C VAL I 155 29.22 23.21 -37.38
N THR I 156 28.75 23.69 -36.24
CA THR I 156 28.20 22.85 -35.18
C THR I 156 26.81 23.33 -34.76
N ALA I 157 25.89 22.39 -34.55
CA ALA I 157 24.55 22.71 -34.07
C ALA I 157 24.53 22.79 -32.55
N SER I 158 24.27 23.97 -32.01
CA SER I 158 24.32 24.15 -30.56
C SER I 158 22.94 24.35 -29.94
N SER I 159 22.45 23.30 -29.27
CA SER I 159 21.07 23.21 -28.80
C SER I 159 20.93 23.49 -27.31
N ASP I 160 19.80 24.06 -26.92
CA ASP I 160 19.52 24.31 -25.51
C ASP I 160 18.93 23.11 -24.78
N THR I 161 18.53 22.08 -25.53
CA THR I 161 18.07 20.84 -24.91
C THR I 161 18.82 19.63 -25.49
N PHE I 162 18.66 18.50 -24.82
CA PHE I 162 19.31 17.26 -25.22
C PHE I 162 18.39 16.44 -26.12
N TYR I 163 17.12 16.43 -25.76
CA TYR I 163 16.13 15.61 -26.44
C TYR I 163 15.48 16.31 -27.63
N PRO I 164 14.44 17.15 -27.41
CA PRO I 164 13.72 17.69 -28.56
C PRO I 164 14.58 18.57 -29.48
N GLY I 165 15.49 19.36 -28.91
CA GLY I 165 16.34 20.23 -29.71
C GLY I 165 17.28 19.47 -30.65
N GLN I 166 17.61 18.24 -30.27
CA GLN I 166 18.45 17.38 -31.09
C GLN I 166 17.58 16.35 -31.80
N GLU I 167 16.27 16.58 -31.73
CA GLU I 167 15.29 15.74 -32.39
C GLU I 167 15.36 14.29 -31.90
N ARG I 168 15.17 14.13 -30.60
CA ARG I 168 15.04 12.84 -29.97
C ARG I 168 13.56 12.55 -29.77
N TYR I 169 13.11 11.45 -30.35
CA TYR I 169 11.72 11.04 -30.27
C TYR I 169 11.55 9.97 -29.19
N ASP I 170 12.63 9.26 -28.91
CA ASP I 170 12.59 8.24 -27.86
C ASP I 170 12.54 8.89 -26.50
N THR I 171 11.40 9.47 -26.18
CA THR I 171 11.25 10.24 -24.95
C THR I 171 9.88 10.00 -24.34
N TYR I 172 9.65 10.58 -23.18
CA TYR I 172 8.35 10.44 -22.51
C TYR I 172 7.19 10.91 -23.38
N SER I 173 7.36 12.05 -24.05
CA SER I 173 6.29 12.66 -24.84
C SER I 173 6.20 12.04 -26.23
N GLY I 174 7.36 11.71 -26.79
CA GLY I 174 7.44 11.11 -28.11
C GLY I 174 7.18 12.08 -29.24
N ARG I 175 6.89 13.33 -28.89
CA ARG I 175 6.68 14.38 -29.89
C ARG I 175 7.81 15.39 -29.84
N VAL I 176 7.93 16.17 -30.91
CA VAL I 176 8.91 17.24 -31.01
C VAL I 176 8.22 18.46 -31.60
N VAL I 177 8.49 19.63 -31.02
CA VAL I 177 7.85 20.88 -31.43
C VAL I 177 8.11 21.18 -32.91
N ARG I 178 7.18 21.89 -33.56
CA ARG I 178 7.27 22.15 -35.00
C ARG I 178 8.62 22.64 -35.50
N ARG I 179 9.17 23.64 -34.81
CA ARG I 179 10.45 24.23 -35.19
C ARG I 179 11.57 23.22 -35.44
N PHE I 180 11.67 22.20 -34.58
CA PHE I 180 12.77 21.23 -34.67
C PHE I 180 12.38 19.93 -35.35
N LYS I 181 11.14 19.86 -35.82
CA LYS I 181 10.66 18.68 -36.54
C LYS I 181 11.29 18.64 -37.93
N GLY I 182 12.05 17.59 -38.21
CA GLY I 182 12.76 17.46 -39.46
C GLY I 182 14.02 18.31 -39.51
N SER I 183 14.45 18.82 -38.36
CA SER I 183 15.54 19.78 -38.33
C SER I 183 16.92 19.17 -38.60
N MET I 184 17.13 17.94 -38.14
CA MET I 184 18.42 17.28 -38.29
C MET I 184 18.80 17.08 -39.76
N GLU I 185 17.86 16.57 -40.55
CA GLU I 185 18.13 16.38 -41.96
C GLU I 185 18.45 17.70 -42.66
N GLU I 186 17.80 18.77 -42.22
CA GLU I 186 18.09 20.08 -42.80
C GLU I 186 19.52 20.51 -42.47
N TRP I 187 19.93 20.35 -41.22
CA TRP I 187 21.33 20.63 -40.88
C TRP I 187 22.30 19.77 -41.70
N GLN I 188 21.95 18.50 -41.93
CA GLN I 188 22.83 17.60 -42.67
C GLN I 188 23.09 18.09 -44.09
N ALA I 189 22.04 18.58 -44.74
CA ALA I 189 22.15 19.08 -46.12
C ALA I 189 22.91 20.41 -46.17
N MET I 190 23.10 21.03 -45.01
CA MET I 190 23.81 22.30 -44.93
C MET I 190 25.28 22.13 -44.55
N GLY I 191 25.65 20.95 -44.07
CA GLY I 191 27.03 20.69 -43.69
C GLY I 191 27.29 20.58 -42.19
N VAL I 192 26.31 20.92 -41.37
CA VAL I 192 26.45 20.80 -39.92
C VAL I 192 26.92 19.39 -39.54
N MET I 193 27.78 19.28 -38.55
CA MET I 193 28.35 17.98 -38.23
C MET I 193 28.03 17.36 -36.87
N ASN I 194 27.55 18.14 -35.92
CA ASN I 194 27.25 17.55 -34.61
C ASN I 194 26.30 18.31 -33.69
N TYR I 195 25.90 17.66 -32.61
CA TYR I 195 25.03 18.24 -31.58
C TYR I 195 25.76 18.34 -30.22
N GLU I 196 25.66 19.52 -29.61
CA GLU I 196 26.09 19.73 -28.23
C GLU I 196 25.29 20.91 -27.67
N MET I 197 25.60 21.34 -26.45
CA MET I 197 24.70 22.25 -25.76
C MET I 197 25.32 23.54 -25.20
N GLU I 198 26.63 23.69 -25.31
CA GLU I 198 27.33 24.82 -24.67
C GLU I 198 28.06 25.74 -25.65
N SER I 199 28.35 25.24 -26.84
CA SER I 199 29.11 25.98 -27.84
C SER I 199 28.58 27.39 -28.09
N ALA I 200 27.36 27.48 -28.62
CA ALA I 200 26.78 28.74 -29.06
C ALA I 200 26.88 29.82 -28.00
N THR I 201 26.57 29.47 -26.76
CA THR I 201 26.62 30.42 -25.66
C THR I 201 28.06 30.90 -25.47
N LEU I 202 28.99 29.96 -25.42
CA LEU I 202 30.39 30.29 -25.18
C LEU I 202 31.02 31.06 -26.32
N LEU I 203 30.84 30.57 -27.54
CA LEU I 203 31.42 31.20 -28.72
C LEU I 203 30.90 32.63 -28.96
N THR I 204 29.64 32.87 -28.60
CA THR I 204 29.04 34.18 -28.85
C THR I 204 29.46 35.22 -27.80
N MET I 205 29.40 34.84 -26.54
CA MET I 205 29.72 35.77 -25.46
C MET I 205 31.20 36.12 -25.44
N CYS I 206 32.01 35.35 -26.15
CA CYS I 206 33.45 35.65 -26.22
C CYS I 206 33.78 36.49 -27.45
N ALA I 207 33.08 36.24 -28.56
CA ALA I 207 33.39 36.90 -29.82
C ALA I 207 32.88 38.33 -29.86
N SER I 208 31.96 38.64 -28.95
CA SER I 208 31.32 39.95 -28.92
C SER I 208 31.77 40.73 -27.70
N GLN I 209 32.79 40.22 -27.02
CA GLN I 209 33.32 40.87 -25.83
C GLN I 209 34.84 40.79 -25.77
N GLY I 210 35.46 40.46 -26.90
CA GLY I 210 36.89 40.50 -27.03
C GLY I 210 37.67 39.38 -26.37
N LEU I 211 37.00 38.29 -26.04
CA LEU I 211 37.72 37.13 -25.52
C LEU I 211 37.86 36.06 -26.58
N ARG I 212 38.97 35.32 -26.52
CA ARG I 212 39.23 34.24 -27.47
C ARG I 212 38.64 32.93 -26.97
N ALA I 213 38.08 32.15 -27.88
CA ALA I 213 37.43 30.88 -27.54
C ALA I 213 37.65 29.80 -28.60
N GLY I 214 37.67 28.54 -28.16
CA GLY I 214 37.83 27.42 -29.07
C GLY I 214 36.97 26.26 -28.63
N MET I 215 36.62 25.38 -29.56
CA MET I 215 35.72 24.27 -29.23
C MET I 215 36.23 22.91 -29.74
N VAL I 216 36.25 21.93 -28.85
CA VAL I 216 36.56 20.54 -29.20
C VAL I 216 35.70 19.55 -28.40
N ALA I 217 35.32 18.46 -29.04
CA ALA I 217 34.45 17.46 -28.41
C ALA I 217 34.67 16.05 -28.95
N GLY I 218 34.49 15.06 -28.08
CA GLY I 218 34.68 13.66 -28.47
C GLY I 218 33.37 12.95 -28.76
N VAL I 219 33.26 12.40 -29.98
CA VAL I 219 32.05 11.70 -30.40
C VAL I 219 31.79 10.47 -29.53
N ILE I 220 30.58 10.38 -28.98
CA ILE I 220 30.21 9.21 -28.19
C ILE I 220 28.97 8.52 -28.73
N VAL I 221 28.48 9.01 -29.87
CA VAL I 221 27.33 8.39 -30.50
C VAL I 221 27.16 8.96 -31.91
N ASN I 222 26.54 8.19 -32.78
CA ASN I 222 26.22 8.70 -34.11
C ASN I 222 24.72 8.64 -34.35
N ARG I 223 24.14 9.80 -34.64
CA ARG I 223 22.69 9.93 -34.73
C ARG I 223 22.10 9.15 -35.90
N THR I 224 22.91 8.89 -36.92
CA THR I 224 22.45 8.11 -38.07
C THR I 224 22.21 6.65 -37.68
N GLN I 225 22.83 6.23 -36.57
CA GLN I 225 22.60 4.91 -36.00
C GLN I 225 21.53 4.98 -34.92
N GLN I 226 21.89 5.56 -33.78
CA GLN I 226 20.98 5.67 -32.65
C GLN I 226 21.06 7.06 -32.01
N GLU I 227 20.13 7.34 -31.11
CA GLU I 227 20.14 8.62 -30.40
C GLU I 227 20.70 8.51 -28.98
N ILE I 228 20.39 7.42 -28.27
CA ILE I 228 20.94 7.21 -26.94
C ILE I 228 22.25 6.43 -27.04
N PRO I 229 23.35 7.03 -26.55
CA PRO I 229 24.69 6.45 -26.66
C PRO I 229 24.91 5.26 -25.71
N ASN I 230 25.92 4.43 -26.01
CA ASN I 230 26.27 3.33 -25.14
C ASN I 230 27.14 3.78 -23.97
N SER I 239 38.76 9.05 -25.92
CA SER I 239 39.77 9.21 -24.88
C SER I 239 40.87 10.17 -25.31
N HIS I 240 41.00 10.34 -26.63
CA HIS I 240 42.06 11.17 -27.19
C HIS I 240 41.69 12.65 -27.15
N ALA I 241 40.39 12.93 -27.04
CA ALA I 241 39.91 14.30 -27.04
C ALA I 241 40.45 15.09 -25.85
N VAL I 242 40.59 14.42 -24.71
CA VAL I 242 41.12 15.08 -23.52
C VAL I 242 42.56 15.52 -23.74
N LYS I 243 43.31 14.71 -24.49
CA LYS I 243 44.71 14.98 -24.80
C LYS I 243 44.86 16.19 -25.71
N ILE I 244 43.89 16.36 -26.61
CA ILE I 244 43.94 17.44 -27.57
C ILE I 244 43.81 18.80 -26.89
N VAL I 245 42.93 18.86 -25.89
CA VAL I 245 42.61 20.14 -25.25
C VAL I 245 43.70 20.61 -24.29
N VAL I 246 44.54 19.68 -23.83
CA VAL I 246 45.67 20.03 -22.97
C VAL I 246 46.86 20.45 -23.85
N GLU I 247 46.89 19.90 -25.06
CA GLU I 247 47.93 20.24 -26.03
C GLU I 247 47.65 21.60 -26.64
N ALA I 248 46.38 21.87 -26.90
CA ALA I 248 45.98 23.14 -27.50
C ALA I 248 46.20 24.26 -26.50
N ALA I 249 45.95 23.96 -25.23
CA ALA I 249 46.12 24.94 -24.17
C ALA I 249 47.61 25.23 -23.95
N ARG I 250 48.43 24.23 -24.22
CA ARG I 250 49.88 24.37 -24.09
C ARG I 250 50.42 25.31 -25.16
N ARG I 251 49.81 25.26 -26.35
CA ARG I 251 50.23 26.07 -27.48
C ARG I 251 49.67 27.49 -27.41
N LEU I 252 48.71 27.69 -26.51
CA LEU I 252 48.05 28.99 -26.40
C LEU I 252 48.43 29.74 -25.12
N LEU I 253 49.42 29.22 -24.40
CA LEU I 253 49.91 29.91 -23.21
C LEU I 253 50.62 31.19 -23.59
N1 URF J . -9.59 -27.98 -14.55
C2 URF J . -9.60 -27.95 -13.11
N3 URF J . -10.38 -28.89 -12.39
C4 URF J . -11.15 -29.84 -13.07
C5 URF J . -11.14 -29.86 -14.56
C6 URF J . -10.39 -28.96 -15.27
O2 URF J . -8.93 -27.12 -12.51
O4 URF J . -11.83 -30.65 -12.45
F5 URF J . -11.87 -30.75 -15.21
C1 GOL K . -7.03 -25.43 -15.06
O1 GOL K . -7.71 -24.23 -14.76
C2 GOL K . -7.65 -26.11 -16.28
O2 GOL K . -7.98 -25.18 -17.31
C3 GOL K . -6.63 -27.13 -16.79
O3 GOL K . -6.38 -28.03 -15.74
K K L . 2.85 -23.24 -15.71
N1 URF M . -30.18 -9.31 20.49
C2 URF M . -29.29 -10.26 19.89
N3 URF M . -29.52 -11.65 20.07
C4 URF M . -30.63 -12.07 20.81
C5 URF M . -31.54 -11.10 21.42
C6 URF M . -31.33 -9.74 21.27
O2 URF M . -28.34 -9.88 19.24
O4 URF M . -30.83 -13.25 20.96
F5 URF M . -32.57 -11.54 22.13
C1 GOL N . -30.45 -5.48 18.91
O1 GOL N . -30.95 -6.41 17.98
C2 GOL N . -30.12 -6.21 20.20
O2 GOL N . -31.10 -5.98 21.19
C3 GOL N . -28.74 -5.85 20.72
O3 GOL N . -27.77 -6.36 19.84
K K O . -28.86 0.51 11.56
N1 URF P . -22.25 6.97 2.35
C2 URF P . -20.94 6.43 2.56
N3 URF P . -19.80 7.19 2.20
C4 URF P . -19.95 8.47 1.64
C5 URF P . -21.31 9.01 1.41
C6 URF P . -22.42 8.28 1.76
O2 URF P . -20.80 5.32 3.04
O4 URF P . -18.96 9.12 1.32
F5 URF P . -21.48 10.22 0.89
C1 GOL Q . -25.23 6.48 3.34
O1 GOL Q . -24.80 7.43 4.30
C2 GOL Q . -25.31 5.10 3.99
O2 GOL Q . -26.53 4.46 3.65
C3 GOL Q . -24.09 4.23 3.69
O3 GOL Q . -24.04 3.84 2.33
N1 URF R . 8.71 -5.87 31.86
C2 URF R . 8.44 -5.72 30.45
N3 URF R . 8.78 -4.52 29.78
C4 URF R . 9.36 -3.45 30.49
C5 URF R . 9.63 -3.61 31.94
C6 URF R . 9.31 -4.78 32.59
O2 URF R . 7.94 -6.63 29.80
O4 URF R . 9.65 -2.42 29.90
F5 URF R . 10.17 -2.61 32.59
K K S . 10.12 -19.05 31.54
N1 URF T . 8.30 -31.25 26.40
C2 URF T . 7.07 -30.85 25.76
N3 URF T . 6.08 -31.81 25.53
C4 URF T . 6.26 -33.15 25.90
C5 URF T . 7.53 -33.55 26.56
C6 URF T . 8.51 -32.62 26.80
O2 URF T . 6.90 -29.69 25.43
O4 URF T . 5.38 -33.97 25.67
F5 URF T . 7.70 -34.81 26.91
C1 EDO U . -4.80 -18.24 16.02
O1 EDO U . -3.66 -18.95 15.51
C2 EDO U . -6.02 -19.14 15.96
O2 EDO U . -7.08 -18.52 16.69
C1 GOL V . 9.59 -28.42 29.23
O1 GOL V . 8.74 -29.37 29.84
C2 GOL V . 9.78 -28.74 27.75
O2 GOL V . 10.96 -29.49 27.57
C3 GOL V . 9.84 -27.46 26.92
O3 GOL V . 10.22 -27.77 25.59
N1 URF W . 13.48 -16.38 -11.27
C2 URF W . 12.78 -15.54 -10.35
N3 URF W . 13.28 -14.24 -10.09
C4 URF W . 14.44 -13.79 -10.72
C5 URF W . 15.15 -14.68 -11.67
C6 URF W . 14.68 -15.93 -11.93
O2 URF W . 11.77 -15.93 -9.80
O4 URF W . 14.87 -12.67 -10.51
F5 URF W . 16.25 -14.26 -12.28
C1 GOL X . 11.29 -19.17 -13.22
O1 GOL X . 11.11 -17.77 -13.25
C2 GOL X . 12.31 -19.57 -12.14
O2 GOL X . 13.58 -19.09 -12.49
C3 GOL X . 11.93 -19.01 -10.77
O3 GOL X . 10.86 -19.72 -10.21
N1 URF Y . 19.42 33.48 -8.90
C2 URF Y . 19.24 34.27 -10.08
N3 URF Y . 19.20 35.69 -9.98
C4 URF Y . 19.35 36.31 -8.74
C5 URF Y . 19.54 35.49 -7.52
C6 URF Y . 19.57 34.12 -7.62
O2 URF Y . 19.12 33.72 -11.16
O4 URF Y . 19.32 37.54 -8.66
F5 URF Y . 19.69 36.07 -6.33
N1 URF Z . 25.30 15.51 -25.58
C2 URF Z . 24.24 16.00 -26.42
N3 URF Z . 23.74 15.17 -27.46
C4 URF Z . 24.27 13.89 -27.67
C5 URF Z . 25.36 13.40 -26.80
C6 URF Z . 25.85 14.19 -25.78
O2 URF Z . 23.78 17.11 -26.24
O4 URF Z . 23.83 13.18 -28.57
F5 URF Z . 25.87 12.18 -26.99
#